data_2RPB
#
_entry.id   2RPB
#
_entity_poly.entity_id   1
_entity_poly.type   'polypeptide(L)'
_entity_poly.pdbx_seq_one_letter_code
;GSDHVDLREHVIDVPPQEVICKDNVVVTVDAVVYYQVIDPVKAVYNVSDFLMAIVKLAQTNLRAIIGEMELDETLSGRDI
INARLREELDKITDRWGVKITRVEIQRIDPPKD
;
_entity_poly.pdbx_strand_id   A
#
# COMPACT_ATOMS: atom_id res chain seq x y z
N GLY A 1 0.32 -23.59 21.12
CA GLY A 1 -0.56 -22.94 20.17
C GLY A 1 -0.94 -21.54 20.59
N SER A 2 -2.22 -21.20 20.43
CA SER A 2 -2.70 -19.87 20.79
C SER A 2 -4.23 -19.88 20.93
N ASP A 3 -4.71 -19.52 22.11
CA ASP A 3 -6.15 -19.48 22.37
C ASP A 3 -6.88 -18.70 21.29
N HIS A 4 -6.43 -17.47 21.05
CA HIS A 4 -7.04 -16.62 20.03
C HIS A 4 -6.64 -17.07 18.64
N VAL A 5 -7.63 -17.44 17.82
CA VAL A 5 -7.37 -17.90 16.46
C VAL A 5 -8.10 -17.01 15.45
N ASP A 6 -8.09 -15.71 15.69
CA ASP A 6 -8.76 -14.77 14.81
C ASP A 6 -7.74 -14.03 13.94
N LEU A 7 -7.83 -14.24 12.63
CA LEU A 7 -6.91 -13.59 11.69
C LEU A 7 -7.45 -12.23 11.26
N ARG A 8 -7.99 -11.48 12.21
CA ARG A 8 -8.53 -10.16 11.93
C ARG A 8 -7.49 -9.27 11.26
N GLU A 9 -7.86 -8.66 10.14
CA GLU A 9 -6.96 -7.79 9.40
C GLU A 9 -7.42 -6.33 9.48
N HIS A 10 -6.48 -5.41 9.30
CA HIS A 10 -6.78 -3.99 9.36
C HIS A 10 -6.35 -3.29 8.07
N VAL A 11 -7.03 -2.20 7.73
CA VAL A 11 -6.72 -1.45 6.53
C VAL A 11 -5.90 -0.21 6.85
N ILE A 12 -5.01 0.16 5.94
CA ILE A 12 -4.16 1.33 6.13
C ILE A 12 -4.61 2.49 5.24
N ASP A 13 -4.69 3.68 5.83
CA ASP A 13 -5.11 4.86 5.10
C ASP A 13 -3.90 5.64 4.59
N VAL A 14 -3.73 5.64 3.27
CA VAL A 14 -2.60 6.35 2.64
C VAL A 14 -3.10 7.46 1.73
N PRO A 15 -2.56 8.68 1.94
CA PRO A 15 -2.93 9.85 1.14
C PRO A 15 -2.42 9.76 -0.29
N PRO A 16 -3.12 10.42 -1.22
CA PRO A 16 -2.77 10.43 -2.64
C PRO A 16 -1.49 11.23 -2.91
N GLN A 17 -0.91 11.03 -4.09
CA GLN A 17 0.32 11.72 -4.46
C GLN A 17 0.33 12.04 -5.95
N GLU A 18 0.44 13.32 -6.28
CA GLU A 18 0.45 13.75 -7.68
C GLU A 18 1.78 13.40 -8.34
N VAL A 19 1.76 12.40 -9.20
CA VAL A 19 2.96 11.96 -9.90
C VAL A 19 2.77 12.01 -11.42
N ILE A 20 3.79 12.50 -12.11
CA ILE A 20 3.72 12.61 -13.56
C ILE A 20 3.82 11.24 -14.22
N CYS A 21 2.70 10.75 -14.75
CA CYS A 21 2.66 9.45 -15.40
C CYS A 21 3.75 9.33 -16.46
N LYS A 22 3.75 8.22 -17.18
CA LYS A 22 4.75 7.99 -18.22
C LYS A 22 4.56 8.97 -19.39
N ASP A 23 3.31 9.15 -19.79
CA ASP A 23 3.00 10.06 -20.90
C ASP A 23 2.87 11.49 -20.40
N ASN A 24 3.69 11.85 -19.41
CA ASN A 24 3.67 13.18 -18.84
C ASN A 24 2.25 13.62 -18.53
N VAL A 25 1.51 12.76 -17.83
CA VAL A 25 0.14 13.06 -17.45
C VAL A 25 0.00 13.21 -15.95
N VAL A 26 -0.33 14.43 -15.51
CA VAL A 26 -0.50 14.70 -14.09
C VAL A 26 -1.83 14.16 -13.58
N VAL A 27 -1.74 13.22 -12.64
CA VAL A 27 -2.94 12.61 -12.07
C VAL A 27 -2.76 12.34 -10.58
N THR A 28 -3.86 12.06 -9.89
CA THR A 28 -3.81 11.78 -8.46
C THR A 28 -4.17 10.31 -8.17
N VAL A 29 -3.19 9.56 -7.68
CA VAL A 29 -3.40 8.16 -7.36
C VAL A 29 -3.71 7.97 -5.89
N ASP A 30 -4.32 6.83 -5.55
CA ASP A 30 -4.67 6.52 -4.17
C ASP A 30 -5.17 5.08 -4.04
N ALA A 31 -4.72 4.40 -2.99
CA ALA A 31 -5.11 3.02 -2.76
C ALA A 31 -5.03 2.68 -1.27
N VAL A 32 -5.45 1.46 -0.93
CA VAL A 32 -5.43 1.01 0.45
C VAL A 32 -4.57 -0.24 0.61
N VAL A 33 -4.13 -0.51 1.83
CA VAL A 33 -3.31 -1.68 2.11
C VAL A 33 -3.79 -2.40 3.37
N TYR A 34 -3.86 -3.73 3.29
CA TYR A 34 -4.31 -4.54 4.41
C TYR A 34 -3.12 -5.17 5.14
N TYR A 35 -3.34 -5.55 6.39
CA TYR A 35 -2.29 -6.16 7.19
C TYR A 35 -2.87 -6.83 8.44
N GLN A 36 -2.08 -7.69 9.07
CA GLN A 36 -2.51 -8.39 10.27
C GLN A 36 -1.33 -8.77 11.14
N VAL A 37 -1.42 -8.48 12.44
CA VAL A 37 -0.36 -8.80 13.38
C VAL A 37 -0.28 -10.30 13.63
N ILE A 38 0.61 -10.98 12.90
CA ILE A 38 0.78 -12.42 13.06
C ILE A 38 1.68 -12.74 14.25
N ASP A 39 2.59 -11.82 14.55
CA ASP A 39 3.52 -12.00 15.66
C ASP A 39 3.43 -10.84 16.63
N PRO A 40 2.68 -11.02 17.73
CA PRO A 40 2.50 -10.00 18.76
C PRO A 40 3.78 -9.76 19.56
N VAL A 41 4.49 -10.84 19.88
CA VAL A 41 5.72 -10.74 20.64
C VAL A 41 6.74 -9.85 19.94
N LYS A 42 6.53 -9.62 18.64
CA LYS A 42 7.42 -8.79 17.85
C LYS A 42 6.78 -7.44 17.55
N ALA A 43 5.48 -7.45 17.33
CA ALA A 43 4.74 -6.22 17.04
C ALA A 43 4.19 -5.60 18.31
N VAL A 44 4.99 -5.59 19.37
CA VAL A 44 4.57 -5.03 20.64
C VAL A 44 4.67 -3.50 20.62
N TYR A 45 4.96 -2.95 19.45
CA TYR A 45 5.07 -1.50 19.29
C TYR A 45 3.71 -0.87 19.03
N ASN A 46 2.67 -1.48 19.59
CA ASN A 46 1.30 -0.97 19.42
C ASN A 46 1.02 -0.67 17.96
N VAL A 47 1.47 -1.55 17.07
CA VAL A 47 1.26 -1.38 15.63
C VAL A 47 1.13 0.10 15.28
N SER A 48 1.99 0.92 15.86
CA SER A 48 1.97 2.37 15.60
C SER A 48 2.99 2.74 14.52
N ASP A 49 4.23 2.34 14.73
CA ASP A 49 5.30 2.63 13.77
C ASP A 49 4.95 2.09 12.40
N PHE A 50 4.37 0.90 12.35
CA PHE A 50 3.99 0.26 11.10
C PHE A 50 2.97 1.12 10.36
N LEU A 51 2.05 1.73 11.10
CA LEU A 51 1.02 2.56 10.52
C LEU A 51 1.63 3.76 9.79
N MET A 52 2.28 4.64 10.53
CA MET A 52 2.91 5.81 9.96
C MET A 52 3.98 5.42 8.95
N ALA A 53 4.69 4.34 9.24
CA ALA A 53 5.74 3.86 8.36
C ALA A 53 5.18 3.41 7.02
N ILE A 54 4.29 2.42 7.06
CA ILE A 54 3.67 1.91 5.84
C ILE A 54 3.28 3.05 4.89
N VAL A 55 2.37 3.88 5.34
CA VAL A 55 1.91 5.02 4.53
C VAL A 55 3.08 5.73 3.89
N LYS A 56 4.06 6.12 4.70
CA LYS A 56 5.24 6.82 4.22
C LYS A 56 5.94 6.01 3.14
N LEU A 57 6.10 4.71 3.38
CA LEU A 57 6.75 3.82 2.42
C LEU A 57 5.99 3.78 1.11
N ALA A 58 4.73 3.33 1.17
CA ALA A 58 3.89 3.25 -0.01
C ALA A 58 4.13 4.43 -0.94
N GLN A 59 4.28 5.61 -0.36
CA GLN A 59 4.52 6.82 -1.14
C GLN A 59 5.76 6.67 -2.02
N THR A 60 6.84 6.17 -1.43
CA THR A 60 8.09 5.98 -2.16
C THR A 60 7.97 4.83 -3.17
N ASN A 61 7.51 3.68 -2.69
CA ASN A 61 7.35 2.51 -3.55
C ASN A 61 6.45 2.84 -4.74
N LEU A 62 5.20 3.21 -4.45
CA LEU A 62 4.25 3.55 -5.49
C LEU A 62 4.85 4.54 -6.48
N ARG A 63 5.56 5.52 -5.97
CA ARG A 63 6.19 6.53 -6.82
C ARG A 63 6.99 5.89 -7.93
N ALA A 64 7.62 4.76 -7.63
CA ALA A 64 8.41 4.03 -8.61
C ALA A 64 7.55 3.50 -9.74
N ILE A 65 6.56 2.68 -9.39
CA ILE A 65 5.66 2.11 -10.38
C ILE A 65 4.67 3.14 -10.89
N ILE A 66 3.87 3.70 -9.98
CA ILE A 66 2.89 4.71 -10.34
C ILE A 66 3.50 5.79 -11.23
N GLY A 67 4.72 6.19 -10.90
CA GLY A 67 5.40 7.21 -11.68
C GLY A 67 5.37 6.92 -13.17
N GLU A 68 5.38 5.64 -13.52
CA GLU A 68 5.34 5.24 -14.93
C GLU A 68 4.11 4.38 -15.22
N MET A 69 3.21 4.90 -16.04
CA MET A 69 1.98 4.19 -16.40
C MET A 69 1.22 4.93 -17.49
N GLU A 70 0.05 4.40 -17.85
CA GLU A 70 -0.78 5.03 -18.88
C GLU A 70 -2.16 5.36 -18.32
N LEU A 71 -2.61 6.59 -18.56
CA LEU A 71 -3.91 7.04 -18.09
C LEU A 71 -4.93 5.89 -18.15
N ASP A 72 -4.76 5.01 -19.12
CA ASP A 72 -5.66 3.87 -19.27
C ASP A 72 -5.10 2.64 -18.57
N GLU A 73 -3.89 2.24 -18.95
CA GLU A 73 -3.25 1.07 -18.36
C GLU A 73 -3.30 1.15 -16.83
N THR A 74 -3.55 2.34 -16.30
CA THR A 74 -3.62 2.54 -14.86
C THR A 74 -4.78 1.77 -14.26
N LEU A 75 -5.98 2.00 -14.79
CA LEU A 75 -7.17 1.31 -14.29
C LEU A 75 -7.13 -0.17 -14.65
N SER A 76 -6.62 -0.48 -15.84
CA SER A 76 -6.53 -1.86 -16.30
C SER A 76 -5.58 -2.67 -15.42
N GLY A 77 -4.38 -2.13 -15.21
CA GLY A 77 -3.40 -2.80 -14.39
C GLY A 77 -3.59 -2.52 -12.91
N ARG A 78 -4.65 -3.08 -12.32
CA ARG A 78 -4.93 -2.88 -10.91
C ARG A 78 -4.29 -3.97 -10.06
N ASP A 79 -4.21 -5.17 -10.62
CA ASP A 79 -3.61 -6.30 -9.91
C ASP A 79 -2.11 -6.13 -9.79
N ILE A 80 -1.47 -5.62 -10.83
CA ILE A 80 -0.03 -5.41 -10.84
C ILE A 80 0.37 -4.41 -9.75
N ILE A 81 -0.32 -3.28 -9.71
CA ILE A 81 -0.03 -2.25 -8.73
C ILE A 81 -0.14 -2.80 -7.30
N ASN A 82 -1.25 -3.48 -7.03
CA ASN A 82 -1.48 -4.07 -5.71
C ASN A 82 -0.35 -5.02 -5.34
N ALA A 83 -0.05 -5.96 -6.22
CA ALA A 83 1.01 -6.93 -5.98
C ALA A 83 2.31 -6.24 -5.58
N ARG A 84 2.91 -5.52 -6.52
CA ARG A 84 4.15 -4.81 -6.27
C ARG A 84 4.19 -4.28 -4.84
N LEU A 85 3.36 -3.28 -4.56
CA LEU A 85 3.30 -2.68 -3.24
C LEU A 85 3.22 -3.75 -2.16
N ARG A 86 2.22 -4.61 -2.25
CA ARG A 86 2.04 -5.68 -1.28
C ARG A 86 3.38 -6.32 -0.92
N GLU A 87 4.20 -6.58 -1.94
CA GLU A 87 5.50 -7.19 -1.72
C GLU A 87 6.47 -6.19 -1.10
N GLU A 88 6.64 -5.04 -1.75
CA GLU A 88 7.54 -4.00 -1.26
C GLU A 88 7.32 -3.75 0.23
N LEU A 89 6.05 -3.78 0.65
CA LEU A 89 5.70 -3.55 2.04
C LEU A 89 5.75 -4.85 2.84
N ASP A 90 5.27 -5.93 2.22
CA ASP A 90 5.27 -7.23 2.88
C ASP A 90 6.68 -7.64 3.27
N LYS A 91 7.68 -7.08 2.60
CA LYS A 91 9.07 -7.38 2.89
C LYS A 91 9.60 -6.51 4.04
N ILE A 92 9.01 -5.33 4.19
CA ILE A 92 9.42 -4.41 5.24
C ILE A 92 8.59 -4.62 6.51
N THR A 93 7.53 -5.42 6.38
CA THR A 93 6.66 -5.71 7.51
C THR A 93 7.04 -7.01 8.20
N ASP A 94 7.33 -8.03 7.38
CA ASP A 94 7.72 -9.33 7.90
C ASP A 94 8.62 -9.19 9.12
N ARG A 95 9.44 -8.15 9.12
CA ARG A 95 10.35 -7.90 10.23
C ARG A 95 9.58 -7.46 11.48
N TRP A 96 8.59 -6.62 11.28
CA TRP A 96 7.77 -6.12 12.38
C TRP A 96 6.67 -7.10 12.74
N GLY A 97 6.92 -8.39 12.48
CA GLY A 97 5.93 -9.40 12.77
C GLY A 97 4.59 -9.11 12.16
N VAL A 98 4.60 -8.54 10.95
CA VAL A 98 3.37 -8.20 10.26
C VAL A 98 3.48 -8.50 8.76
N LYS A 99 2.37 -8.94 8.17
CA LYS A 99 2.35 -9.27 6.75
C LYS A 99 1.13 -8.63 6.07
N ILE A 100 1.30 -8.25 4.82
CA ILE A 100 0.22 -7.63 4.05
C ILE A 100 -0.82 -8.67 3.64
N THR A 101 -1.84 -8.84 4.49
CA THR A 101 -2.90 -9.80 4.23
C THR A 101 -3.40 -9.68 2.79
N ARG A 102 -3.61 -8.45 2.34
CA ARG A 102 -4.08 -8.20 0.98
C ARG A 102 -3.86 -6.75 0.58
N VAL A 103 -4.17 -6.42 -0.67
CA VAL A 103 -4.00 -5.07 -1.17
C VAL A 103 -5.15 -4.67 -2.09
N GLU A 104 -5.63 -3.44 -1.94
CA GLU A 104 -6.73 -2.94 -2.75
C GLU A 104 -6.42 -1.55 -3.31
N ILE A 105 -6.90 -1.29 -4.52
CA ILE A 105 -6.67 0.00 -5.16
C ILE A 105 -7.95 0.81 -5.25
N GLN A 106 -7.84 2.12 -5.07
CA GLN A 106 -8.99 3.01 -5.12
C GLN A 106 -9.08 3.69 -6.48
N ARG A 107 -10.27 4.20 -6.81
CA ARG A 107 -10.49 4.87 -8.08
C ARG A 107 -9.38 5.88 -8.36
N ILE A 108 -9.07 6.06 -9.64
CA ILE A 108 -8.02 7.00 -10.05
C ILE A 108 -8.61 8.29 -10.60
N ASP A 109 -7.84 9.36 -10.57
CA ASP A 109 -8.28 10.65 -11.07
C ASP A 109 -7.54 11.03 -12.35
N PRO A 110 -8.28 11.18 -13.45
CA PRO A 110 -7.71 11.54 -14.75
C PRO A 110 -7.20 12.97 -14.78
N PRO A 111 -6.48 13.31 -15.86
CA PRO A 111 -5.92 14.66 -16.03
C PRO A 111 -6.99 15.71 -16.30
N LYS A 112 -6.90 16.83 -15.60
CA LYS A 112 -7.87 17.92 -15.75
C LYS A 112 -7.70 18.60 -17.10
N ASP A 113 -8.71 19.38 -17.49
CA ASP A 113 -8.66 20.10 -18.77
C ASP A 113 -8.15 21.52 -18.57
N GLY A 1 -0.59 -13.72 27.18
CA GLY A 1 -1.26 -14.93 26.72
C GLY A 1 -2.76 -14.82 26.76
N SER A 2 -3.34 -14.30 25.68
CA SER A 2 -4.78 -14.13 25.59
C SER A 2 -5.45 -15.45 25.21
N ASP A 3 -6.79 -15.43 25.13
CA ASP A 3 -7.54 -16.62 24.77
C ASP A 3 -8.12 -16.48 23.35
N HIS A 4 -8.94 -15.47 23.14
CA HIS A 4 -9.56 -15.23 21.85
C HIS A 4 -8.55 -14.63 20.87
N VAL A 5 -8.21 -15.37 19.82
CA VAL A 5 -7.26 -14.91 18.82
C VAL A 5 -7.88 -14.89 17.44
N ASP A 6 -7.93 -13.71 16.82
CA ASP A 6 -8.51 -13.56 15.49
C ASP A 6 -7.50 -12.92 14.54
N LEU A 7 -7.54 -13.34 13.28
CA LEU A 7 -6.63 -12.81 12.27
C LEU A 7 -7.29 -11.69 11.48
N ARG A 8 -8.10 -10.89 12.17
CA ARG A 8 -8.80 -9.77 11.53
C ARG A 8 -7.81 -8.88 10.78
N GLU A 9 -8.06 -8.70 9.49
CA GLU A 9 -7.20 -7.86 8.66
C GLU A 9 -7.32 -6.39 9.05
N HIS A 10 -6.29 -5.61 8.73
CA HIS A 10 -6.28 -4.19 9.05
C HIS A 10 -6.00 -3.36 7.80
N VAL A 11 -6.85 -2.37 7.56
CA VAL A 11 -6.70 -1.50 6.40
C VAL A 11 -5.92 -0.23 6.76
N ILE A 12 -4.94 0.11 5.94
CA ILE A 12 -4.12 1.29 6.17
C ILE A 12 -4.56 2.45 5.26
N ASP A 13 -4.80 3.61 5.86
CA ASP A 13 -5.21 4.79 5.10
C ASP A 13 -4.01 5.63 4.71
N VAL A 14 -3.59 5.51 3.45
CA VAL A 14 -2.45 6.26 2.95
C VAL A 14 -2.90 7.43 2.09
N PRO A 15 -2.23 8.58 2.26
CA PRO A 15 -2.55 9.80 1.50
C PRO A 15 -2.16 9.69 0.03
N PRO A 16 -2.95 10.35 -0.83
CA PRO A 16 -2.70 10.34 -2.28
C PRO A 16 -1.44 11.11 -2.66
N GLN A 17 -0.92 10.84 -3.86
CA GLN A 17 0.27 11.52 -4.34
C GLN A 17 0.15 11.83 -5.83
N GLU A 18 0.46 13.07 -6.19
CA GLU A 18 0.39 13.49 -7.58
C GLU A 18 1.73 13.30 -8.28
N VAL A 19 1.77 12.37 -9.23
CA VAL A 19 2.99 12.09 -9.98
C VAL A 19 2.75 12.14 -11.49
N ILE A 20 3.79 12.49 -12.24
CA ILE A 20 3.68 12.58 -13.68
C ILE A 20 3.77 11.21 -14.33
N CYS A 21 2.64 10.74 -14.87
CA CYS A 21 2.60 9.43 -15.52
C CYS A 21 3.68 9.32 -16.60
N LYS A 22 3.65 8.21 -17.32
CA LYS A 22 4.63 7.98 -18.38
C LYS A 22 4.39 8.91 -19.57
N ASP A 23 3.11 9.12 -19.90
CA ASP A 23 2.75 10.00 -21.00
C ASP A 23 2.69 11.46 -20.55
N ASN A 24 3.43 11.77 -19.49
CA ASN A 24 3.47 13.13 -18.96
C ASN A 24 2.07 13.60 -18.59
N VAL A 25 1.36 12.79 -17.81
CA VAL A 25 0.01 13.13 -17.38
C VAL A 25 -0.09 13.19 -15.87
N VAL A 26 -0.26 14.40 -15.34
CA VAL A 26 -0.37 14.59 -13.89
C VAL A 26 -1.72 14.11 -13.37
N VAL A 27 -1.69 13.03 -12.59
CA VAL A 27 -2.92 12.47 -12.02
C VAL A 27 -2.70 12.03 -10.58
N THR A 28 -3.75 12.12 -9.77
CA THR A 28 -3.68 11.74 -8.38
C THR A 28 -3.93 10.24 -8.20
N VAL A 29 -3.10 9.59 -7.39
CA VAL A 29 -3.24 8.17 -7.14
C VAL A 29 -3.39 7.88 -5.65
N ASP A 30 -4.13 6.84 -5.32
CA ASP A 30 -4.36 6.45 -3.93
C ASP A 30 -4.80 4.99 -3.83
N ALA A 31 -4.22 4.27 -2.88
CA ALA A 31 -4.55 2.87 -2.68
C ALA A 31 -4.32 2.45 -1.23
N VAL A 32 -5.14 1.53 -0.74
CA VAL A 32 -5.03 1.04 0.62
C VAL A 32 -4.18 -0.22 0.69
N VAL A 33 -3.74 -0.58 1.89
CA VAL A 33 -2.93 -1.78 2.08
C VAL A 33 -3.36 -2.53 3.34
N TYR A 34 -3.78 -3.78 3.16
CA TYR A 34 -4.21 -4.61 4.28
C TYR A 34 -3.01 -5.11 5.08
N TYR A 35 -3.27 -5.51 6.32
CA TYR A 35 -2.21 -6.02 7.19
C TYR A 35 -2.79 -6.74 8.40
N GLN A 36 -2.08 -7.74 8.89
CA GLN A 36 -2.52 -8.51 10.05
C GLN A 36 -1.34 -8.88 10.95
N VAL A 37 -1.50 -8.66 12.24
CA VAL A 37 -0.46 -8.97 13.21
C VAL A 37 -0.33 -10.48 13.42
N ILE A 38 0.61 -11.09 12.72
CA ILE A 38 0.83 -12.53 12.83
C ILE A 38 1.52 -12.88 14.14
N ASP A 39 2.26 -11.91 14.69
CA ASP A 39 2.97 -12.12 15.94
C ASP A 39 2.95 -10.84 16.78
N PRO A 40 2.22 -10.89 17.91
CA PRO A 40 2.11 -9.76 18.83
C PRO A 40 3.41 -9.48 19.57
N VAL A 41 4.22 -10.50 19.74
CA VAL A 41 5.50 -10.37 20.44
C VAL A 41 6.38 -9.32 19.77
N LYS A 42 6.72 -9.55 18.51
CA LYS A 42 7.55 -8.62 17.76
C LYS A 42 6.82 -7.31 17.52
N ALA A 43 5.53 -7.40 17.24
CA ALA A 43 4.72 -6.21 17.00
C ALA A 43 4.12 -5.68 18.31
N VAL A 44 4.97 -5.51 19.32
CA VAL A 44 4.52 -5.02 20.62
C VAL A 44 4.74 -3.51 20.73
N TYR A 45 4.53 -2.81 19.63
CA TYR A 45 4.71 -1.35 19.61
C TYR A 45 3.38 -0.66 19.31
N ASN A 46 2.28 -1.27 19.72
CA ASN A 46 0.96 -0.70 19.49
C ASN A 46 0.70 -0.51 18.00
N VAL A 47 1.35 -1.32 17.18
CA VAL A 47 1.19 -1.23 15.73
C VAL A 47 1.00 0.21 15.29
N SER A 48 1.77 1.11 15.89
CA SER A 48 1.69 2.53 15.55
C SER A 48 2.72 2.91 14.50
N ASP A 49 3.98 2.55 14.76
CA ASP A 49 5.07 2.84 13.84
C ASP A 49 4.79 2.25 12.46
N PHE A 50 4.41 0.97 12.44
CA PHE A 50 4.12 0.28 11.19
C PHE A 50 3.04 1.03 10.40
N LEU A 51 2.12 1.65 11.12
CA LEU A 51 1.04 2.40 10.48
C LEU A 51 1.57 3.65 9.80
N MET A 52 2.16 4.55 10.59
CA MET A 52 2.71 5.79 10.06
C MET A 52 3.90 5.51 9.14
N ALA A 53 4.35 4.26 9.13
CA ALA A 53 5.47 3.87 8.30
C ALA A 53 5.00 3.33 6.95
N ILE A 54 4.06 2.38 6.99
CA ILE A 54 3.53 1.79 5.77
C ILE A 54 3.13 2.87 4.77
N VAL A 55 2.34 3.84 5.23
CA VAL A 55 1.89 4.93 4.37
C VAL A 55 3.07 5.75 3.85
N LYS A 56 4.20 5.68 4.57
CA LYS A 56 5.39 6.41 4.17
C LYS A 56 6.27 5.55 3.26
N LEU A 57 5.97 4.26 3.19
CA LEU A 57 6.73 3.34 2.37
C LEU A 57 6.14 3.27 0.95
N ALA A 58 4.81 3.26 0.88
CA ALA A 58 4.13 3.19 -0.41
C ALA A 58 4.40 4.45 -1.25
N GLN A 59 4.38 5.60 -0.59
CA GLN A 59 4.63 6.87 -1.27
C GLN A 59 5.85 6.76 -2.19
N THR A 60 6.87 6.06 -1.73
CA THR A 60 8.09 5.88 -2.51
C THR A 60 7.95 4.73 -3.50
N ASN A 61 7.57 3.57 -2.99
CA ASN A 61 7.40 2.38 -3.84
C ASN A 61 6.47 2.69 -5.01
N LEU A 62 5.24 3.09 -4.70
CA LEU A 62 4.26 3.41 -5.73
C LEU A 62 4.84 4.39 -6.74
N ARG A 63 5.58 5.38 -6.25
CA ARG A 63 6.19 6.38 -7.12
C ARG A 63 6.97 5.72 -8.25
N ALA A 64 7.60 4.59 -7.94
CA ALA A 64 8.38 3.86 -8.94
C ALA A 64 7.48 3.31 -10.04
N ILE A 65 6.55 2.44 -9.67
CA ILE A 65 5.63 1.85 -10.63
C ILE A 65 4.60 2.86 -11.11
N ILE A 66 3.82 3.38 -10.16
CA ILE A 66 2.79 4.37 -10.48
C ILE A 66 3.36 5.51 -11.32
N GLY A 67 4.51 6.04 -10.89
CA GLY A 67 5.14 7.12 -11.62
C GLY A 67 5.13 6.90 -13.12
N GLU A 68 5.12 5.64 -13.53
CA GLU A 68 5.11 5.29 -14.95
C GLU A 68 3.91 4.42 -15.29
N MET A 69 3.00 4.96 -16.11
CA MET A 69 1.81 4.23 -16.51
C MET A 69 1.07 4.97 -17.61
N GLU A 70 -0.09 4.45 -18.00
CA GLU A 70 -0.91 5.07 -19.04
C GLU A 70 -2.29 5.42 -18.51
N LEU A 71 -2.68 6.68 -18.67
CA LEU A 71 -3.97 7.15 -18.21
C LEU A 71 -5.04 6.08 -18.42
N ASP A 72 -4.85 5.25 -19.43
CA ASP A 72 -5.80 4.17 -19.73
C ASP A 72 -5.49 2.93 -18.89
N GLU A 73 -4.25 2.49 -18.93
CA GLU A 73 -3.83 1.31 -18.16
C GLU A 73 -4.13 1.49 -16.67
N THR A 74 -3.75 2.65 -16.14
CA THR A 74 -3.99 2.95 -14.74
C THR A 74 -5.32 2.39 -14.27
N LEU A 75 -6.31 2.41 -15.15
CA LEU A 75 -7.64 1.90 -14.82
C LEU A 75 -7.65 0.38 -14.79
N SER A 76 -6.99 -0.23 -15.78
CA SER A 76 -6.93 -1.69 -15.86
C SER A 76 -5.51 -2.18 -15.64
N GLY A 77 -5.06 -2.12 -14.38
CA GLY A 77 -3.73 -2.58 -14.05
C GLY A 77 -3.48 -2.59 -12.55
N ARG A 78 -4.55 -2.73 -11.78
CA ARG A 78 -4.44 -2.76 -10.33
C ARG A 78 -3.74 -4.04 -9.86
N ASP A 79 -4.04 -5.15 -10.54
CA ASP A 79 -3.44 -6.43 -10.19
C ASP A 79 -1.92 -6.35 -10.23
N ILE A 80 -1.40 -5.36 -10.96
CA ILE A 80 0.04 -5.18 -11.09
C ILE A 80 0.54 -4.10 -10.13
N ILE A 81 -0.35 -3.17 -9.79
CA ILE A 81 0.00 -2.09 -8.87
C ILE A 81 0.01 -2.56 -7.43
N ASN A 82 -0.89 -3.48 -7.12
CA ASN A 82 -0.99 -4.03 -5.76
C ASN A 82 0.06 -5.12 -5.54
N ALA A 83 0.45 -5.78 -6.62
CA ALA A 83 1.45 -6.85 -6.54
C ALA A 83 2.80 -6.30 -6.08
N ARG A 84 3.16 -5.13 -6.59
CA ARG A 84 4.43 -4.50 -6.24
C ARG A 84 4.38 -3.91 -4.84
N LEU A 85 3.42 -3.01 -4.62
CA LEU A 85 3.25 -2.37 -3.32
C LEU A 85 3.09 -3.41 -2.21
N ARG A 86 2.55 -4.57 -2.57
CA ARG A 86 2.35 -5.65 -1.62
C ARG A 86 3.67 -6.32 -1.25
N GLU A 87 4.50 -6.56 -2.26
CA GLU A 87 5.80 -7.19 -2.04
C GLU A 87 6.80 -6.19 -1.49
N GLU A 88 6.42 -4.92 -1.46
CA GLU A 88 7.29 -3.87 -0.94
C GLU A 88 7.01 -3.59 0.52
N LEU A 89 5.75 -3.77 0.93
CA LEU A 89 5.34 -3.54 2.30
C LEU A 89 5.24 -4.86 3.06
N ASP A 90 5.39 -5.96 2.34
CA ASP A 90 5.31 -7.29 2.95
C ASP A 90 6.68 -7.75 3.40
N LYS A 91 7.72 -7.04 2.97
CA LYS A 91 9.10 -7.39 3.34
C LYS A 91 9.57 -6.53 4.50
N ILE A 92 8.99 -5.34 4.64
CA ILE A 92 9.37 -4.42 5.71
C ILE A 92 8.48 -4.61 6.93
N THR A 93 7.77 -5.74 6.97
CA THR A 93 6.88 -6.04 8.08
C THR A 93 7.25 -7.37 8.73
N ASP A 94 7.84 -8.27 7.95
CA ASP A 94 8.24 -9.58 8.46
C ASP A 94 9.16 -9.42 9.67
N ARG A 95 9.84 -8.28 9.76
CA ARG A 95 10.75 -8.02 10.86
C ARG A 95 10.02 -7.33 12.01
N TRP A 96 8.87 -6.74 11.72
CA TRP A 96 8.07 -6.05 12.72
C TRP A 96 7.00 -6.98 13.29
N GLY A 97 7.00 -8.22 12.84
CA GLY A 97 6.02 -9.19 13.31
C GLY A 97 4.67 -9.02 12.65
N VAL A 98 4.66 -8.44 11.44
CA VAL A 98 3.44 -8.22 10.70
C VAL A 98 3.59 -8.60 9.24
N LYS A 99 2.48 -8.92 8.59
CA LYS A 99 2.50 -9.30 7.18
C LYS A 99 1.36 -8.63 6.42
N ILE A 100 1.56 -8.39 5.13
CA ILE A 100 0.56 -7.76 4.29
C ILE A 100 -0.38 -8.80 3.69
N THR A 101 -1.50 -9.03 4.36
CA THR A 101 -2.48 -10.00 3.89
C THR A 101 -2.80 -9.79 2.41
N ARG A 102 -3.03 -8.54 2.04
CA ARG A 102 -3.33 -8.20 0.65
C ARG A 102 -3.29 -6.69 0.43
N VAL A 103 -3.54 -6.26 -0.80
CA VAL A 103 -3.52 -4.85 -1.14
C VAL A 103 -4.67 -4.49 -2.07
N GLU A 104 -5.26 -3.31 -1.86
CA GLU A 104 -6.37 -2.86 -2.69
C GLU A 104 -6.09 -1.47 -3.26
N ILE A 105 -6.38 -1.30 -4.54
CA ILE A 105 -6.17 -0.02 -5.21
C ILE A 105 -7.48 0.72 -5.42
N GLN A 106 -7.46 2.04 -5.18
CA GLN A 106 -8.65 2.85 -5.34
C GLN A 106 -8.68 3.52 -6.72
N ARG A 107 -9.86 3.94 -7.15
CA ARG A 107 -10.01 4.59 -8.45
C ARG A 107 -8.99 5.71 -8.62
N ILE A 108 -8.60 5.94 -9.87
CA ILE A 108 -7.62 6.98 -10.18
C ILE A 108 -8.31 8.22 -10.73
N ASP A 109 -7.75 9.39 -10.40
CA ASP A 109 -8.30 10.66 -10.88
C ASP A 109 -7.54 11.18 -12.08
N PRO A 110 -8.26 11.40 -13.19
CA PRO A 110 -7.67 11.90 -14.44
C PRO A 110 -7.22 13.35 -14.32
N PRO A 111 -6.48 13.82 -15.34
CA PRO A 111 -5.97 15.20 -15.38
C PRO A 111 -7.08 16.22 -15.58
N LYS A 112 -7.10 17.24 -14.73
CA LYS A 112 -8.11 18.29 -14.81
C LYS A 112 -8.00 19.04 -16.13
N ASP A 113 -6.80 19.52 -16.43
CA ASP A 113 -6.56 20.27 -17.67
C ASP A 113 -5.78 19.41 -18.67
N GLY A 1 -2.04 -19.67 23.74
CA GLY A 1 -2.55 -19.05 24.95
C GLY A 1 -4.04 -18.80 24.88
N SER A 2 -4.43 -17.72 24.20
CA SER A 2 -5.84 -17.37 24.05
C SER A 2 -6.64 -18.53 23.48
N ASP A 3 -7.96 -18.44 23.57
CA ASP A 3 -8.83 -19.48 23.06
C ASP A 3 -9.38 -19.11 21.68
N HIS A 4 -10.08 -17.98 21.61
CA HIS A 4 -10.65 -17.51 20.36
C HIS A 4 -9.80 -16.39 19.76
N VAL A 5 -9.34 -16.60 18.53
CA VAL A 5 -8.51 -15.61 17.85
C VAL A 5 -8.76 -15.64 16.34
N ASP A 6 -8.86 -14.46 15.74
CA ASP A 6 -9.09 -14.35 14.30
C ASP A 6 -7.98 -13.54 13.63
N LEU A 7 -7.80 -13.76 12.33
CA LEU A 7 -6.78 -13.06 11.58
C LEU A 7 -7.33 -11.78 10.96
N ARG A 8 -8.22 -11.11 11.69
CA ARG A 8 -8.83 -9.87 11.21
C ARG A 8 -7.81 -9.03 10.44
N GLU A 9 -8.22 -8.53 9.29
CA GLU A 9 -7.35 -7.71 8.45
C GLU A 9 -7.60 -6.23 8.69
N HIS A 10 -6.52 -5.46 8.83
CA HIS A 10 -6.62 -4.03 9.08
C HIS A 10 -6.24 -3.24 7.83
N VAL A 11 -7.06 -2.25 7.48
CA VAL A 11 -6.82 -1.42 6.31
C VAL A 11 -6.05 -0.16 6.68
N ILE A 12 -5.07 0.20 5.85
CA ILE A 12 -4.27 1.39 6.10
C ILE A 12 -4.67 2.52 5.17
N ASP A 13 -5.08 3.66 5.74
CA ASP A 13 -5.49 4.82 4.97
C ASP A 13 -4.27 5.65 4.56
N VAL A 14 -3.84 5.47 3.31
CA VAL A 14 -2.69 6.21 2.80
C VAL A 14 -3.13 7.38 1.93
N PRO A 15 -2.49 8.54 2.13
CA PRO A 15 -2.80 9.76 1.37
C PRO A 15 -2.37 9.66 -0.09
N PRO A 16 -3.14 10.29 -0.98
CA PRO A 16 -2.87 10.28 -2.43
C PRO A 16 -1.63 11.10 -2.77
N GLN A 17 -0.93 10.70 -3.82
CA GLN A 17 0.28 11.40 -4.26
C GLN A 17 0.24 11.65 -5.77
N GLU A 18 0.28 12.92 -6.15
CA GLU A 18 0.25 13.29 -7.56
C GLU A 18 1.59 13.02 -8.22
N VAL A 19 1.63 12.02 -9.10
CA VAL A 19 2.85 11.64 -9.80
C VAL A 19 2.69 11.79 -11.30
N ILE A 20 3.65 12.46 -11.94
CA ILE A 20 3.61 12.66 -13.38
C ILE A 20 3.70 11.34 -14.13
N CYS A 21 2.57 10.89 -14.67
CA CYS A 21 2.52 9.64 -15.41
C CYS A 21 3.62 9.59 -16.46
N LYS A 22 3.70 8.47 -17.18
CA LYS A 22 4.70 8.30 -18.22
C LYS A 22 4.47 9.26 -19.37
N ASP A 23 3.20 9.51 -19.68
CA ASP A 23 2.84 10.42 -20.76
C ASP A 23 2.77 11.86 -20.27
N ASN A 24 3.54 12.16 -19.23
CA ASN A 24 3.57 13.50 -18.66
C ASN A 24 2.16 13.93 -18.22
N VAL A 25 1.43 13.01 -17.61
CA VAL A 25 0.08 13.29 -17.14
C VAL A 25 0.00 13.24 -15.63
N VAL A 26 -0.29 14.39 -15.02
CA VAL A 26 -0.40 14.49 -13.56
C VAL A 26 -1.78 14.04 -13.09
N VAL A 27 -1.81 12.95 -12.33
CA VAL A 27 -3.06 12.42 -11.81
C VAL A 27 -2.93 12.02 -10.35
N THR A 28 -4.02 12.14 -9.60
CA THR A 28 -4.02 11.79 -8.19
C THR A 28 -4.39 10.33 -7.98
N VAL A 29 -3.44 9.55 -7.47
CA VAL A 29 -3.67 8.13 -7.21
C VAL A 29 -3.74 7.84 -5.72
N ASP A 30 -4.41 6.74 -5.36
CA ASP A 30 -4.54 6.35 -3.97
C ASP A 30 -4.87 4.87 -3.85
N ALA A 31 -4.26 4.20 -2.87
CA ALA A 31 -4.49 2.78 -2.65
C ALA A 31 -4.27 2.41 -1.18
N VAL A 32 -5.05 1.45 -0.69
CA VAL A 32 -4.94 1.01 0.69
C VAL A 32 -4.07 -0.24 0.79
N VAL A 33 -3.72 -0.62 2.02
CA VAL A 33 -2.90 -1.79 2.26
C VAL A 33 -3.35 -2.53 3.51
N TYR A 34 -3.71 -3.80 3.35
CA TYR A 34 -4.15 -4.63 4.46
C TYR A 34 -2.96 -5.12 5.30
N TYR A 35 -3.23 -5.51 6.53
CA TYR A 35 -2.19 -6.00 7.42
C TYR A 35 -2.79 -6.71 8.63
N GLN A 36 -2.03 -7.64 9.20
CA GLN A 36 -2.49 -8.39 10.37
C GLN A 36 -1.32 -8.81 11.24
N VAL A 37 -1.35 -8.40 12.50
CA VAL A 37 -0.29 -8.74 13.45
C VAL A 37 -0.21 -10.24 13.66
N ILE A 38 0.65 -10.91 12.88
CA ILE A 38 0.82 -12.35 12.99
C ILE A 38 1.66 -12.71 14.21
N ASP A 39 2.21 -11.69 14.86
CA ASP A 39 3.04 -11.90 16.05
C ASP A 39 3.05 -10.65 16.93
N PRO A 40 2.47 -10.78 18.14
CA PRO A 40 2.40 -9.68 19.10
C PRO A 40 3.76 -9.32 19.67
N VAL A 41 4.47 -10.33 20.17
CA VAL A 41 5.79 -10.12 20.76
C VAL A 41 6.62 -9.18 19.91
N LYS A 42 6.63 -9.42 18.60
CA LYS A 42 7.39 -8.59 17.67
C LYS A 42 6.70 -7.23 17.48
N ALA A 43 5.38 -7.23 17.41
CA ALA A 43 4.62 -6.01 17.23
C ALA A 43 4.16 -5.45 18.57
N VAL A 44 5.11 -5.24 19.48
CA VAL A 44 4.79 -4.71 20.81
C VAL A 44 4.83 -3.19 20.81
N TYR A 45 5.12 -2.61 19.65
CA TYR A 45 5.20 -1.16 19.53
C TYR A 45 3.82 -0.56 19.26
N ASN A 46 2.78 -1.25 19.74
CA ASN A 46 1.41 -0.78 19.56
C ASN A 46 1.12 -0.52 18.08
N VAL A 47 1.78 -1.27 17.21
CA VAL A 47 1.59 -1.12 15.77
C VAL A 47 1.32 0.34 15.41
N SER A 48 2.06 1.25 16.04
CA SER A 48 1.90 2.67 15.78
C SER A 48 2.88 3.14 14.70
N ASP A 49 4.11 2.64 14.76
CA ASP A 49 5.13 3.00 13.79
C ASP A 49 4.81 2.44 12.42
N PHE A 50 4.54 1.14 12.37
CA PHE A 50 4.23 0.47 11.11
C PHE A 50 3.09 1.19 10.38
N LEU A 51 2.18 1.78 11.17
CA LEU A 51 1.05 2.50 10.60
C LEU A 51 1.52 3.62 9.67
N MET A 52 2.28 4.56 10.22
CA MET A 52 2.79 5.68 9.44
C MET A 52 3.86 5.20 8.45
N ALA A 53 4.72 4.30 8.90
CA ALA A 53 5.78 3.75 8.06
C ALA A 53 5.22 3.13 6.79
N ILE A 54 4.00 2.60 6.89
CA ILE A 54 3.35 1.97 5.75
C ILE A 54 2.84 3.01 4.77
N VAL A 55 1.97 3.90 5.26
CA VAL A 55 1.40 4.96 4.43
C VAL A 55 2.49 5.77 3.75
N LYS A 56 3.64 5.88 4.42
CA LYS A 56 4.77 6.64 3.89
C LYS A 56 5.58 5.78 2.92
N LEU A 57 6.00 4.61 3.38
CA LEU A 57 6.79 3.71 2.54
C LEU A 57 6.21 3.63 1.13
N ALA A 58 4.94 3.29 1.04
CA ALA A 58 4.27 3.17 -0.24
C ALA A 58 4.53 4.41 -1.11
N GLN A 59 4.28 5.58 -0.56
CA GLN A 59 4.49 6.83 -1.28
C GLN A 59 5.74 6.75 -2.16
N THR A 60 6.75 6.03 -1.67
CA THR A 60 8.00 5.88 -2.41
C THR A 60 7.91 4.72 -3.39
N ASN A 61 7.68 3.51 -2.87
CA ASN A 61 7.58 2.32 -3.70
C ASN A 61 6.66 2.57 -4.89
N LEU A 62 5.44 3.01 -4.61
CA LEU A 62 4.45 3.28 -5.64
C LEU A 62 5.00 4.30 -6.66
N ARG A 63 5.71 5.31 -6.15
CA ARG A 63 6.29 6.33 -7.01
C ARG A 63 7.13 5.70 -8.11
N ALA A 64 7.67 4.52 -7.84
CA ALA A 64 8.51 3.82 -8.81
C ALA A 64 7.66 3.31 -9.98
N ILE A 65 6.73 2.42 -9.69
CA ILE A 65 5.86 1.86 -10.71
C ILE A 65 4.79 2.85 -11.14
N ILE A 66 3.96 3.25 -10.20
CA ILE A 66 2.89 4.21 -10.48
C ILE A 66 3.42 5.42 -11.23
N GLY A 67 4.59 5.90 -10.83
CA GLY A 67 5.20 7.05 -11.49
C GLY A 67 5.18 6.92 -12.99
N GLU A 68 5.23 5.68 -13.49
CA GLU A 68 5.22 5.43 -14.92
C GLU A 68 4.04 4.56 -15.32
N MET A 69 3.13 5.12 -16.10
CA MET A 69 1.94 4.40 -16.55
C MET A 69 1.16 5.21 -17.57
N GLU A 70 0.04 4.67 -18.02
CA GLU A 70 -0.80 5.35 -19.00
C GLU A 70 -2.19 5.63 -18.43
N LEU A 71 -2.63 6.87 -18.55
CA LEU A 71 -3.94 7.27 -18.04
C LEU A 71 -4.96 6.15 -18.22
N ASP A 72 -4.78 5.35 -19.26
CA ASP A 72 -5.67 4.24 -19.55
C ASP A 72 -5.14 2.95 -18.94
N GLU A 73 -3.89 2.62 -19.25
CA GLU A 73 -3.28 1.41 -18.74
C GLU A 73 -3.36 1.35 -17.21
N THR A 74 -3.64 2.50 -16.60
CA THR A 74 -3.75 2.59 -15.15
C THR A 74 -4.92 1.75 -14.64
N LEU A 75 -6.13 2.08 -15.09
CA LEU A 75 -7.33 1.35 -14.69
C LEU A 75 -7.23 -0.12 -15.07
N SER A 76 -6.44 -0.41 -16.09
CA SER A 76 -6.26 -1.78 -16.56
C SER A 76 -5.32 -2.55 -15.64
N GLY A 77 -4.16 -1.96 -15.37
CA GLY A 77 -3.19 -2.61 -14.50
C GLY A 77 -3.40 -2.29 -13.04
N ARG A 78 -4.43 -2.88 -12.45
CA ARG A 78 -4.75 -2.65 -11.04
C ARG A 78 -4.30 -3.83 -10.18
N ASP A 79 -4.32 -5.03 -10.76
CA ASP A 79 -3.93 -6.23 -10.05
C ASP A 79 -2.42 -6.25 -9.82
N ILE A 80 -1.68 -5.52 -10.65
CA ILE A 80 -0.24 -5.46 -10.54
C ILE A 80 0.19 -4.37 -9.56
N ILE A 81 -0.36 -3.17 -9.75
CA ILE A 81 -0.04 -2.04 -8.88
C ILE A 81 -0.15 -2.43 -7.42
N ASN A 82 -1.08 -3.32 -7.12
CA ASN A 82 -1.28 -3.78 -5.74
C ASN A 82 -0.36 -4.95 -5.41
N ALA A 83 0.08 -5.66 -6.44
CA ALA A 83 0.97 -6.80 -6.27
C ALA A 83 2.37 -6.34 -5.85
N ARG A 84 2.96 -5.47 -6.66
CA ARG A 84 4.30 -4.96 -6.38
C ARG A 84 4.40 -4.43 -4.95
N LEU A 85 3.61 -3.40 -4.67
CA LEU A 85 3.59 -2.79 -3.34
C LEU A 85 3.50 -3.85 -2.26
N ARG A 86 2.47 -4.69 -2.34
CA ARG A 86 2.27 -5.76 -1.37
C ARG A 86 3.59 -6.45 -1.04
N GLU A 87 4.31 -6.86 -2.06
CA GLU A 87 5.60 -7.53 -1.87
C GLU A 87 6.62 -6.58 -1.25
N GLU A 88 6.57 -5.32 -1.65
CA GLU A 88 7.49 -4.31 -1.14
C GLU A 88 7.12 -3.91 0.29
N LEU A 89 5.88 -4.19 0.66
CA LEU A 89 5.40 -3.86 2.00
C LEU A 89 5.23 -5.11 2.85
N ASP A 90 5.35 -6.27 2.21
CA ASP A 90 5.22 -7.55 2.90
C ASP A 90 6.57 -8.03 3.41
N LYS A 91 7.64 -7.47 2.86
CA LYS A 91 8.99 -7.85 3.26
C LYS A 91 9.49 -6.94 4.38
N ILE A 92 9.10 -5.68 4.33
CA ILE A 92 9.51 -4.72 5.35
C ILE A 92 8.70 -4.89 6.63
N THR A 93 7.56 -5.58 6.52
CA THR A 93 6.69 -5.82 7.66
C THR A 93 7.03 -7.14 8.34
N ASP A 94 7.28 -8.17 7.54
CA ASP A 94 7.61 -9.49 8.07
C ASP A 94 8.62 -9.37 9.21
N ARG A 95 9.42 -8.32 9.19
CA ARG A 95 10.42 -8.09 10.21
C ARG A 95 9.78 -7.60 11.51
N TRP A 96 8.74 -6.78 11.37
CA TRP A 96 8.05 -6.24 12.54
C TRP A 96 6.96 -7.20 13.01
N GLY A 97 7.17 -8.49 12.74
CA GLY A 97 6.21 -9.50 13.16
C GLY A 97 4.85 -9.31 12.50
N VAL A 98 4.80 -8.46 11.48
CA VAL A 98 3.57 -8.19 10.75
C VAL A 98 3.70 -8.53 9.28
N LYS A 99 2.67 -9.16 8.73
CA LYS A 99 2.66 -9.54 7.32
C LYS A 99 1.50 -8.89 6.58
N ILE A 100 1.73 -8.52 5.33
CA ILE A 100 0.71 -7.88 4.52
C ILE A 100 -0.18 -8.93 3.84
N THR A 101 -1.41 -9.06 4.32
CA THR A 101 -2.35 -10.02 3.78
C THR A 101 -2.58 -9.77 2.29
N ARG A 102 -3.09 -8.59 1.96
CA ARG A 102 -3.35 -8.24 0.57
C ARG A 102 -3.37 -6.72 0.39
N VAL A 103 -3.59 -6.28 -0.85
CA VAL A 103 -3.62 -4.86 -1.15
C VAL A 103 -4.84 -4.51 -2.01
N GLU A 104 -5.33 -3.28 -1.84
CA GLU A 104 -6.49 -2.83 -2.61
C GLU A 104 -6.24 -1.46 -3.22
N ILE A 105 -6.64 -1.29 -4.48
CA ILE A 105 -6.45 -0.02 -5.17
C ILE A 105 -7.74 0.80 -5.16
N GLN A 106 -7.59 2.11 -5.01
CA GLN A 106 -8.74 3.01 -4.99
C GLN A 106 -8.93 3.68 -6.34
N ARG A 107 -10.14 4.17 -6.60
CA ARG A 107 -10.46 4.83 -7.86
C ARG A 107 -9.41 5.89 -8.19
N ILE A 108 -9.12 6.04 -9.48
CA ILE A 108 -8.13 7.02 -9.93
C ILE A 108 -8.81 8.28 -10.43
N ASP A 109 -8.07 9.39 -10.41
CA ASP A 109 -8.60 10.67 -10.86
C ASP A 109 -7.82 11.17 -12.08
N PRO A 110 -8.55 11.55 -13.14
CA PRO A 110 -7.94 12.05 -14.38
C PRO A 110 -7.32 13.43 -14.19
N PRO A 111 -6.48 13.83 -15.16
CA PRO A 111 -5.81 15.15 -15.13
C PRO A 111 -6.78 16.29 -15.35
N LYS A 112 -6.34 17.51 -15.02
CA LYS A 112 -7.15 18.70 -15.18
C LYS A 112 -7.22 19.12 -16.65
N ASP A 113 -8.21 19.94 -16.98
CA ASP A 113 -8.38 20.42 -18.35
C ASP A 113 -7.33 21.48 -18.69
N GLY A 1 -2.27 -25.07 17.21
CA GLY A 1 -2.99 -25.91 18.15
C GLY A 1 -3.94 -25.13 19.03
N SER A 2 -4.61 -24.15 18.44
CA SER A 2 -5.56 -23.33 19.17
C SER A 2 -6.95 -23.40 18.55
N ASP A 3 -7.98 -23.23 19.38
CA ASP A 3 -9.35 -23.28 18.91
C ASP A 3 -9.80 -21.93 18.37
N HIS A 4 -9.71 -20.90 19.21
CA HIS A 4 -10.10 -19.55 18.81
C HIS A 4 -9.10 -18.97 17.83
N VAL A 5 -9.63 -18.29 16.81
CA VAL A 5 -8.78 -17.68 15.79
C VAL A 5 -9.30 -16.30 15.39
N ASP A 6 -8.45 -15.29 15.52
CA ASP A 6 -8.83 -13.93 15.17
C ASP A 6 -8.62 -13.67 13.68
N LEU A 7 -7.36 -13.49 13.29
CA LEU A 7 -7.01 -13.23 11.90
C LEU A 7 -7.76 -12.02 11.36
N ARG A 8 -8.03 -11.06 12.26
CA ARG A 8 -8.74 -9.84 11.88
C ARG A 8 -7.78 -8.85 11.21
N GLU A 9 -7.77 -8.84 9.89
CA GLU A 9 -6.90 -7.95 9.13
C GLU A 9 -7.39 -6.50 9.24
N HIS A 10 -6.49 -5.56 9.01
CA HIS A 10 -6.82 -4.15 9.09
C HIS A 10 -6.36 -3.41 7.83
N VAL A 11 -7.11 -2.38 7.45
CA VAL A 11 -6.79 -1.60 6.26
C VAL A 11 -5.96 -0.37 6.63
N ILE A 12 -5.05 0.01 5.74
CA ILE A 12 -4.20 1.17 5.97
C ILE A 12 -4.65 2.36 5.13
N ASP A 13 -4.83 3.50 5.78
CA ASP A 13 -5.26 4.72 5.09
C ASP A 13 -4.06 5.55 4.67
N VAL A 14 -3.61 5.34 3.43
CA VAL A 14 -2.46 6.07 2.90
C VAL A 14 -2.91 7.30 2.11
N PRO A 15 -2.21 8.43 2.31
CA PRO A 15 -2.53 9.69 1.63
C PRO A 15 -2.20 9.64 0.14
N PRO A 16 -2.99 10.35 -0.67
CA PRO A 16 -2.81 10.40 -2.11
C PRO A 16 -1.55 11.17 -2.51
N GLN A 17 -1.00 10.84 -3.67
CA GLN A 17 0.20 11.49 -4.17
C GLN A 17 0.10 11.73 -5.67
N GLU A 18 0.33 12.98 -6.08
CA GLU A 18 0.27 13.35 -7.48
C GLU A 18 1.63 13.15 -8.16
N VAL A 19 1.70 12.15 -9.04
CA VAL A 19 2.93 11.85 -9.75
C VAL A 19 2.73 11.91 -11.26
N ILE A 20 3.69 12.53 -11.96
CA ILE A 20 3.61 12.66 -13.40
C ILE A 20 3.76 11.29 -14.08
N CYS A 21 2.68 10.78 -14.63
CA CYS A 21 2.69 9.49 -15.31
C CYS A 21 3.77 9.46 -16.38
N LYS A 22 3.82 8.36 -17.13
CA LYS A 22 4.81 8.21 -18.19
C LYS A 22 4.53 9.17 -19.35
N ASP A 23 3.26 9.32 -19.68
CA ASP A 23 2.86 10.22 -20.77
C ASP A 23 2.74 11.66 -20.27
N ASN A 24 3.49 11.99 -19.23
CA ASN A 24 3.47 13.33 -18.65
C ASN A 24 2.05 13.73 -18.28
N VAL A 25 1.37 12.85 -17.54
CA VAL A 25 0.00 13.12 -17.11
C VAL A 25 -0.10 13.15 -15.59
N VAL A 26 -0.45 14.32 -15.05
CA VAL A 26 -0.58 14.49 -13.60
C VAL A 26 -1.92 13.96 -13.11
N VAL A 27 -1.88 12.90 -12.31
CA VAL A 27 -3.09 12.30 -11.77
C VAL A 27 -2.87 11.84 -10.33
N THR A 28 -3.90 12.03 -9.50
CA THR A 28 -3.82 11.64 -8.10
C THR A 28 -4.14 10.17 -7.92
N VAL A 29 -3.21 9.42 -7.35
CA VAL A 29 -3.39 8.00 -7.11
C VAL A 29 -3.59 7.70 -5.63
N ASP A 30 -4.53 6.80 -5.34
CA ASP A 30 -4.81 6.43 -3.95
C ASP A 30 -5.23 4.96 -3.87
N ALA A 31 -4.70 4.25 -2.87
CA ALA A 31 -5.03 2.85 -2.68
C ALA A 31 -4.97 2.46 -1.20
N VAL A 32 -5.36 1.23 -0.90
CA VAL A 32 -5.34 0.75 0.47
C VAL A 32 -4.53 -0.53 0.61
N VAL A 33 -3.96 -0.75 1.78
CA VAL A 33 -3.15 -1.94 2.03
C VAL A 33 -3.56 -2.61 3.34
N TYR A 34 -3.89 -3.89 3.26
CA TYR A 34 -4.31 -4.65 4.43
C TYR A 34 -3.10 -5.19 5.19
N TYR A 35 -3.31 -5.58 6.44
CA TYR A 35 -2.24 -6.11 7.27
C TYR A 35 -2.79 -6.82 8.50
N GLN A 36 -1.98 -7.67 9.11
CA GLN A 36 -2.39 -8.40 10.30
C GLN A 36 -1.19 -8.72 11.18
N VAL A 37 -1.39 -8.65 12.50
CA VAL A 37 -0.33 -8.93 13.45
C VAL A 37 -0.23 -10.43 13.73
N ILE A 38 0.66 -11.10 13.03
CA ILE A 38 0.86 -12.53 13.21
C ILE A 38 1.70 -12.82 14.45
N ASP A 39 2.37 -11.79 14.95
CA ASP A 39 3.20 -11.94 16.15
C ASP A 39 3.18 -10.66 16.98
N PRO A 40 2.48 -10.71 18.13
CA PRO A 40 2.36 -9.57 19.04
C PRO A 40 3.66 -9.26 19.75
N VAL A 41 4.61 -10.18 19.66
CA VAL A 41 5.91 -10.02 20.30
C VAL A 41 6.74 -8.95 19.59
N LYS A 42 6.93 -9.13 18.28
CA LYS A 42 7.70 -8.18 17.49
C LYS A 42 6.91 -6.90 17.26
N ALA A 43 5.59 -7.01 17.29
CA ALA A 43 4.71 -5.86 17.09
C ALA A 43 4.28 -5.25 18.42
N VAL A 44 5.24 -5.12 19.34
CA VAL A 44 4.95 -4.56 20.65
C VAL A 44 5.22 -3.06 20.67
N TYR A 45 4.84 -2.37 19.60
CA TYR A 45 5.05 -0.93 19.49
C TYR A 45 3.73 -0.22 19.23
N ASN A 46 2.64 -0.81 19.71
CA ASN A 46 1.31 -0.23 19.53
C ASN A 46 0.96 -0.12 18.05
N VAL A 47 1.54 -1.01 17.24
CA VAL A 47 1.29 -1.01 15.81
C VAL A 47 1.10 0.40 15.28
N SER A 48 1.78 1.36 15.90
CA SER A 48 1.68 2.76 15.49
C SER A 48 2.72 3.08 14.42
N ASP A 49 3.97 2.70 14.69
CA ASP A 49 5.06 2.96 13.75
C ASP A 49 4.76 2.35 12.39
N PHE A 50 4.28 1.11 12.39
CA PHE A 50 3.96 0.41 11.15
C PHE A 50 2.84 1.13 10.41
N LEU A 51 1.92 1.73 11.16
CA LEU A 51 0.80 2.46 10.56
C LEU A 51 1.29 3.68 9.80
N MET A 52 2.07 4.52 10.46
CA MET A 52 2.61 5.73 9.84
C MET A 52 3.77 5.40 8.92
N ALA A 53 4.39 4.23 9.15
CA ALA A 53 5.52 3.80 8.34
C ALA A 53 5.06 3.23 7.02
N ILE A 54 4.06 2.34 7.06
CA ILE A 54 3.53 1.72 5.86
C ILE A 54 3.18 2.78 4.81
N VAL A 55 2.39 3.76 5.21
CA VAL A 55 1.99 4.83 4.30
C VAL A 55 3.20 5.58 3.76
N LYS A 56 4.16 5.87 4.64
CA LYS A 56 5.37 6.57 4.26
C LYS A 56 6.27 5.69 3.40
N LEU A 57 5.94 4.40 3.34
CA LEU A 57 6.72 3.45 2.55
C LEU A 57 6.12 3.27 1.16
N ALA A 58 4.79 3.23 1.10
CA ALA A 58 4.10 3.07 -0.17
C ALA A 58 4.35 4.25 -1.09
N GLN A 59 4.55 5.43 -0.50
CA GLN A 59 4.79 6.64 -1.27
C GLN A 59 6.06 6.50 -2.10
N THR A 60 7.05 5.81 -1.54
CA THR A 60 8.33 5.60 -2.23
C THR A 60 8.22 4.48 -3.26
N ASN A 61 7.59 3.38 -2.87
CA ASN A 61 7.42 2.23 -3.77
C ASN A 61 6.56 2.60 -4.97
N LEU A 62 5.44 3.28 -4.70
CA LEU A 62 4.53 3.70 -5.75
C LEU A 62 5.21 4.66 -6.71
N ARG A 63 6.00 5.58 -6.16
CA ARG A 63 6.70 6.57 -6.98
C ARG A 63 7.51 5.89 -8.07
N ALA A 64 7.81 4.61 -7.88
CA ALA A 64 8.57 3.84 -8.86
C ALA A 64 7.67 3.36 -10.00
N ILE A 65 6.66 2.57 -9.66
CA ILE A 65 5.73 2.05 -10.65
C ILE A 65 4.75 3.13 -11.12
N ILE A 66 4.00 3.69 -10.17
CA ILE A 66 3.04 4.73 -10.48
C ILE A 66 3.67 5.84 -11.32
N GLY A 67 4.92 6.17 -11.02
CA GLY A 67 5.61 7.21 -11.75
C GLY A 67 5.59 6.97 -13.25
N GLU A 68 5.41 5.71 -13.64
CA GLU A 68 5.37 5.35 -15.05
C GLU A 68 4.16 4.47 -15.36
N MET A 69 3.24 5.01 -16.16
CA MET A 69 2.04 4.28 -16.53
C MET A 69 1.25 5.05 -17.59
N GLU A 70 0.09 4.50 -17.95
CA GLU A 70 -0.77 5.13 -18.96
C GLU A 70 -2.14 5.44 -18.40
N LEU A 71 -2.52 6.71 -18.40
CA LEU A 71 -3.82 7.14 -17.89
C LEU A 71 -4.88 6.08 -18.15
N ASP A 72 -4.75 5.37 -19.27
CA ASP A 72 -5.70 4.32 -19.63
C ASP A 72 -5.30 2.99 -18.99
N GLU A 73 -4.02 2.66 -19.09
CA GLU A 73 -3.52 1.42 -18.52
C GLU A 73 -3.78 1.35 -17.02
N THR A 74 -3.44 2.42 -16.31
CA THR A 74 -3.64 2.49 -14.87
C THR A 74 -4.88 1.69 -14.46
N LEU A 75 -5.96 1.83 -15.23
CA LEU A 75 -7.20 1.12 -14.93
C LEU A 75 -7.01 -0.39 -15.09
N SER A 76 -6.50 -0.81 -16.24
CA SER A 76 -6.26 -2.22 -16.51
C SER A 76 -5.22 -2.79 -15.55
N GLY A 77 -4.06 -2.15 -15.49
CA GLY A 77 -3.00 -2.61 -14.61
C GLY A 77 -3.27 -2.29 -13.16
N ARG A 78 -4.43 -2.72 -12.66
CA ARG A 78 -4.80 -2.46 -11.27
C ARG A 78 -4.32 -3.59 -10.37
N ASP A 79 -4.39 -4.82 -10.87
CA ASP A 79 -3.95 -5.98 -10.11
C ASP A 79 -2.43 -5.99 -9.94
N ILE A 80 -1.74 -5.27 -10.83
CA ILE A 80 -0.29 -5.20 -10.78
C ILE A 80 0.17 -4.15 -9.77
N ILE A 81 -0.44 -2.97 -9.83
CA ILE A 81 -0.09 -1.89 -8.92
C ILE A 81 -0.16 -2.34 -7.46
N ASN A 82 -1.24 -3.04 -7.12
CA ASN A 82 -1.43 -3.54 -5.77
C ASN A 82 -0.46 -4.68 -5.47
N ALA A 83 -0.08 -5.42 -6.51
CA ALA A 83 0.84 -6.54 -6.36
C ALA A 83 2.21 -6.07 -5.87
N ARG A 84 2.82 -5.18 -6.64
CA ARG A 84 4.13 -4.64 -6.28
C ARG A 84 4.17 -4.22 -4.82
N LEU A 85 3.38 -3.20 -4.48
CA LEU A 85 3.32 -2.68 -3.12
C LEU A 85 3.18 -3.82 -2.12
N ARG A 86 2.14 -4.64 -2.30
CA ARG A 86 1.89 -5.77 -1.41
C ARG A 86 3.18 -6.53 -1.14
N GLU A 87 3.92 -6.82 -2.21
CA GLU A 87 5.17 -7.57 -2.09
C GLU A 87 6.20 -6.77 -1.28
N GLU A 88 6.48 -5.55 -1.72
CA GLU A 88 7.44 -4.69 -1.05
C GLU A 88 7.12 -4.57 0.44
N LEU A 89 5.96 -4.01 0.74
CA LEU A 89 5.52 -3.84 2.13
C LEU A 89 5.52 -5.17 2.87
N ASP A 90 5.19 -6.24 2.14
CA ASP A 90 5.15 -7.57 2.73
C ASP A 90 6.52 -7.96 3.29
N LYS A 91 7.57 -7.32 2.78
CA LYS A 91 8.93 -7.60 3.24
C LYS A 91 9.34 -6.63 4.35
N ILE A 92 8.74 -5.44 4.34
CA ILE A 92 9.04 -4.43 5.35
C ILE A 92 8.31 -4.72 6.65
N THR A 93 7.27 -5.56 6.57
CA THR A 93 6.49 -5.92 7.74
C THR A 93 6.92 -7.28 8.30
N ASP A 94 7.34 -8.17 7.40
CA ASP A 94 7.77 -9.50 7.80
C ASP A 94 8.84 -9.41 8.90
N ARG A 95 9.44 -8.25 9.04
CA ARG A 95 10.48 -8.03 10.05
C ARG A 95 9.86 -7.49 11.34
N TRP A 96 8.75 -6.78 11.21
CA TRP A 96 8.07 -6.20 12.36
C TRP A 96 7.05 -7.18 12.93
N GLY A 97 7.10 -8.42 12.47
CA GLY A 97 6.18 -9.43 12.95
C GLY A 97 4.81 -9.30 12.32
N VAL A 98 4.70 -8.47 11.29
CA VAL A 98 3.44 -8.25 10.60
C VAL A 98 3.55 -8.61 9.12
N LYS A 99 2.45 -9.10 8.55
CA LYS A 99 2.43 -9.47 7.14
C LYS A 99 1.25 -8.82 6.42
N ILE A 100 1.42 -8.56 5.14
CA ILE A 100 0.37 -7.93 4.34
C ILE A 100 -0.61 -8.97 3.81
N THR A 101 -1.73 -9.13 4.52
CA THR A 101 -2.75 -10.11 4.14
C THR A 101 -3.11 -9.96 2.66
N ARG A 102 -3.66 -8.80 2.30
CA ARG A 102 -4.05 -8.53 0.93
C ARG A 102 -3.87 -7.05 0.59
N VAL A 103 -4.22 -6.69 -0.64
CA VAL A 103 -4.09 -5.31 -1.09
C VAL A 103 -5.27 -4.91 -1.98
N GLU A 104 -5.70 -3.66 -1.86
CA GLU A 104 -6.82 -3.16 -2.64
C GLU A 104 -6.53 -1.75 -3.18
N ILE A 105 -6.91 -1.51 -4.42
CA ILE A 105 -6.68 -0.21 -5.04
C ILE A 105 -7.99 0.55 -5.21
N GLN A 106 -7.95 1.86 -4.97
CA GLN A 106 -9.13 2.70 -5.09
C GLN A 106 -9.18 3.39 -6.45
N ARG A 107 -10.35 3.88 -6.83
CA ARG A 107 -10.53 4.55 -8.11
C ARG A 107 -9.41 5.56 -8.36
N ILE A 108 -9.14 5.83 -9.62
CA ILE A 108 -8.08 6.78 -10.00
C ILE A 108 -8.68 8.11 -10.47
N ASP A 109 -7.93 9.18 -10.29
CA ASP A 109 -8.37 10.50 -10.70
C ASP A 109 -7.68 10.94 -11.98
N PRO A 110 -8.49 11.24 -13.01
CA PRO A 110 -7.97 11.67 -14.32
C PRO A 110 -7.35 13.07 -14.27
N PRO A 111 -6.67 13.46 -15.35
CA PRO A 111 -6.02 14.76 -15.46
C PRO A 111 -7.02 15.90 -15.55
N LYS A 112 -6.68 17.05 -14.96
CA LYS A 112 -7.55 18.22 -15.00
C LYS A 112 -7.70 18.75 -16.41
N ASP A 113 -8.72 19.58 -16.62
CA ASP A 113 -8.97 20.16 -17.93
C ASP A 113 -8.29 21.52 -18.06
N GLY A 1 -5.76 -26.29 26.13
CA GLY A 1 -6.69 -25.36 25.50
C GLY A 1 -6.00 -24.43 24.51
N SER A 2 -6.72 -23.40 24.07
CA SER A 2 -6.18 -22.43 23.12
C SER A 2 -6.72 -21.04 23.39
N ASP A 3 -6.00 -20.03 22.91
CA ASP A 3 -6.42 -18.64 23.10
C ASP A 3 -7.37 -18.21 21.99
N HIS A 4 -7.94 -17.02 22.15
CA HIS A 4 -8.88 -16.48 21.16
C HIS A 4 -8.13 -15.86 19.98
N VAL A 5 -8.71 -15.97 18.79
CA VAL A 5 -8.09 -15.42 17.59
C VAL A 5 -9.15 -15.12 16.52
N ASP A 6 -8.92 -14.06 15.76
CA ASP A 6 -9.85 -13.66 14.71
C ASP A 6 -9.11 -13.48 13.38
N LEU A 7 -7.87 -13.01 13.45
CA LEU A 7 -7.07 -12.81 12.26
C LEU A 7 -7.70 -11.75 11.35
N ARG A 8 -8.31 -10.74 11.97
CA ARG A 8 -8.96 -9.66 11.23
C ARG A 8 -7.93 -8.81 10.50
N GLU A 9 -8.22 -8.44 9.27
CA GLU A 9 -7.32 -7.62 8.47
C GLU A 9 -7.54 -6.14 8.76
N HIS A 10 -6.45 -5.38 8.79
CA HIS A 10 -6.52 -3.94 9.05
C HIS A 10 -6.17 -3.15 7.80
N VAL A 11 -7.01 -2.16 7.49
CA VAL A 11 -6.78 -1.32 6.31
C VAL A 11 -6.02 -0.05 6.68
N ILE A 12 -5.07 0.32 5.83
CA ILE A 12 -4.26 1.52 6.06
C ILE A 12 -4.73 2.67 5.19
N ASP A 13 -5.02 3.81 5.83
CA ASP A 13 -5.48 4.99 5.12
C ASP A 13 -4.31 5.89 4.75
N VAL A 14 -4.03 6.00 3.45
CA VAL A 14 -2.93 6.83 2.97
C VAL A 14 -3.45 7.95 2.07
N PRO A 15 -2.88 9.15 2.24
CA PRO A 15 -3.26 10.32 1.45
C PRO A 15 -2.82 10.21 0.00
N PRO A 16 -3.57 10.86 -0.91
CA PRO A 16 -3.29 10.84 -2.35
C PRO A 16 -2.03 11.64 -2.69
N GLN A 17 -1.39 11.28 -3.79
CA GLN A 17 -0.18 11.97 -4.24
C GLN A 17 -0.21 12.22 -5.73
N GLU A 18 0.48 13.28 -6.17
CA GLU A 18 0.52 13.63 -7.58
C GLU A 18 1.87 13.27 -8.18
N VAL A 19 1.86 12.33 -9.13
CA VAL A 19 3.08 11.90 -9.80
C VAL A 19 2.94 11.96 -11.32
N ILE A 20 4.04 12.24 -11.99
CA ILE A 20 4.04 12.33 -13.45
C ILE A 20 4.08 10.94 -14.08
N CYS A 21 2.96 10.54 -14.68
CA CYS A 21 2.87 9.23 -15.33
C CYS A 21 3.97 9.06 -16.37
N LYS A 22 3.94 7.93 -17.07
CA LYS A 22 4.93 7.64 -18.10
C LYS A 22 4.81 8.62 -19.26
N ASP A 23 3.58 8.85 -19.70
CA ASP A 23 3.33 9.77 -20.81
C ASP A 23 3.25 11.21 -20.32
N ASN A 24 4.05 11.53 -19.30
CA ASN A 24 4.08 12.87 -18.74
C ASN A 24 2.66 13.35 -18.43
N VAL A 25 1.89 12.52 -17.73
CA VAL A 25 0.53 12.86 -17.36
C VAL A 25 0.37 12.96 -15.86
N VAL A 26 0.19 14.17 -15.36
CA VAL A 26 0.01 14.40 -13.93
C VAL A 26 -1.37 13.96 -13.45
N VAL A 27 -1.40 12.96 -12.58
CA VAL A 27 -2.66 12.45 -12.05
C VAL A 27 -2.53 12.07 -10.58
N THR A 28 -3.66 12.08 -9.88
CA THR A 28 -3.67 11.76 -8.46
C THR A 28 -4.07 10.30 -8.24
N VAL A 29 -3.23 9.56 -7.51
CA VAL A 29 -3.50 8.16 -7.23
C VAL A 29 -3.72 7.93 -5.74
N ASP A 30 -4.51 6.92 -5.41
CA ASP A 30 -4.81 6.58 -4.03
C ASP A 30 -5.16 5.11 -3.88
N ALA A 31 -4.56 4.46 -2.88
CA ALA A 31 -4.82 3.05 -2.64
C ALA A 31 -4.57 2.69 -1.17
N VAL A 32 -5.27 1.67 -0.69
CA VAL A 32 -5.12 1.23 0.69
C VAL A 32 -4.26 -0.02 0.78
N VAL A 33 -3.81 -0.34 2.00
CA VAL A 33 -2.97 -1.52 2.21
C VAL A 33 -3.44 -2.29 3.45
N TYR A 34 -3.68 -3.58 3.26
CA TYR A 34 -4.13 -4.44 4.35
C TYR A 34 -2.95 -4.98 5.14
N TYR A 35 -3.20 -5.39 6.38
CA TYR A 35 -2.16 -5.93 7.24
C TYR A 35 -2.76 -6.64 8.45
N GLN A 36 -2.01 -7.60 9.00
CA GLN A 36 -2.47 -8.36 10.15
C GLN A 36 -1.29 -8.80 11.01
N VAL A 37 -1.38 -8.53 12.31
CA VAL A 37 -0.31 -8.90 13.24
C VAL A 37 -0.23 -10.42 13.40
N ILE A 38 0.58 -11.05 12.57
CA ILE A 38 0.76 -12.50 12.63
C ILE A 38 1.57 -12.91 13.84
N ASP A 39 2.50 -12.05 14.26
CA ASP A 39 3.35 -12.32 15.41
C ASP A 39 3.32 -11.15 16.39
N PRO A 40 2.44 -11.24 17.39
CA PRO A 40 2.30 -10.20 18.41
C PRO A 40 3.51 -10.14 19.34
N VAL A 41 4.45 -11.04 19.14
CA VAL A 41 5.67 -11.08 19.96
C VAL A 41 6.67 -10.03 19.51
N LYS A 42 6.87 -9.93 18.20
CA LYS A 42 7.81 -8.96 17.63
C LYS A 42 7.11 -7.64 17.33
N ALA A 43 5.78 -7.69 17.19
CA ALA A 43 5.00 -6.50 16.91
C ALA A 43 4.41 -5.91 18.18
N VAL A 44 5.23 -5.85 19.23
CA VAL A 44 4.79 -5.30 20.51
C VAL A 44 5.05 -3.81 20.59
N TYR A 45 4.81 -3.11 19.49
CA TYR A 45 5.03 -1.67 19.43
C TYR A 45 3.71 -0.94 19.15
N ASN A 46 2.62 -1.46 19.69
CA ASN A 46 1.30 -0.86 19.50
C ASN A 46 1.03 -0.61 18.02
N VAL A 47 1.50 -1.52 17.17
CA VAL A 47 1.31 -1.38 15.73
C VAL A 47 1.18 0.08 15.32
N SER A 48 2.02 0.93 15.91
CA SER A 48 2.00 2.35 15.60
C SER A 48 3.02 2.70 14.53
N ASP A 49 4.28 2.38 14.81
CA ASP A 49 5.36 2.65 13.87
C ASP A 49 5.02 2.15 12.48
N PHE A 50 4.47 0.93 12.42
CA PHE A 50 4.09 0.34 11.15
C PHE A 50 3.07 1.20 10.41
N LEU A 51 2.11 1.73 11.16
CA LEU A 51 1.08 2.57 10.58
C LEU A 51 1.69 3.80 9.90
N MET A 52 2.21 4.72 10.70
CA MET A 52 2.84 5.93 10.19
C MET A 52 3.88 5.59 9.12
N ALA A 53 4.62 4.51 9.35
CA ALA A 53 5.65 4.09 8.42
C ALA A 53 5.05 3.72 7.06
N ILE A 54 4.26 2.65 7.04
CA ILE A 54 3.62 2.20 5.81
C ILE A 54 3.16 3.38 4.97
N VAL A 55 2.21 4.15 5.50
CA VAL A 55 1.68 5.31 4.80
C VAL A 55 2.78 6.03 4.02
N LYS A 56 3.87 6.35 4.71
CA LYS A 56 4.99 7.03 4.09
C LYS A 56 5.68 6.13 3.06
N LEU A 57 6.09 4.96 3.50
CA LEU A 57 6.77 4.00 2.62
C LEU A 57 6.02 3.88 1.29
N ALA A 58 4.77 3.42 1.36
CA ALA A 58 3.95 3.25 0.17
C ALA A 58 4.22 4.36 -0.84
N GLN A 59 3.97 5.60 -0.44
CA GLN A 59 4.18 6.74 -1.31
C GLN A 59 5.46 6.57 -2.14
N THR A 60 6.53 6.19 -1.47
CA THR A 60 7.81 5.99 -2.14
C THR A 60 7.76 4.79 -3.08
N ASN A 61 7.25 3.67 -2.57
CA ASN A 61 7.14 2.45 -3.36
C ASN A 61 6.21 2.66 -4.55
N LEU A 62 4.93 2.89 -4.27
CA LEU A 62 3.95 3.09 -5.31
C LEU A 62 4.48 4.04 -6.38
N ARG A 63 5.19 5.07 -5.95
CA ARG A 63 5.76 6.05 -6.87
C ARG A 63 6.59 5.36 -7.95
N ALA A 64 7.30 4.31 -7.56
CA ALA A 64 8.14 3.56 -8.49
C ALA A 64 7.30 2.92 -9.59
N ILE A 65 6.21 2.26 -9.19
CA ILE A 65 5.33 1.60 -10.15
C ILE A 65 4.30 2.58 -10.70
N ILE A 66 3.44 3.09 -9.83
CA ILE A 66 2.41 4.03 -10.23
C ILE A 66 3.01 5.20 -11.01
N GLY A 67 4.16 5.68 -10.56
CA GLY A 67 4.82 6.79 -11.23
C GLY A 67 4.91 6.58 -12.73
N GLU A 68 5.01 5.32 -13.15
CA GLU A 68 5.11 4.99 -14.56
C GLU A 68 3.93 4.14 -15.00
N MET A 69 3.09 4.70 -15.87
CA MET A 69 1.92 3.99 -16.38
C MET A 69 1.22 4.80 -17.46
N GLU A 70 0.08 4.30 -17.92
CA GLU A 70 -0.68 4.98 -18.97
C GLU A 70 -2.07 5.37 -18.47
N LEU A 71 -2.42 6.64 -18.66
CA LEU A 71 -3.72 7.15 -18.22
C LEU A 71 -4.80 6.09 -18.40
N ASP A 72 -4.62 5.23 -19.40
CA ASP A 72 -5.58 4.17 -19.67
C ASP A 72 -5.19 2.88 -18.97
N GLU A 73 -3.91 2.52 -19.07
CA GLU A 73 -3.41 1.30 -18.45
C GLU A 73 -3.72 1.29 -16.95
N THR A 74 -3.48 2.42 -16.30
CA THR A 74 -3.74 2.54 -14.86
C THR A 74 -4.95 1.72 -14.45
N LEU A 75 -6.12 2.11 -14.94
CA LEU A 75 -7.35 1.40 -14.62
C LEU A 75 -7.24 -0.08 -14.94
N SER A 76 -6.50 -0.40 -16.00
CA SER A 76 -6.30 -1.78 -16.42
C SER A 76 -5.42 -2.52 -15.43
N GLY A 77 -4.13 -2.17 -15.41
CA GLY A 77 -3.19 -2.81 -14.51
C GLY A 77 -3.42 -2.43 -13.07
N ARG A 78 -4.54 -2.90 -12.51
CA ARG A 78 -4.87 -2.60 -11.12
C ARG A 78 -4.46 -3.75 -10.20
N ASP A 79 -4.56 -4.97 -10.71
CA ASP A 79 -4.20 -6.15 -9.93
C ASP A 79 -2.68 -6.26 -9.77
N ILE A 80 -1.96 -5.80 -10.79
CA ILE A 80 -0.50 -5.85 -10.76
C ILE A 80 0.06 -4.88 -9.73
N ILE A 81 -0.47 -3.66 -9.73
CA ILE A 81 -0.02 -2.64 -8.79
C ILE A 81 -0.11 -3.14 -7.35
N ASN A 82 -1.28 -3.63 -6.97
CA ASN A 82 -1.50 -4.15 -5.62
C ASN A 82 -0.44 -5.17 -5.25
N ALA A 83 -0.10 -6.03 -6.22
CA ALA A 83 0.91 -7.07 -5.99
C ALA A 83 2.25 -6.45 -5.63
N ARG A 84 2.73 -5.54 -6.47
CA ARG A 84 4.01 -4.88 -6.24
C ARG A 84 4.05 -4.25 -4.85
N LEU A 85 3.31 -3.17 -4.67
CA LEU A 85 3.26 -2.46 -3.40
C LEU A 85 3.19 -3.45 -2.24
N ARG A 86 2.45 -4.54 -2.43
CA ARG A 86 2.31 -5.56 -1.41
C ARG A 86 3.65 -6.23 -1.12
N GLU A 87 4.38 -6.57 -2.17
CA GLU A 87 5.68 -7.22 -2.03
C GLU A 87 6.75 -6.21 -1.61
N GLU A 88 6.41 -4.93 -1.69
CA GLU A 88 7.33 -3.87 -1.30
C GLU A 88 7.22 -3.55 0.19
N LEU A 89 6.00 -3.57 0.70
CA LEU A 89 5.76 -3.29 2.11
C LEU A 89 5.71 -4.58 2.93
N ASP A 90 5.62 -5.70 2.23
CA ASP A 90 5.58 -7.01 2.89
C ASP A 90 6.96 -7.41 3.39
N LYS A 91 7.99 -6.84 2.78
CA LYS A 91 9.37 -7.13 3.16
C LYS A 91 9.84 -6.18 4.26
N ILE A 92 9.31 -4.97 4.27
CA ILE A 92 9.67 -3.97 5.25
C ILE A 92 8.89 -4.17 6.55
N THR A 93 7.78 -4.89 6.46
CA THR A 93 6.95 -5.15 7.62
C THR A 93 7.26 -6.52 8.22
N ASP A 94 7.72 -7.45 7.38
CA ASP A 94 8.05 -8.79 7.83
C ASP A 94 8.90 -8.75 9.09
N ARG A 95 9.85 -7.81 9.13
CA ARG A 95 10.72 -7.66 10.28
C ARG A 95 9.94 -7.21 11.52
N TRP A 96 8.89 -6.44 11.30
CA TRP A 96 8.06 -5.94 12.38
C TRP A 96 7.01 -6.97 12.78
N GLY A 97 7.20 -8.21 12.32
CA GLY A 97 6.26 -9.27 12.64
C GLY A 97 4.89 -9.03 12.03
N VAL A 98 4.86 -8.43 10.85
CA VAL A 98 3.61 -8.14 10.17
C VAL A 98 3.71 -8.46 8.68
N LYS A 99 2.60 -8.93 8.11
CA LYS A 99 2.57 -9.26 6.69
C LYS A 99 1.38 -8.59 6.00
N ILE A 100 1.63 -8.02 4.82
CA ILE A 100 0.58 -7.35 4.07
C ILE A 100 -0.42 -8.35 3.49
N THR A 101 -1.41 -8.70 4.29
CA THR A 101 -2.43 -9.66 3.86
C THR A 101 -2.80 -9.45 2.40
N ARG A 102 -3.03 -8.21 2.02
CA ARG A 102 -3.38 -7.88 0.64
C ARG A 102 -3.35 -6.37 0.41
N VAL A 103 -3.65 -5.96 -0.81
CA VAL A 103 -3.66 -4.54 -1.17
C VAL A 103 -4.82 -4.21 -2.09
N GLU A 104 -5.44 -3.05 -1.86
CA GLU A 104 -6.56 -2.61 -2.67
C GLU A 104 -6.29 -1.24 -3.28
N ILE A 105 -6.82 -1.01 -4.48
CA ILE A 105 -6.64 0.25 -5.17
C ILE A 105 -7.94 1.04 -5.23
N GLN A 106 -7.84 2.36 -5.08
CA GLN A 106 -9.01 3.23 -5.11
C GLN A 106 -9.11 3.95 -6.45
N ARG A 107 -10.30 4.45 -6.75
CA ARG A 107 -10.53 5.17 -8.00
C ARG A 107 -9.37 6.11 -8.31
N ILE A 108 -9.18 6.40 -9.60
CA ILE A 108 -8.11 7.28 -10.03
C ILE A 108 -8.65 8.57 -10.62
N ASP A 109 -7.84 9.61 -10.60
CA ASP A 109 -8.24 10.92 -11.13
C ASP A 109 -7.38 11.30 -12.34
N PRO A 110 -8.04 11.54 -13.47
CA PRO A 110 -7.36 11.93 -14.71
C PRO A 110 -6.76 13.33 -14.64
N PRO A 111 -5.95 13.68 -15.65
CA PRO A 111 -5.30 14.99 -15.73
C PRO A 111 -6.28 16.12 -15.99
N LYS A 112 -6.07 17.26 -15.35
CA LYS A 112 -6.95 18.41 -15.52
C LYS A 112 -6.72 19.07 -16.87
N ASP A 113 -7.64 19.94 -17.26
CA ASP A 113 -7.54 20.64 -18.54
C ASP A 113 -6.57 21.81 -18.45
N GLY A 1 0.60 -16.61 26.63
CA GLY A 1 -0.16 -15.61 25.91
C GLY A 1 -1.55 -16.07 25.56
N SER A 2 -2.26 -15.29 24.75
CA SER A 2 -3.62 -15.62 24.34
C SER A 2 -3.61 -16.66 23.23
N ASP A 3 -2.68 -16.52 22.29
CA ASP A 3 -2.56 -17.45 21.18
C ASP A 3 -3.88 -17.55 20.42
N HIS A 4 -4.61 -16.45 20.36
CA HIS A 4 -5.89 -16.41 19.67
C HIS A 4 -5.88 -15.36 18.56
N VAL A 5 -6.06 -15.79 17.32
CA VAL A 5 -6.08 -14.89 16.19
C VAL A 5 -7.00 -15.40 15.08
N ASP A 6 -7.93 -14.54 14.66
CA ASP A 6 -8.88 -14.91 13.60
C ASP A 6 -8.48 -14.27 12.27
N LEU A 7 -7.18 -14.27 11.99
CA LEU A 7 -6.67 -13.70 10.75
C LEU A 7 -7.27 -12.30 10.51
N ARG A 8 -7.65 -11.64 11.59
CA ARG A 8 -8.23 -10.31 11.50
C ARG A 8 -7.23 -9.32 10.88
N GLU A 9 -7.57 -8.81 9.71
CA GLU A 9 -6.71 -7.86 9.01
C GLU A 9 -7.25 -6.44 9.14
N HIS A 10 -6.35 -5.47 9.02
CA HIS A 10 -6.74 -4.06 9.13
C HIS A 10 -6.33 -3.29 7.88
N VAL A 11 -7.11 -2.27 7.53
CA VAL A 11 -6.82 -1.45 6.36
C VAL A 11 -6.01 -0.21 6.74
N ILE A 12 -5.12 0.21 5.85
CA ILE A 12 -4.30 1.38 6.08
C ILE A 12 -4.65 2.52 5.13
N ASP A 13 -4.98 3.68 5.68
CA ASP A 13 -5.34 4.84 4.87
C ASP A 13 -4.10 5.66 4.53
N VAL A 14 -3.68 5.59 3.27
CA VAL A 14 -2.51 6.33 2.81
C VAL A 14 -2.92 7.53 1.96
N PRO A 15 -2.24 8.67 2.19
CA PRO A 15 -2.51 9.91 1.44
C PRO A 15 -2.08 9.82 -0.01
N PRO A 16 -2.85 10.47 -0.90
CA PRO A 16 -2.56 10.48 -2.34
C PRO A 16 -1.32 11.29 -2.67
N GLN A 17 -0.75 11.03 -3.85
CA GLN A 17 0.45 11.73 -4.29
C GLN A 17 0.45 11.90 -5.80
N GLU A 18 0.41 13.16 -6.26
CA GLU A 18 0.41 13.44 -7.69
C GLU A 18 1.77 13.15 -8.31
N VAL A 19 1.81 12.23 -9.25
CA VAL A 19 3.05 11.86 -9.92
C VAL A 19 2.87 11.84 -11.44
N ILE A 20 3.80 12.46 -12.14
CA ILE A 20 3.75 12.52 -13.60
C ILE A 20 3.81 11.11 -14.20
N CYS A 21 2.72 10.70 -14.83
CA CYS A 21 2.64 9.38 -15.45
C CYS A 21 3.66 9.24 -16.57
N LYS A 22 3.66 8.10 -17.24
CA LYS A 22 4.58 7.84 -18.33
C LYS A 22 4.35 8.83 -19.47
N ASP A 23 3.10 9.02 -19.86
CA ASP A 23 2.75 9.93 -20.93
C ASP A 23 2.64 11.36 -20.41
N ASN A 24 3.45 11.69 -19.40
CA ASN A 24 3.45 13.02 -18.81
C ASN A 24 2.03 13.44 -18.42
N VAL A 25 1.32 12.54 -17.73
CA VAL A 25 -0.05 12.82 -17.30
C VAL A 25 -0.12 12.91 -15.79
N VAL A 26 -0.34 14.14 -15.29
CA VAL A 26 -0.44 14.36 -13.85
C VAL A 26 -1.78 13.88 -13.31
N VAL A 27 -1.75 12.78 -12.56
CA VAL A 27 -2.96 12.22 -11.98
C VAL A 27 -2.75 11.84 -10.53
N THR A 28 -3.83 11.83 -9.75
CA THR A 28 -3.76 11.49 -8.34
C THR A 28 -4.09 10.02 -8.11
N VAL A 29 -3.21 9.32 -7.40
CA VAL A 29 -3.41 7.91 -7.11
C VAL A 29 -3.59 7.66 -5.62
N ASP A 30 -4.37 6.63 -5.28
CA ASP A 30 -4.62 6.30 -3.89
C ASP A 30 -5.08 4.84 -3.76
N ALA A 31 -4.41 4.09 -2.89
CA ALA A 31 -4.74 2.69 -2.67
C ALA A 31 -4.58 2.30 -1.21
N VAL A 32 -5.36 1.33 -0.76
CA VAL A 32 -5.30 0.87 0.62
C VAL A 32 -4.42 -0.36 0.76
N VAL A 33 -3.86 -0.56 1.94
CA VAL A 33 -2.99 -1.71 2.19
C VAL A 33 -3.44 -2.47 3.44
N TYR A 34 -3.64 -3.77 3.28
CA TYR A 34 -4.07 -4.61 4.41
C TYR A 34 -2.88 -5.11 5.21
N TYR A 35 -3.13 -5.52 6.44
CA TYR A 35 -2.07 -6.02 7.32
C TYR A 35 -2.66 -6.75 8.52
N GLN A 36 -1.89 -7.68 9.07
CA GLN A 36 -2.34 -8.44 10.23
C GLN A 36 -1.16 -8.86 11.10
N VAL A 37 -1.25 -8.57 12.40
CA VAL A 37 -0.19 -8.90 13.33
C VAL A 37 -0.03 -10.43 13.46
N ILE A 38 0.84 -10.99 12.63
CA ILE A 38 1.09 -12.43 12.65
C ILE A 38 1.87 -12.83 13.90
N ASP A 39 2.42 -11.84 14.60
CA ASP A 39 3.19 -12.09 15.80
C ASP A 39 3.25 -10.85 16.69
N PRO A 40 2.48 -10.86 17.78
CA PRO A 40 2.43 -9.75 18.73
C PRO A 40 3.73 -9.58 19.51
N VAL A 41 4.59 -10.59 19.45
CA VAL A 41 5.86 -10.56 20.15
C VAL A 41 6.83 -9.60 19.48
N LYS A 42 6.67 -9.40 18.18
CA LYS A 42 7.52 -8.51 17.42
C LYS A 42 6.83 -7.16 17.18
N ALA A 43 5.51 -7.15 17.28
CA ALA A 43 4.73 -5.94 17.08
C ALA A 43 4.12 -5.45 18.40
N VAL A 44 4.95 -5.39 19.43
CA VAL A 44 4.50 -4.94 20.74
C VAL A 44 4.49 -3.42 20.83
N TYR A 45 4.82 -2.77 19.73
CA TYR A 45 4.85 -1.31 19.68
C TYR A 45 3.47 -0.74 19.40
N ASN A 46 2.45 -1.51 19.75
CA ASN A 46 1.06 -1.08 19.53
C ASN A 46 0.78 -0.88 18.05
N VAL A 47 1.46 -1.65 17.21
CA VAL A 47 1.27 -1.56 15.77
C VAL A 47 0.98 -0.12 15.34
N SER A 48 1.69 0.83 15.95
CA SER A 48 1.51 2.24 15.65
C SER A 48 2.53 2.70 14.61
N ASP A 49 3.80 2.58 14.95
CA ASP A 49 4.89 2.98 14.05
C ASP A 49 4.68 2.38 12.67
N PHE A 50 4.18 1.15 12.62
CA PHE A 50 3.94 0.46 11.37
C PHE A 50 2.87 1.18 10.55
N LEU A 51 1.89 1.75 11.25
CA LEU A 51 0.80 2.46 10.59
C LEU A 51 1.31 3.72 9.90
N MET A 52 1.95 4.60 10.67
CA MET A 52 2.49 5.84 10.13
C MET A 52 3.65 5.56 9.18
N ALA A 53 4.32 4.44 9.38
CA ALA A 53 5.45 4.06 8.54
C ALA A 53 4.97 3.51 7.20
N ILE A 54 4.02 2.59 7.23
CA ILE A 54 3.48 2.00 6.02
C ILE A 54 3.16 3.07 4.98
N VAL A 55 2.24 3.96 5.33
CA VAL A 55 1.85 5.03 4.42
C VAL A 55 3.06 5.82 3.94
N LYS A 56 4.12 5.81 4.75
CA LYS A 56 5.35 6.52 4.41
C LYS A 56 6.23 5.67 3.48
N LEU A 57 6.07 4.35 3.56
CA LEU A 57 6.85 3.44 2.73
C LEU A 57 6.29 3.40 1.31
N ALA A 58 4.98 3.29 1.19
CA ALA A 58 4.33 3.23 -0.11
C ALA A 58 4.72 4.44 -0.96
N GLN A 59 4.52 5.63 -0.41
CA GLN A 59 4.84 6.87 -1.12
C GLN A 59 6.16 6.72 -1.88
N THR A 60 7.04 5.86 -1.38
CA THR A 60 8.34 5.64 -2.01
C THR A 60 8.26 4.48 -3.00
N ASN A 61 7.50 3.45 -2.65
CA ASN A 61 7.35 2.29 -3.51
C ASN A 61 6.44 2.59 -4.69
N LEU A 62 5.22 3.00 -4.39
CA LEU A 62 4.24 3.33 -5.43
C LEU A 62 4.84 4.29 -6.45
N ARG A 63 5.60 5.27 -5.95
CA ARG A 63 6.22 6.27 -6.82
C ARG A 63 7.06 5.59 -7.90
N ALA A 64 7.48 4.35 -7.63
CA ALA A 64 8.29 3.60 -8.59
C ALA A 64 7.43 3.05 -9.72
N ILE A 65 6.43 2.26 -9.38
CA ILE A 65 5.53 1.68 -10.37
C ILE A 65 4.54 2.71 -10.88
N ILE A 66 3.70 3.21 -9.99
CA ILE A 66 2.69 4.21 -10.36
C ILE A 66 3.34 5.38 -11.08
N GLY A 67 4.50 5.81 -10.61
CA GLY A 67 5.19 6.92 -11.22
C GLY A 67 5.35 6.76 -12.72
N GLU A 68 5.23 5.52 -13.19
CA GLU A 68 5.35 5.23 -14.61
C GLU A 68 4.20 4.37 -15.10
N MET A 69 3.36 4.94 -15.96
CA MET A 69 2.21 4.22 -16.49
C MET A 69 1.51 5.05 -17.57
N GLU A 70 0.39 4.54 -18.07
CA GLU A 70 -0.37 5.23 -19.10
C GLU A 70 -1.80 5.47 -18.66
N LEU A 71 -2.20 6.73 -18.61
CA LEU A 71 -3.55 7.10 -18.19
C LEU A 71 -4.57 6.06 -18.67
N ASP A 72 -4.29 5.44 -19.81
CA ASP A 72 -5.17 4.43 -20.37
C ASP A 72 -5.04 3.11 -19.62
N GLU A 73 -3.84 2.53 -19.65
CA GLU A 73 -3.58 1.27 -18.98
C GLU A 73 -3.95 1.36 -17.49
N THR A 74 -3.52 2.44 -16.85
CA THR A 74 -3.81 2.65 -15.44
C THR A 74 -5.25 2.27 -15.10
N LEU A 75 -6.19 2.84 -15.85
CA LEU A 75 -7.60 2.57 -15.64
C LEU A 75 -7.82 1.12 -15.23
N SER A 76 -7.23 0.20 -15.99
CA SER A 76 -7.36 -1.23 -15.71
C SER A 76 -6.00 -1.87 -15.50
N GLY A 77 -5.51 -1.83 -14.26
CA GLY A 77 -4.21 -2.41 -13.95
C GLY A 77 -3.91 -2.40 -12.48
N ARG A 78 -4.95 -2.59 -11.66
CA ARG A 78 -4.79 -2.61 -10.21
C ARG A 78 -4.23 -3.94 -9.73
N ASP A 79 -4.58 -5.01 -10.44
CA ASP A 79 -4.13 -6.35 -10.09
C ASP A 79 -2.61 -6.38 -9.91
N ILE A 80 -1.91 -5.61 -10.73
CA ILE A 80 -0.45 -5.54 -10.66
C ILE A 80 0.00 -4.48 -9.66
N ILE A 81 -0.47 -3.24 -9.87
CA ILE A 81 -0.12 -2.14 -8.99
C ILE A 81 -0.15 -2.57 -7.52
N ASN A 82 -1.11 -3.42 -7.19
CA ASN A 82 -1.27 -3.92 -5.83
C ASN A 82 -0.30 -5.06 -5.55
N ALA A 83 0.00 -5.84 -6.58
CA ALA A 83 0.91 -6.96 -6.46
C ALA A 83 2.29 -6.51 -6.00
N ARG A 84 2.86 -5.57 -6.75
CA ARG A 84 4.19 -5.05 -6.44
C ARG A 84 4.23 -4.48 -5.02
N LEU A 85 3.44 -3.44 -4.79
CA LEU A 85 3.38 -2.81 -3.47
C LEU A 85 3.35 -3.86 -2.36
N ARG A 86 2.42 -4.79 -2.47
CA ARG A 86 2.29 -5.86 -1.49
C ARG A 86 3.65 -6.44 -1.12
N GLU A 87 4.49 -6.63 -2.14
CA GLU A 87 5.83 -7.19 -1.93
C GLU A 87 6.81 -6.10 -1.51
N GLU A 88 6.51 -4.86 -1.88
CA GLU A 88 7.36 -3.73 -1.55
C GLU A 88 7.13 -3.28 -0.11
N LEU A 89 6.08 -3.81 0.51
CA LEU A 89 5.74 -3.46 1.88
C LEU A 89 5.82 -4.68 2.79
N ASP A 90 5.37 -5.82 2.27
CA ASP A 90 5.40 -7.06 3.04
C ASP A 90 6.82 -7.47 3.39
N LYS A 91 7.79 -6.74 2.83
CA LYS A 91 9.20 -7.02 3.09
C LYS A 91 9.70 -6.20 4.28
N ILE A 92 9.14 -5.01 4.45
CA ILE A 92 9.53 -4.14 5.55
C ILE A 92 8.73 -4.45 6.82
N THR A 93 7.60 -5.15 6.64
CA THR A 93 6.75 -5.52 7.76
C THR A 93 7.08 -6.91 8.27
N ASP A 94 7.82 -7.67 7.47
CA ASP A 94 8.21 -9.03 7.83
C ASP A 94 9.16 -9.02 9.03
N ARG A 95 9.71 -7.85 9.33
CA ARG A 95 10.64 -7.70 10.45
C ARG A 95 9.91 -7.20 11.70
N TRP A 96 8.77 -6.56 11.49
CA TRP A 96 7.97 -6.03 12.59
C TRP A 96 6.92 -7.03 13.03
N GLY A 97 6.95 -8.22 12.44
CA GLY A 97 5.98 -9.24 12.78
C GLY A 97 4.63 -9.01 12.13
N VAL A 98 4.62 -8.25 11.03
CA VAL A 98 3.39 -7.95 10.32
C VAL A 98 3.48 -8.39 8.86
N LYS A 99 2.43 -9.03 8.37
CA LYS A 99 2.38 -9.49 6.99
C LYS A 99 1.21 -8.88 6.24
N ILE A 100 1.48 -8.33 5.06
CA ILE A 100 0.45 -7.71 4.24
C ILE A 100 -0.46 -8.76 3.61
N THR A 101 -1.54 -9.09 4.29
CA THR A 101 -2.49 -10.09 3.80
C THR A 101 -2.81 -9.85 2.33
N ARG A 102 -3.04 -8.59 1.97
CA ARG A 102 -3.35 -8.23 0.59
C ARG A 102 -3.27 -6.73 0.39
N VAL A 103 -3.51 -6.28 -0.85
CA VAL A 103 -3.45 -4.87 -1.17
C VAL A 103 -4.61 -4.47 -2.08
N GLU A 104 -5.41 -3.50 -1.63
CA GLU A 104 -6.56 -3.03 -2.39
C GLU A 104 -6.25 -1.67 -3.03
N ILE A 105 -6.68 -1.51 -4.28
CA ILE A 105 -6.46 -0.27 -5.00
C ILE A 105 -7.78 0.46 -5.26
N GLN A 106 -7.74 1.78 -5.17
CA GLN A 106 -8.94 2.59 -5.40
C GLN A 106 -8.90 3.25 -6.78
N ARG A 107 -10.07 3.64 -7.28
CA ARG A 107 -10.16 4.28 -8.58
C ARG A 107 -9.11 5.38 -8.72
N ILE A 108 -8.81 5.76 -9.97
CA ILE A 108 -7.83 6.79 -10.24
C ILE A 108 -8.51 8.08 -10.71
N ASP A 109 -7.82 9.20 -10.54
CA ASP A 109 -8.35 10.49 -10.95
C ASP A 109 -7.66 10.98 -12.22
N PRO A 110 -8.45 11.19 -13.29
CA PRO A 110 -7.94 11.65 -14.58
C PRO A 110 -7.47 13.10 -14.53
N PRO A 111 -6.69 13.51 -15.54
CA PRO A 111 -6.15 14.87 -15.63
C PRO A 111 -7.24 15.90 -15.93
N LYS A 112 -7.38 16.88 -15.04
CA LYS A 112 -8.38 17.93 -15.22
C LYS A 112 -8.34 18.50 -16.63
N ASP A 113 -9.46 19.06 -17.07
CA ASP A 113 -9.55 19.65 -18.40
C ASP A 113 -8.28 20.44 -18.74
N GLY A 1 -5.12 -15.13 29.20
CA GLY A 1 -6.40 -15.78 28.98
C GLY A 1 -6.32 -16.95 28.03
N SER A 2 -6.30 -16.66 26.74
CA SER A 2 -6.23 -17.70 25.71
C SER A 2 -5.79 -17.12 24.38
N ASP A 3 -4.86 -17.80 23.71
CA ASP A 3 -4.36 -17.35 22.42
C ASP A 3 -5.52 -16.91 21.52
N HIS A 4 -5.18 -16.21 20.44
CA HIS A 4 -6.18 -15.73 19.49
C HIS A 4 -6.38 -16.73 18.35
N VAL A 5 -7.61 -16.83 17.87
CA VAL A 5 -7.94 -17.74 16.79
C VAL A 5 -8.61 -17.01 15.63
N ASP A 6 -8.11 -15.81 15.34
CA ASP A 6 -8.66 -15.01 14.25
C ASP A 6 -7.56 -14.25 13.52
N LEU A 7 -7.56 -14.34 12.19
CA LEU A 7 -6.56 -13.66 11.38
C LEU A 7 -7.05 -12.29 10.94
N ARG A 8 -7.96 -11.72 11.72
CA ARG A 8 -8.51 -10.40 11.42
C ARG A 8 -7.43 -9.48 10.86
N GLU A 9 -7.78 -8.74 9.80
CA GLU A 9 -6.84 -7.82 9.17
C GLU A 9 -7.34 -6.39 9.26
N HIS A 10 -6.41 -5.43 9.15
CA HIS A 10 -6.77 -4.02 9.21
C HIS A 10 -6.29 -3.28 7.97
N VAL A 11 -7.04 -2.27 7.55
CA VAL A 11 -6.69 -1.49 6.37
C VAL A 11 -5.93 -0.22 6.75
N ILE A 12 -5.00 0.18 5.90
CA ILE A 12 -4.20 1.37 6.15
C ILE A 12 -4.65 2.53 5.25
N ASP A 13 -4.88 3.68 5.87
CA ASP A 13 -5.30 4.86 5.12
C ASP A 13 -4.10 5.72 4.73
N VAL A 14 -3.61 5.51 3.51
CA VAL A 14 -2.47 6.26 3.01
C VAL A 14 -2.91 7.41 2.12
N PRO A 15 -2.28 8.58 2.29
CA PRO A 15 -2.60 9.78 1.51
C PRO A 15 -2.15 9.65 0.06
N PRO A 16 -2.89 10.31 -0.86
CA PRO A 16 -2.58 10.29 -2.29
C PRO A 16 -1.31 11.05 -2.63
N GLN A 17 -0.83 10.89 -3.85
CA GLN A 17 0.38 11.57 -4.29
C GLN A 17 0.30 11.91 -5.78
N GLU A 18 0.35 13.21 -6.08
CA GLU A 18 0.29 13.67 -7.46
C GLU A 18 1.61 13.46 -8.18
N VAL A 19 1.67 12.43 -9.01
CA VAL A 19 2.89 12.11 -9.75
C VAL A 19 2.65 12.21 -11.25
N ILE A 20 3.69 12.58 -11.99
CA ILE A 20 3.60 12.71 -13.43
C ILE A 20 3.70 11.35 -14.12
N CYS A 21 2.56 10.87 -14.62
CA CYS A 21 2.52 9.58 -15.30
C CYS A 21 3.59 9.50 -16.38
N LYS A 22 3.57 8.41 -17.15
CA LYS A 22 4.54 8.21 -18.22
C LYS A 22 4.31 9.21 -19.35
N ASP A 23 3.04 9.41 -19.71
CA ASP A 23 2.69 10.33 -20.77
C ASP A 23 2.58 11.76 -20.24
N ASN A 24 3.45 12.09 -19.28
CA ASN A 24 3.45 13.43 -18.69
C ASN A 24 2.05 13.83 -18.23
N VAL A 25 1.35 12.88 -17.60
CA VAL A 25 -0.01 13.14 -17.11
C VAL A 25 -0.05 13.11 -15.59
N VAL A 26 -0.27 14.27 -14.99
CA VAL A 26 -0.35 14.38 -13.54
C VAL A 26 -1.72 13.97 -13.03
N VAL A 27 -1.76 12.87 -12.28
CA VAL A 27 -3.01 12.36 -11.73
C VAL A 27 -2.85 11.99 -10.25
N THR A 28 -3.93 12.10 -9.50
CA THR A 28 -3.91 11.78 -8.08
C THR A 28 -4.24 10.31 -7.84
N VAL A 29 -3.25 9.54 -7.44
CA VAL A 29 -3.44 8.12 -7.18
C VAL A 29 -3.46 7.82 -5.68
N ASP A 30 -4.06 6.69 -5.31
CA ASP A 30 -4.15 6.30 -3.91
C ASP A 30 -4.63 4.86 -3.78
N ALA A 31 -4.10 4.15 -2.80
CA ALA A 31 -4.47 2.76 -2.56
C ALA A 31 -4.28 2.38 -1.09
N VAL A 32 -5.14 1.50 -0.59
CA VAL A 32 -5.05 1.05 0.79
C VAL A 32 -4.25 -0.24 0.89
N VAL A 33 -3.73 -0.50 2.09
CA VAL A 33 -2.93 -1.70 2.33
C VAL A 33 -3.45 -2.47 3.54
N TYR A 34 -3.51 -3.79 3.41
CA TYR A 34 -3.99 -4.64 4.49
C TYR A 34 -2.83 -5.24 5.27
N TYR A 35 -3.10 -5.69 6.50
CA TYR A 35 -2.07 -6.28 7.35
C TYR A 35 -2.70 -7.01 8.53
N GLN A 36 -1.98 -7.99 9.06
CA GLN A 36 -2.46 -8.77 10.19
C GLN A 36 -1.32 -9.08 11.16
N VAL A 37 -1.49 -8.65 12.40
CA VAL A 37 -0.47 -8.89 13.43
C VAL A 37 -0.32 -10.37 13.73
N ILE A 38 0.62 -11.02 13.05
CA ILE A 38 0.85 -12.44 13.24
C ILE A 38 1.71 -12.69 14.47
N ASP A 39 2.58 -11.73 14.80
CA ASP A 39 3.45 -11.84 15.96
C ASP A 39 3.33 -10.61 16.85
N PRO A 40 2.50 -10.72 17.90
CA PRO A 40 2.28 -9.63 18.85
C PRO A 40 3.50 -9.36 19.72
N VAL A 41 4.56 -10.12 19.49
CA VAL A 41 5.79 -9.97 20.26
C VAL A 41 6.64 -8.83 19.71
N LYS A 42 6.76 -8.77 18.39
CA LYS A 42 7.54 -7.73 17.74
C LYS A 42 6.69 -6.48 17.49
N ALA A 43 5.40 -6.69 17.25
CA ALA A 43 4.48 -5.58 17.01
C ALA A 43 3.91 -5.05 18.32
N VAL A 44 4.76 -4.98 19.35
CA VAL A 44 4.34 -4.49 20.66
C VAL A 44 4.46 -2.98 20.73
N TYR A 45 4.67 -2.34 19.58
CA TYR A 45 4.80 -0.89 19.52
C TYR A 45 3.45 -0.24 19.23
N ASN A 46 2.39 -0.82 19.77
CA ASN A 46 1.05 -0.29 19.58
C ASN A 46 0.75 -0.09 18.10
N VAL A 47 1.33 -0.93 17.27
CA VAL A 47 1.14 -0.85 15.82
C VAL A 47 0.99 0.60 15.37
N SER A 48 1.80 1.49 15.95
CA SER A 48 1.77 2.90 15.61
C SER A 48 2.83 3.24 14.58
N ASP A 49 4.00 2.63 14.73
CA ASP A 49 5.11 2.89 13.81
C ASP A 49 4.82 2.29 12.44
N PHE A 50 4.31 1.06 12.42
CA PHE A 50 3.99 0.38 11.18
C PHE A 50 2.91 1.14 10.41
N LEU A 51 2.02 1.79 11.14
CA LEU A 51 0.94 2.55 10.53
C LEU A 51 1.49 3.67 9.66
N MET A 52 2.25 4.57 10.29
CA MET A 52 2.84 5.70 9.57
C MET A 52 3.95 5.23 8.63
N ALA A 53 4.71 4.24 9.08
CA ALA A 53 5.80 3.69 8.28
C ALA A 53 5.28 3.09 6.97
N ILE A 54 4.15 2.40 7.06
CA ILE A 54 3.54 1.77 5.90
C ILE A 54 3.13 2.82 4.86
N VAL A 55 2.37 3.80 5.30
CA VAL A 55 1.90 4.87 4.42
C VAL A 55 3.07 5.70 3.91
N LYS A 56 4.19 5.64 4.63
CA LYS A 56 5.38 6.40 4.26
C LYS A 56 6.29 5.57 3.36
N LEU A 57 6.05 4.26 3.33
CA LEU A 57 6.85 3.35 2.50
C LEU A 57 6.26 3.23 1.11
N ALA A 58 4.94 3.18 1.03
CA ALA A 58 4.25 3.07 -0.26
C ALA A 58 4.50 4.30 -1.12
N GLN A 59 4.35 5.48 -0.53
CA GLN A 59 4.56 6.72 -1.25
C GLN A 59 5.83 6.67 -2.09
N THR A 60 6.81 5.91 -1.62
CA THR A 60 8.08 5.76 -2.33
C THR A 60 8.01 4.63 -3.35
N ASN A 61 7.54 3.46 -2.90
CA ASN A 61 7.43 2.31 -3.79
C ASN A 61 6.45 2.58 -4.93
N LEU A 62 5.21 2.89 -4.56
CA LEU A 62 4.18 3.18 -5.56
C LEU A 62 4.68 4.17 -6.59
N ARG A 63 5.37 5.20 -6.13
CA ARG A 63 5.91 6.24 -7.00
C ARG A 63 6.71 5.61 -8.14
N ALA A 64 7.51 4.60 -7.81
CA ALA A 64 8.32 3.91 -8.80
C ALA A 64 7.47 3.37 -9.93
N ILE A 65 6.51 2.52 -9.59
CA ILE A 65 5.62 1.92 -10.57
C ILE A 65 4.57 2.92 -11.05
N ILE A 66 3.73 3.38 -10.12
CA ILE A 66 2.69 4.34 -10.45
C ILE A 66 3.25 5.52 -11.23
N GLY A 67 4.39 6.04 -10.79
CA GLY A 67 5.02 7.16 -11.47
C GLY A 67 5.04 6.99 -12.97
N GLU A 68 5.09 5.74 -13.42
CA GLU A 68 5.12 5.44 -14.85
C GLU A 68 3.94 4.57 -15.25
N MET A 69 3.04 5.13 -16.06
CA MET A 69 1.86 4.40 -16.52
C MET A 69 1.09 5.20 -17.56
N GLU A 70 -0.05 4.67 -17.98
CA GLU A 70 -0.88 5.35 -18.98
C GLU A 70 -2.27 5.62 -18.43
N LEU A 71 -2.72 6.87 -18.59
CA LEU A 71 -4.04 7.26 -18.11
C LEU A 71 -5.05 6.13 -18.29
N ASP A 72 -4.83 5.30 -19.29
CA ASP A 72 -5.72 4.17 -19.56
C ASP A 72 -5.27 2.93 -18.79
N GLU A 73 -4.07 2.45 -19.11
CA GLU A 73 -3.54 1.26 -18.45
C GLU A 73 -3.83 1.30 -16.95
N THR A 74 -3.64 2.46 -16.33
CA THR A 74 -3.88 2.63 -14.91
C THR A 74 -5.14 1.87 -14.48
N LEU A 75 -6.29 2.35 -14.91
CA LEU A 75 -7.56 1.72 -14.56
C LEU A 75 -7.56 0.25 -14.96
N SER A 76 -6.81 -0.07 -16.01
CA SER A 76 -6.73 -1.44 -16.50
C SER A 76 -5.38 -2.06 -16.17
N GLY A 77 -4.89 -1.78 -14.96
CA GLY A 77 -3.60 -2.32 -14.54
C GLY A 77 -3.38 -2.18 -13.05
N ARG A 78 -4.20 -2.86 -12.26
CA ARG A 78 -4.08 -2.80 -10.80
C ARG A 78 -3.45 -4.07 -10.26
N ASP A 79 -3.79 -5.20 -10.87
CA ASP A 79 -3.25 -6.49 -10.44
C ASP A 79 -1.72 -6.45 -10.36
N ILE A 80 -1.12 -5.59 -11.17
CA ILE A 80 0.33 -5.44 -11.20
C ILE A 80 0.80 -4.42 -10.18
N ILE A 81 0.16 -3.25 -10.17
CA ILE A 81 0.51 -2.19 -9.23
C ILE A 81 0.49 -2.70 -7.80
N ASN A 82 -0.59 -3.39 -7.44
CA ASN A 82 -0.73 -3.93 -6.09
C ASN A 82 0.25 -5.08 -5.85
N ALA A 83 0.38 -5.95 -6.84
CA ALA A 83 1.28 -7.09 -6.74
C ALA A 83 2.65 -6.65 -6.23
N ARG A 84 3.19 -5.60 -6.82
CA ARG A 84 4.51 -5.09 -6.42
C ARG A 84 4.48 -4.57 -4.99
N LEU A 85 3.66 -3.55 -4.75
CA LEU A 85 3.54 -2.96 -3.42
C LEU A 85 3.35 -4.04 -2.37
N ARG A 86 2.29 -4.84 -2.51
CA ARG A 86 2.00 -5.91 -1.57
C ARG A 86 3.28 -6.63 -1.16
N GLU A 87 4.17 -6.85 -2.13
CA GLU A 87 5.43 -7.53 -1.86
C GLU A 87 6.43 -6.60 -1.20
N GLU A 88 6.54 -5.39 -1.74
CA GLU A 88 7.46 -4.39 -1.20
C GLU A 88 7.16 -4.11 0.27
N LEU A 89 5.90 -4.28 0.65
CA LEU A 89 5.47 -4.04 2.02
C LEU A 89 5.45 -5.34 2.82
N ASP A 90 5.17 -6.44 2.14
CA ASP A 90 5.11 -7.75 2.78
C ASP A 90 6.50 -8.17 3.27
N LYS A 91 7.53 -7.56 2.71
CA LYS A 91 8.90 -7.86 3.09
C LYS A 91 9.39 -6.89 4.17
N ILE A 92 8.82 -5.70 4.20
CA ILE A 92 9.19 -4.69 5.18
C ILE A 92 8.41 -4.87 6.48
N THR A 93 7.41 -5.75 6.45
CA THR A 93 6.59 -6.01 7.63
C THR A 93 6.99 -7.32 8.29
N ASP A 94 7.34 -8.31 7.49
CA ASP A 94 7.74 -9.62 7.99
C ASP A 94 8.66 -9.46 9.21
N ARG A 95 9.37 -8.35 9.27
CA ARG A 95 10.28 -8.08 10.37
C ARG A 95 9.52 -7.57 11.60
N TRP A 96 8.51 -6.74 11.34
CA TRP A 96 7.71 -6.17 12.43
C TRP A 96 6.60 -7.12 12.83
N GLY A 97 6.89 -8.42 12.76
CA GLY A 97 5.90 -9.42 13.14
C GLY A 97 4.56 -9.19 12.47
N VAL A 98 4.58 -8.49 11.34
CA VAL A 98 3.36 -8.20 10.59
C VAL A 98 3.52 -8.54 9.12
N LYS A 99 2.45 -9.04 8.51
CA LYS A 99 2.46 -9.42 7.11
C LYS A 99 1.26 -8.82 6.37
N ILE A 100 1.45 -8.49 5.10
CA ILE A 100 0.38 -7.91 4.30
C ILE A 100 -0.52 -9.01 3.73
N THR A 101 -1.74 -9.09 4.24
CA THR A 101 -2.70 -10.09 3.78
C THR A 101 -3.07 -9.86 2.32
N ARG A 102 -3.30 -8.60 1.96
CA ARG A 102 -3.67 -8.25 0.60
C ARG A 102 -3.54 -6.75 0.37
N VAL A 103 -3.88 -6.31 -0.85
CA VAL A 103 -3.81 -4.89 -1.19
C VAL A 103 -4.98 -4.48 -2.07
N GLU A 104 -5.55 -3.31 -1.77
CA GLU A 104 -6.68 -2.80 -2.53
C GLU A 104 -6.37 -1.42 -3.10
N ILE A 105 -6.76 -1.20 -4.36
CA ILE A 105 -6.52 0.07 -5.03
C ILE A 105 -7.78 0.93 -5.01
N GLN A 106 -7.59 2.23 -4.81
CA GLN A 106 -8.70 3.17 -4.77
C GLN A 106 -8.90 3.83 -6.13
N ARG A 107 -10.09 4.40 -6.33
CA ARG A 107 -10.41 5.06 -7.59
C ARG A 107 -9.29 6.01 -8.01
N ILE A 108 -9.30 6.40 -9.28
CA ILE A 108 -8.28 7.30 -9.80
C ILE A 108 -8.90 8.59 -10.33
N ASP A 109 -8.10 9.64 -10.39
CA ASP A 109 -8.58 10.94 -10.87
C ASP A 109 -7.68 11.47 -11.98
N PRO A 110 -8.30 11.95 -13.07
CA PRO A 110 -7.58 12.49 -14.22
C PRO A 110 -6.89 13.82 -13.90
N PRO A 111 -6.03 14.27 -14.82
CA PRO A 111 -5.29 15.53 -14.66
C PRO A 111 -6.20 16.75 -14.78
N LYS A 112 -5.70 17.89 -14.33
CA LYS A 112 -6.46 19.13 -14.38
C LYS A 112 -7.14 19.29 -15.73
N ASP A 113 -8.34 19.89 -15.72
CA ASP A 113 -9.10 20.10 -16.95
C ASP A 113 -8.48 21.22 -17.77
N GLY A 1 -5.52 -12.04 25.85
CA GLY A 1 -6.81 -11.40 25.79
C GLY A 1 -7.85 -12.26 25.10
N SER A 2 -7.47 -12.86 23.97
CA SER A 2 -8.38 -13.69 23.21
C SER A 2 -7.64 -14.89 22.62
N ASP A 3 -8.32 -16.04 22.56
CA ASP A 3 -7.73 -17.24 22.01
C ASP A 3 -8.24 -17.51 20.60
N HIS A 4 -9.56 -17.54 20.45
CA HIS A 4 -10.18 -17.78 19.16
C HIS A 4 -10.36 -16.48 18.38
N VAL A 5 -9.54 -16.30 17.34
CA VAL A 5 -9.61 -15.10 16.52
C VAL A 5 -9.65 -15.46 15.04
N ASP A 6 -9.74 -14.43 14.19
CA ASP A 6 -9.79 -14.63 12.74
C ASP A 6 -8.80 -13.71 12.04
N LEU A 7 -7.61 -13.56 12.62
CA LEU A 7 -6.59 -12.71 12.05
C LEU A 7 -7.20 -11.48 11.39
N ARG A 8 -8.29 -10.98 11.95
CA ARG A 8 -8.98 -9.81 11.42
C ARG A 8 -7.98 -8.81 10.85
N GLU A 9 -7.95 -8.69 9.54
CA GLU A 9 -7.04 -7.76 8.87
C GLU A 9 -7.54 -6.33 8.99
N HIS A 10 -6.62 -5.38 8.99
CA HIS A 10 -6.96 -3.97 9.09
C HIS A 10 -6.46 -3.20 7.87
N VAL A 11 -7.15 -2.11 7.54
CA VAL A 11 -6.80 -1.28 6.39
C VAL A 11 -5.98 -0.07 6.84
N ILE A 12 -5.19 0.48 5.92
CA ILE A 12 -4.38 1.64 6.21
C ILE A 12 -4.77 2.83 5.34
N ASP A 13 -5.09 3.95 5.97
CA ASP A 13 -5.48 5.16 5.24
C ASP A 13 -4.25 5.94 4.78
N VAL A 14 -4.03 5.97 3.47
CA VAL A 14 -2.89 6.68 2.89
C VAL A 14 -3.35 7.76 1.93
N PRO A 15 -2.79 8.97 2.08
CA PRO A 15 -3.12 10.10 1.23
C PRO A 15 -2.61 9.94 -0.20
N PRO A 16 -3.29 10.57 -1.16
CA PRO A 16 -2.91 10.51 -2.57
C PRO A 16 -1.61 11.25 -2.87
N GLN A 17 -1.06 11.03 -4.06
CA GLN A 17 0.18 11.67 -4.46
C GLN A 17 0.19 11.94 -5.96
N GLU A 18 0.26 13.22 -6.32
CA GLU A 18 0.27 13.62 -7.72
C GLU A 18 1.64 13.34 -8.35
N VAL A 19 1.69 12.31 -9.20
CA VAL A 19 2.93 11.94 -9.87
C VAL A 19 2.77 11.98 -11.38
N ILE A 20 3.84 12.37 -12.08
CA ILE A 20 3.81 12.45 -13.52
C ILE A 20 3.85 11.06 -14.15
N CYS A 21 2.74 10.65 -14.74
CA CYS A 21 2.65 9.34 -15.39
C CYS A 21 3.74 9.17 -16.43
N LYS A 22 3.70 8.06 -17.16
CA LYS A 22 4.68 7.78 -18.20
C LYS A 22 4.55 8.76 -19.36
N ASP A 23 3.31 9.00 -19.78
CA ASP A 23 3.04 9.91 -20.88
C ASP A 23 2.97 11.35 -20.39
N ASN A 24 3.75 11.66 -19.35
CA ASN A 24 3.77 13.00 -18.78
C ASN A 24 2.36 13.49 -18.48
N VAL A 25 1.56 12.60 -17.88
CA VAL A 25 0.17 12.95 -17.54
C VAL A 25 0.01 13.07 -16.04
N VAL A 26 -0.21 14.29 -15.56
CA VAL A 26 -0.38 14.55 -14.14
C VAL A 26 -1.73 14.00 -13.65
N VAL A 27 -1.66 13.00 -12.77
CA VAL A 27 -2.87 12.39 -12.22
C VAL A 27 -2.68 12.04 -10.75
N THR A 28 -3.78 12.07 -10.00
CA THR A 28 -3.74 11.74 -8.57
C THR A 28 -4.15 10.30 -8.32
N VAL A 29 -3.34 9.58 -7.55
CA VAL A 29 -3.63 8.19 -7.24
C VAL A 29 -3.67 7.96 -5.73
N ASP A 30 -4.36 6.90 -5.31
CA ASP A 30 -4.47 6.58 -3.89
C ASP A 30 -4.86 5.11 -3.71
N ALA A 31 -4.25 4.47 -2.72
CA ALA A 31 -4.54 3.07 -2.44
C ALA A 31 -4.26 2.74 -0.97
N VAL A 32 -5.00 1.76 -0.44
CA VAL A 32 -4.82 1.35 0.95
C VAL A 32 -4.01 0.07 1.05
N VAL A 33 -3.62 -0.28 2.27
CA VAL A 33 -2.83 -1.50 2.50
C VAL A 33 -3.37 -2.28 3.69
N TYR A 34 -3.55 -3.58 3.49
CA TYR A 34 -4.06 -4.45 4.55
C TYR A 34 -2.92 -5.05 5.36
N TYR A 35 -3.21 -5.47 6.58
CA TYR A 35 -2.22 -6.07 7.45
C TYR A 35 -2.88 -6.78 8.64
N GLN A 36 -2.16 -7.72 9.23
CA GLN A 36 -2.66 -8.47 10.38
C GLN A 36 -1.52 -8.94 11.28
N VAL A 37 -1.49 -8.42 12.50
CA VAL A 37 -0.45 -8.77 13.45
C VAL A 37 -0.43 -10.28 13.69
N ILE A 38 0.39 -10.99 12.92
CA ILE A 38 0.50 -12.44 13.05
C ILE A 38 1.33 -12.82 14.28
N ASP A 39 2.09 -11.87 14.79
CA ASP A 39 2.93 -12.09 15.96
C ASP A 39 3.04 -10.83 16.81
N PRO A 40 2.36 -10.82 17.95
CA PRO A 40 2.36 -9.68 18.87
C PRO A 40 3.71 -9.50 19.56
N VAL A 41 4.51 -10.55 19.56
CA VAL A 41 5.83 -10.51 20.19
C VAL A 41 6.75 -9.53 19.47
N LYS A 42 6.47 -9.29 18.20
CA LYS A 42 7.27 -8.36 17.41
C LYS A 42 6.56 -7.01 17.27
N ALA A 43 5.25 -7.05 17.11
CA ALA A 43 4.45 -5.84 16.97
C ALA A 43 4.11 -5.25 18.33
N VAL A 44 5.04 -5.39 19.28
CA VAL A 44 4.83 -4.85 20.62
C VAL A 44 4.79 -3.33 20.62
N TYR A 45 5.06 -2.74 19.45
CA TYR A 45 5.06 -1.29 19.31
C TYR A 45 3.64 -0.77 19.04
N ASN A 46 2.65 -1.53 19.49
CA ASN A 46 1.25 -1.15 19.30
C ASN A 46 0.96 -0.95 17.82
N VAL A 47 1.56 -1.78 16.97
CA VAL A 47 1.35 -1.70 15.53
C VAL A 47 1.12 -0.26 15.09
N SER A 48 1.83 0.66 15.72
CA SER A 48 1.70 2.08 15.40
C SER A 48 2.76 2.49 14.39
N ASP A 49 4.01 2.19 14.68
CA ASP A 49 5.12 2.53 13.79
C ASP A 49 4.84 2.05 12.38
N PHE A 50 4.39 0.81 12.25
CA PHE A 50 4.09 0.23 10.94
C PHE A 50 3.04 1.05 10.22
N LEU A 51 2.07 1.56 10.97
CA LEU A 51 1.00 2.37 10.40
C LEU A 51 1.55 3.65 9.78
N MET A 52 2.07 4.54 10.64
CA MET A 52 2.63 5.81 10.18
C MET A 52 3.74 5.56 9.17
N ALA A 53 4.38 4.40 9.25
CA ALA A 53 5.46 4.06 8.33
C ALA A 53 4.91 3.70 6.94
N ILE A 54 4.17 2.61 6.86
CA ILE A 54 3.58 2.18 5.60
C ILE A 54 3.08 3.37 4.78
N VAL A 55 2.08 4.06 5.32
CA VAL A 55 1.51 5.22 4.64
C VAL A 55 2.59 6.01 3.91
N LYS A 56 3.75 6.16 4.55
CA LYS A 56 4.86 6.90 3.97
C LYS A 56 5.61 6.02 2.95
N LEU A 57 6.06 4.87 3.41
CA LEU A 57 6.79 3.94 2.55
C LEU A 57 6.11 3.79 1.20
N ALA A 58 4.80 3.53 1.22
CA ALA A 58 4.03 3.37 0.00
C ALA A 58 4.25 4.56 -0.94
N GLN A 59 4.23 5.76 -0.39
CA GLN A 59 4.42 6.97 -1.17
C GLN A 59 5.68 6.88 -2.03
N THR A 60 6.73 6.30 -1.46
CA THR A 60 7.99 6.14 -2.17
C THR A 60 7.92 4.99 -3.17
N ASN A 61 7.60 3.81 -2.68
CA ASN A 61 7.50 2.63 -3.53
C ASN A 61 6.56 2.89 -4.72
N LEU A 62 5.32 3.26 -4.41
CA LEU A 62 4.33 3.54 -5.44
C LEU A 62 4.88 4.52 -6.47
N ARG A 63 5.56 5.56 -5.98
CA ARG A 63 6.13 6.57 -6.86
C ARG A 63 6.94 5.93 -7.98
N ALA A 64 7.66 4.85 -7.64
CA ALA A 64 8.47 4.15 -8.62
C ALA A 64 7.61 3.55 -9.72
N ILE A 65 6.61 2.76 -9.34
CA ILE A 65 5.72 2.13 -10.30
C ILE A 65 4.67 3.12 -10.80
N ILE A 66 3.84 3.63 -9.88
CA ILE A 66 2.80 4.59 -10.24
C ILE A 66 3.37 5.71 -11.10
N GLY A 67 4.57 6.15 -10.76
CA GLY A 67 5.20 7.23 -11.51
C GLY A 67 5.21 6.97 -13.01
N GLU A 68 5.26 5.68 -13.38
CA GLU A 68 5.27 5.31 -14.79
C GLU A 68 4.10 4.38 -15.11
N MET A 69 3.19 4.88 -15.95
CA MET A 69 2.01 4.09 -16.33
C MET A 69 1.23 4.82 -17.44
N GLU A 70 0.09 4.24 -17.80
CA GLU A 70 -0.76 4.83 -18.83
C GLU A 70 -2.12 5.20 -18.29
N LEU A 71 -2.58 6.40 -18.60
CA LEU A 71 -3.88 6.88 -18.13
C LEU A 71 -4.90 5.74 -18.09
N ASP A 72 -4.73 4.78 -19.00
CA ASP A 72 -5.63 3.63 -19.06
C ASP A 72 -5.12 2.49 -18.17
N GLU A 73 -3.87 2.10 -18.38
CA GLU A 73 -3.27 1.02 -17.61
C GLU A 73 -3.58 1.19 -16.12
N THR A 74 -3.59 2.43 -15.65
CA THR A 74 -3.87 2.72 -14.26
C THR A 74 -5.11 1.99 -13.78
N LEU A 75 -6.26 2.36 -14.34
CA LEU A 75 -7.52 1.73 -13.97
C LEU A 75 -7.57 0.27 -14.43
N SER A 76 -6.86 -0.02 -15.51
CA SER A 76 -6.81 -1.37 -16.05
C SER A 76 -5.50 -2.07 -15.69
N GLY A 77 -5.04 -1.83 -14.45
CA GLY A 77 -3.80 -2.44 -14.01
C GLY A 77 -3.64 -2.38 -12.50
N ARG A 78 -4.58 -2.99 -11.78
CA ARG A 78 -4.55 -3.00 -10.32
C ARG A 78 -3.78 -4.21 -9.81
N ASP A 79 -3.86 -5.32 -10.54
CA ASP A 79 -3.16 -6.54 -10.15
C ASP A 79 -1.66 -6.33 -10.13
N ILE A 80 -1.15 -5.64 -11.15
CA ILE A 80 0.28 -5.36 -11.24
C ILE A 80 0.73 -4.42 -10.14
N ILE A 81 0.02 -3.30 -10.00
CA ILE A 81 0.36 -2.32 -8.99
C ILE A 81 0.35 -2.93 -7.59
N ASN A 82 -0.75 -3.63 -7.27
CA ASN A 82 -0.88 -4.27 -5.97
C ASN A 82 0.26 -5.25 -5.72
N ALA A 83 0.45 -6.19 -6.64
CA ALA A 83 1.51 -7.18 -6.52
C ALA A 83 2.83 -6.52 -6.11
N ARG A 84 3.22 -5.49 -6.85
CA ARG A 84 4.46 -4.77 -6.56
C ARG A 84 4.49 -4.31 -5.10
N LEU A 85 3.65 -3.33 -4.78
CA LEU A 85 3.59 -2.80 -3.42
C LEU A 85 3.33 -3.92 -2.41
N ARG A 86 2.17 -4.57 -2.54
CA ARG A 86 1.81 -5.65 -1.63
C ARG A 86 3.00 -6.56 -1.37
N GLU A 87 3.85 -6.73 -2.37
CA GLU A 87 5.03 -7.58 -2.24
C GLU A 87 6.13 -6.85 -1.47
N GLU A 88 6.53 -5.69 -1.98
CA GLU A 88 7.58 -4.91 -1.35
C GLU A 88 7.23 -4.62 0.11
N LEU A 89 6.08 -4.00 0.33
CA LEU A 89 5.64 -3.66 1.67
C LEU A 89 5.63 -4.89 2.57
N ASP A 90 5.28 -6.04 2.00
CA ASP A 90 5.25 -7.28 2.74
C ASP A 90 6.64 -7.68 3.22
N LYS A 91 7.66 -7.05 2.65
CA LYS A 91 9.04 -7.33 3.02
C LYS A 91 9.45 -6.51 4.24
N ILE A 92 9.09 -5.23 4.24
CA ILE A 92 9.41 -4.34 5.35
C ILE A 92 8.58 -4.67 6.58
N THR A 93 7.64 -5.59 6.42
CA THR A 93 6.77 -6.00 7.51
C THR A 93 7.21 -7.33 8.10
N ASP A 94 7.66 -8.23 7.24
CA ASP A 94 8.11 -9.55 7.67
C ASP A 94 9.07 -9.43 8.85
N ARG A 95 9.68 -8.25 9.00
CA ARG A 95 10.62 -8.01 10.09
C ARG A 95 9.90 -7.56 11.35
N TRP A 96 8.82 -6.81 11.18
CA TRP A 96 8.04 -6.32 12.31
C TRP A 96 7.00 -7.35 12.75
N GLY A 97 7.23 -8.60 12.37
CA GLY A 97 6.30 -9.66 12.73
C GLY A 97 4.93 -9.47 12.13
N VAL A 98 4.85 -8.65 11.09
CA VAL A 98 3.57 -8.38 10.43
C VAL A 98 3.65 -8.68 8.95
N LYS A 99 2.53 -9.11 8.36
CA LYS A 99 2.48 -9.43 6.95
C LYS A 99 1.31 -8.73 6.28
N ILE A 100 1.49 -8.39 5.00
CA ILE A 100 0.44 -7.70 4.25
C ILE A 100 -0.50 -8.71 3.58
N THR A 101 -1.67 -8.90 4.18
CA THR A 101 -2.65 -9.83 3.65
C THR A 101 -2.94 -9.55 2.18
N ARG A 102 -3.24 -8.29 1.88
CA ARG A 102 -3.54 -7.89 0.51
C ARG A 102 -3.47 -6.37 0.36
N VAL A 103 -3.79 -5.88 -0.83
CA VAL A 103 -3.76 -4.45 -1.10
C VAL A 103 -4.93 -4.03 -1.97
N GLU A 104 -5.46 -2.83 -1.71
CA GLU A 104 -6.60 -2.32 -2.47
C GLU A 104 -6.26 -0.96 -3.10
N ILE A 105 -6.66 -0.79 -4.35
CA ILE A 105 -6.40 0.45 -5.06
C ILE A 105 -7.68 1.28 -5.22
N GLN A 106 -7.65 2.51 -4.74
CA GLN A 106 -8.80 3.40 -4.83
C GLN A 106 -8.92 3.99 -6.22
N ARG A 107 -10.13 4.42 -6.57
CA ARG A 107 -10.38 5.01 -7.89
C ARG A 107 -9.25 5.96 -8.27
N ILE A 108 -9.11 6.19 -9.58
CA ILE A 108 -8.08 7.08 -10.09
C ILE A 108 -8.67 8.36 -10.67
N ASP A 109 -7.87 9.41 -10.69
CA ASP A 109 -8.33 10.70 -11.21
C ASP A 109 -7.58 11.05 -12.50
N PRO A 110 -8.33 11.23 -13.59
CA PRO A 110 -7.76 11.57 -14.90
C PRO A 110 -7.21 13.00 -14.93
N PRO A 111 -6.49 13.33 -16.01
CA PRO A 111 -5.89 14.65 -16.19
C PRO A 111 -6.94 15.73 -16.44
N LYS A 112 -6.93 16.76 -15.61
CA LYS A 112 -7.88 17.87 -15.74
C LYS A 112 -7.65 18.62 -17.05
N ASP A 113 -8.61 19.49 -17.40
CA ASP A 113 -8.51 20.26 -18.62
C ASP A 113 -8.00 21.67 -18.33
N GLY A 1 -0.62 -13.17 30.70
CA GLY A 1 0.12 -13.64 29.55
C GLY A 1 -0.17 -12.85 28.29
N SER A 2 -0.54 -13.56 27.23
CA SER A 2 -0.84 -12.92 25.95
C SER A 2 -2.21 -13.38 25.42
N ASP A 3 -3.11 -12.42 25.23
CA ASP A 3 -4.45 -12.73 24.73
C ASP A 3 -4.37 -13.43 23.38
N HIS A 4 -5.47 -14.04 22.97
CA HIS A 4 -5.54 -14.75 21.69
C HIS A 4 -5.61 -13.76 20.53
N VAL A 5 -5.38 -14.26 19.32
CA VAL A 5 -5.41 -13.42 18.13
C VAL A 5 -6.14 -14.12 16.99
N ASP A 6 -6.70 -13.34 16.08
CA ASP A 6 -7.43 -13.89 14.94
C ASP A 6 -6.78 -13.47 13.63
N LEU A 7 -7.30 -13.98 12.52
CA LEU A 7 -6.77 -13.67 11.20
C LEU A 7 -7.41 -12.40 10.64
N ARG A 8 -7.81 -11.51 11.54
CA ARG A 8 -8.43 -10.26 11.14
C ARG A 8 -7.40 -9.28 10.57
N GLU A 9 -7.66 -8.79 9.36
CA GLU A 9 -6.75 -7.86 8.71
C GLU A 9 -7.24 -6.43 8.87
N HIS A 10 -6.29 -5.49 8.94
CA HIS A 10 -6.63 -4.07 9.09
C HIS A 10 -6.19 -3.29 7.86
N VAL A 11 -7.00 -2.28 7.49
CA VAL A 11 -6.68 -1.44 6.34
C VAL A 11 -5.93 -0.19 6.76
N ILE A 12 -5.02 0.26 5.90
CA ILE A 12 -4.24 1.46 6.18
C ILE A 12 -4.66 2.62 5.29
N ASP A 13 -4.93 3.77 5.90
CA ASP A 13 -5.35 4.95 5.17
C ASP A 13 -4.13 5.76 4.72
N VAL A 14 -3.75 5.61 3.47
CA VAL A 14 -2.61 6.33 2.92
C VAL A 14 -3.05 7.45 1.99
N PRO A 15 -2.44 8.64 2.15
CA PRO A 15 -2.76 9.81 1.32
C PRO A 15 -2.29 9.64 -0.12
N PRO A 16 -3.00 10.31 -1.05
CA PRO A 16 -2.68 10.26 -2.48
C PRO A 16 -1.39 10.99 -2.81
N GLN A 17 -0.80 10.68 -3.96
CA GLN A 17 0.44 11.32 -4.38
C GLN A 17 0.40 11.62 -5.88
N GLU A 18 0.49 12.91 -6.21
CA GLU A 18 0.47 13.35 -7.60
C GLU A 18 1.81 13.09 -8.27
N VAL A 19 1.84 12.15 -9.20
CA VAL A 19 3.07 11.80 -9.91
C VAL A 19 2.85 11.86 -11.42
N ILE A 20 3.87 12.33 -12.15
CA ILE A 20 3.79 12.42 -13.60
C ILE A 20 3.89 11.05 -14.25
N CYS A 21 2.76 10.55 -14.73
CA CYS A 21 2.71 9.24 -15.38
C CYS A 21 3.78 9.14 -16.46
N LYS A 22 3.83 7.99 -17.13
CA LYS A 22 4.80 7.76 -18.19
C LYS A 22 4.54 8.68 -19.38
N ASP A 23 3.26 8.92 -19.66
CA ASP A 23 2.88 9.78 -20.77
C ASP A 23 2.88 11.25 -20.35
N ASN A 24 3.73 11.57 -19.38
CA ASN A 24 3.82 12.95 -18.88
C ASN A 24 2.44 13.49 -18.55
N VAL A 25 1.69 12.75 -17.74
CA VAL A 25 0.35 13.16 -17.34
C VAL A 25 0.23 13.24 -15.83
N VAL A 26 -0.15 14.42 -15.33
CA VAL A 26 -0.31 14.62 -13.89
C VAL A 26 -1.66 14.12 -13.41
N VAL A 27 -1.64 13.11 -12.54
CA VAL A 27 -2.86 12.54 -12.00
C VAL A 27 -2.70 12.21 -10.51
N THR A 28 -3.83 12.16 -9.80
CA THR A 28 -3.82 11.86 -8.37
C THR A 28 -4.21 10.40 -8.13
N VAL A 29 -3.32 9.67 -7.45
CA VAL A 29 -3.59 8.26 -7.16
C VAL A 29 -3.72 8.05 -5.64
N ASP A 30 -4.18 6.86 -5.26
CA ASP A 30 -4.35 6.53 -3.85
C ASP A 30 -4.76 5.07 -3.70
N ALA A 31 -4.16 4.38 -2.74
CA ALA A 31 -4.46 2.98 -2.48
C ALA A 31 -4.15 2.61 -1.03
N VAL A 32 -4.95 1.70 -0.48
CA VAL A 32 -4.76 1.26 0.90
C VAL A 32 -3.93 -0.02 0.97
N VAL A 33 -3.46 -0.35 2.17
CA VAL A 33 -2.66 -1.55 2.37
C VAL A 33 -3.15 -2.35 3.57
N TYR A 34 -3.41 -3.63 3.35
CA TYR A 34 -3.88 -4.51 4.42
C TYR A 34 -2.72 -5.11 5.20
N TYR A 35 -2.99 -5.55 6.41
CA TYR A 35 -1.96 -6.13 7.27
C TYR A 35 -2.59 -6.87 8.45
N GLN A 36 -1.86 -7.84 8.99
CA GLN A 36 -2.35 -8.62 10.12
C GLN A 36 -1.19 -9.01 11.04
N VAL A 37 -1.31 -8.64 12.31
CA VAL A 37 -0.28 -8.96 13.30
C VAL A 37 -0.14 -10.46 13.49
N ILE A 38 0.82 -11.05 12.79
CA ILE A 38 1.06 -12.49 12.88
C ILE A 38 1.88 -12.83 14.13
N ASP A 39 2.70 -11.88 14.57
CA ASP A 39 3.53 -12.08 15.74
C ASP A 39 3.49 -10.85 16.65
N PRO A 40 2.83 -10.98 17.81
CA PRO A 40 2.70 -9.89 18.77
C PRO A 40 4.03 -9.58 19.46
N VAL A 41 4.69 -10.62 19.95
CA VAL A 41 5.98 -10.45 20.63
C VAL A 41 6.92 -9.57 19.83
N LYS A 42 6.68 -9.50 18.52
CA LYS A 42 7.52 -8.70 17.64
C LYS A 42 6.79 -7.41 17.24
N ALA A 43 5.47 -7.46 17.23
CA ALA A 43 4.66 -6.30 16.86
C ALA A 43 3.90 -5.76 18.08
N VAL A 44 4.58 -5.73 19.22
CA VAL A 44 3.98 -5.23 20.45
C VAL A 44 4.28 -3.75 20.66
N TYR A 45 4.16 -2.97 19.60
CA TYR A 45 4.42 -1.53 19.67
C TYR A 45 3.17 -0.73 19.36
N ASN A 46 2.02 -1.24 19.80
CA ASN A 46 0.75 -0.56 19.58
C ASN A 46 0.53 -0.32 18.08
N VAL A 47 1.10 -1.18 17.25
CA VAL A 47 0.96 -1.06 15.80
C VAL A 47 0.87 0.39 15.38
N SER A 48 1.66 1.25 16.03
CA SER A 48 1.66 2.67 15.72
C SER A 48 2.77 3.01 14.72
N ASP A 49 3.97 2.51 14.99
CA ASP A 49 5.11 2.76 14.12
C ASP A 49 4.86 2.22 12.72
N PHE A 50 4.36 0.99 12.65
CA PHE A 50 4.07 0.35 11.38
C PHE A 50 3.02 1.14 10.60
N LEU A 51 2.00 1.62 11.31
CA LEU A 51 0.93 2.39 10.68
C LEU A 51 1.49 3.64 10.00
N MET A 52 2.07 4.53 10.79
CA MET A 52 2.64 5.75 10.26
C MET A 52 3.72 5.45 9.22
N ALA A 53 4.38 4.30 9.38
CA ALA A 53 5.43 3.90 8.45
C ALA A 53 4.85 3.55 7.08
N ILE A 54 4.04 2.50 7.05
CA ILE A 54 3.42 2.05 5.80
C ILE A 54 2.98 3.24 4.95
N VAL A 55 2.06 4.04 5.48
CA VAL A 55 1.57 5.20 4.77
C VAL A 55 2.67 5.86 3.94
N LYS A 56 3.82 6.07 4.57
CA LYS A 56 4.96 6.69 3.90
C LYS A 56 5.60 5.70 2.92
N LEU A 57 5.89 4.51 3.41
CA LEU A 57 6.51 3.47 2.58
C LEU A 57 5.86 3.41 1.21
N ALA A 58 4.53 3.35 1.20
CA ALA A 58 3.78 3.29 -0.05
C ALA A 58 4.07 4.50 -0.94
N GLN A 59 4.11 5.67 -0.32
CA GLN A 59 4.38 6.91 -1.05
C GLN A 59 5.61 6.75 -1.95
N THR A 60 6.59 5.99 -1.47
CA THR A 60 7.81 5.75 -2.23
C THR A 60 7.66 4.59 -3.18
N ASN A 61 7.44 3.39 -2.62
CA ASN A 61 7.28 2.19 -3.42
C ASN A 61 6.38 2.46 -4.63
N LEU A 62 5.22 3.04 -4.39
CA LEU A 62 4.29 3.36 -5.45
C LEU A 62 4.92 4.29 -6.47
N ARG A 63 5.62 5.30 -5.99
CA ARG A 63 6.28 6.27 -6.87
C ARG A 63 7.13 5.56 -7.92
N ALA A 64 7.59 4.36 -7.59
CA ALA A 64 8.42 3.57 -8.50
C ALA A 64 7.59 3.03 -9.65
N ILE A 65 6.60 2.21 -9.32
CA ILE A 65 5.73 1.61 -10.33
C ILE A 65 4.71 2.63 -10.84
N ILE A 66 3.88 3.14 -9.94
CA ILE A 66 2.86 4.11 -10.30
C ILE A 66 3.46 5.25 -11.11
N GLY A 67 4.65 5.71 -10.71
CA GLY A 67 5.32 6.79 -11.41
C GLY A 67 5.33 6.57 -12.91
N GLU A 68 5.24 5.32 -13.32
CA GLU A 68 5.26 4.97 -14.75
C GLU A 68 4.04 4.13 -15.12
N MET A 69 3.17 4.69 -15.95
CA MET A 69 1.97 3.99 -16.38
C MET A 69 1.23 4.78 -17.45
N GLU A 70 0.08 4.26 -17.88
CA GLU A 70 -0.72 4.93 -18.91
C GLU A 70 -2.06 5.37 -18.35
N LEU A 71 -2.32 6.66 -18.39
CA LEU A 71 -3.57 7.22 -17.89
C LEU A 71 -4.73 6.28 -18.18
N ASP A 72 -4.63 5.53 -19.27
CA ASP A 72 -5.67 4.58 -19.66
C ASP A 72 -5.46 3.24 -18.96
N GLU A 73 -4.31 2.63 -19.20
CA GLU A 73 -3.99 1.34 -18.61
C GLU A 73 -4.30 1.33 -17.11
N THR A 74 -3.79 2.35 -16.41
CA THR A 74 -4.02 2.47 -14.97
C THR A 74 -5.40 1.96 -14.58
N LEU A 75 -6.37 2.17 -15.46
CA LEU A 75 -7.74 1.74 -15.21
C LEU A 75 -7.81 0.22 -15.09
N SER A 76 -7.38 -0.48 -16.12
CA SER A 76 -7.39 -1.94 -16.13
C SER A 76 -6.24 -2.50 -15.30
N GLY A 77 -5.04 -2.01 -15.57
CA GLY A 77 -3.87 -2.47 -14.84
C GLY A 77 -3.86 -2.01 -13.40
N ARG A 78 -4.77 -2.56 -12.59
CA ARG A 78 -4.87 -2.19 -11.19
C ARG A 78 -4.46 -3.35 -10.29
N ASP A 79 -4.29 -4.52 -10.88
CA ASP A 79 -3.90 -5.71 -10.14
C ASP A 79 -2.39 -5.80 -9.99
N ILE A 80 -1.68 -5.32 -11.01
CA ILE A 80 -0.22 -5.34 -11.00
C ILE A 80 0.33 -4.28 -10.05
N ILE A 81 -0.31 -3.13 -10.02
CA ILE A 81 0.11 -2.03 -9.16
C ILE A 81 0.08 -2.44 -7.69
N ASN A 82 -0.99 -3.13 -7.29
CA ASN A 82 -1.15 -3.58 -5.92
C ASN A 82 -0.34 -4.85 -5.67
N ALA A 83 -0.21 -5.67 -6.72
CA ALA A 83 0.55 -6.91 -6.62
C ALA A 83 2.00 -6.66 -6.24
N ARG A 84 2.54 -5.54 -6.73
CA ARG A 84 3.93 -5.18 -6.45
C ARG A 84 4.05 -4.56 -5.05
N LEU A 85 3.30 -3.50 -4.81
CA LEU A 85 3.33 -2.83 -3.52
C LEU A 85 3.21 -3.83 -2.37
N ARG A 86 2.32 -4.80 -2.53
CA ARG A 86 2.11 -5.82 -1.51
C ARG A 86 3.43 -6.50 -1.16
N GLU A 87 4.25 -6.76 -2.16
CA GLU A 87 5.54 -7.40 -1.95
C GLU A 87 6.52 -6.45 -1.27
N GLU A 88 6.76 -5.31 -1.90
CA GLU A 88 7.68 -4.32 -1.36
C GLU A 88 7.45 -4.13 0.14
N LEU A 89 6.25 -3.68 0.49
CA LEU A 89 5.90 -3.45 1.89
C LEU A 89 6.01 -4.74 2.70
N ASP A 90 5.65 -5.85 2.07
CA ASP A 90 5.71 -7.15 2.72
C ASP A 90 7.12 -7.47 3.18
N LYS A 91 8.09 -6.67 2.73
CA LYS A 91 9.48 -6.86 3.10
C LYS A 91 9.86 -5.97 4.28
N ILE A 92 9.17 -4.84 4.40
CA ILE A 92 9.43 -3.91 5.49
C ILE A 92 8.47 -4.13 6.66
N THR A 93 7.83 -5.29 6.68
CA THR A 93 6.90 -5.63 7.74
C THR A 93 7.26 -6.96 8.40
N ASP A 94 7.80 -7.87 7.61
CA ASP A 94 8.20 -9.18 8.12
C ASP A 94 9.16 -9.04 9.30
N ARG A 95 9.86 -7.91 9.35
CA ARG A 95 10.81 -7.65 10.42
C ARG A 95 10.10 -7.08 11.65
N TRP A 96 8.91 -6.54 11.43
CA TRP A 96 8.13 -5.96 12.52
C TRP A 96 7.10 -6.97 13.05
N GLY A 97 7.11 -8.17 12.48
CA GLY A 97 6.17 -9.19 12.90
C GLY A 97 4.83 -9.07 12.23
N VAL A 98 4.76 -8.23 11.20
CA VAL A 98 3.52 -8.02 10.46
C VAL A 98 3.67 -8.42 9.00
N LYS A 99 2.55 -8.77 8.37
CA LYS A 99 2.56 -9.17 6.96
C LYS A 99 1.42 -8.49 6.20
N ILE A 100 1.63 -8.27 4.90
CA ILE A 100 0.63 -7.64 4.07
C ILE A 100 -0.31 -8.68 3.46
N THR A 101 -1.43 -8.93 4.14
CA THR A 101 -2.41 -9.90 3.67
C THR A 101 -2.76 -9.65 2.20
N ARG A 102 -3.06 -8.40 1.88
CA ARG A 102 -3.42 -8.03 0.51
C ARG A 102 -3.33 -6.52 0.31
N VAL A 103 -3.71 -6.06 -0.88
CA VAL A 103 -3.68 -4.63 -1.19
C VAL A 103 -4.91 -4.22 -1.99
N GLU A 104 -5.43 -3.03 -1.70
CA GLU A 104 -6.60 -2.51 -2.39
C GLU A 104 -6.31 -1.16 -3.02
N ILE A 105 -6.74 -0.98 -4.26
CA ILE A 105 -6.53 0.29 -4.97
C ILE A 105 -7.83 1.08 -5.06
N GLN A 106 -7.72 2.40 -4.86
CA GLN A 106 -8.88 3.28 -4.93
C GLN A 106 -8.98 3.93 -6.30
N ARG A 107 -10.18 4.44 -6.60
CA ARG A 107 -10.41 5.10 -7.89
C ARG A 107 -9.27 6.04 -8.24
N ILE A 108 -9.10 6.31 -9.53
CA ILE A 108 -8.05 7.20 -10.00
C ILE A 108 -8.63 8.53 -10.49
N ASP A 109 -7.80 9.56 -10.48
CA ASP A 109 -8.22 10.89 -10.94
C ASP A 109 -7.49 11.28 -12.21
N PRO A 110 -8.25 11.54 -13.28
CA PRO A 110 -7.70 11.93 -14.58
C PRO A 110 -7.11 13.34 -14.54
N PRO A 111 -6.31 13.67 -15.57
CA PRO A 111 -5.66 14.97 -15.70
C PRO A 111 -6.66 16.09 -15.98
N LYS A 112 -6.30 17.31 -15.59
CA LYS A 112 -7.17 18.46 -15.80
C LYS A 112 -6.82 19.17 -17.11
N ASP A 113 -7.69 20.07 -17.54
CA ASP A 113 -7.46 20.82 -18.78
C ASP A 113 -6.11 21.51 -18.76
N GLY A 1 -4.18 -25.74 20.48
CA GLY A 1 -3.33 -25.35 19.37
C GLY A 1 -2.38 -24.22 19.72
N SER A 2 -2.91 -23.00 19.75
CA SER A 2 -2.11 -21.83 20.08
C SER A 2 -2.99 -20.62 20.36
N ASP A 3 -2.39 -19.55 20.87
CA ASP A 3 -3.12 -18.34 21.17
C ASP A 3 -4.21 -18.07 20.13
N HIS A 4 -5.28 -17.40 20.55
CA HIS A 4 -6.38 -17.09 19.65
C HIS A 4 -6.10 -15.80 18.88
N VAL A 5 -5.78 -15.94 17.60
CA VAL A 5 -5.50 -14.79 16.75
C VAL A 5 -6.62 -14.54 15.75
N ASP A 6 -7.14 -13.32 15.73
CA ASP A 6 -8.21 -12.96 14.82
C ASP A 6 -7.67 -12.69 13.42
N LEU A 7 -8.01 -13.57 12.48
CA LEU A 7 -7.56 -13.43 11.10
C LEU A 7 -7.92 -12.04 10.55
N ARG A 8 -8.90 -11.40 11.16
CA ARG A 8 -9.32 -10.07 10.74
C ARG A 8 -8.14 -9.26 10.24
N GLU A 9 -8.37 -8.46 9.19
CA GLU A 9 -7.32 -7.64 8.61
C GLU A 9 -7.64 -6.16 8.79
N HIS A 10 -6.59 -5.34 8.90
CA HIS A 10 -6.76 -3.91 9.07
C HIS A 10 -6.39 -3.15 7.79
N VAL A 11 -7.12 -2.09 7.50
CA VAL A 11 -6.86 -1.29 6.31
C VAL A 11 -5.98 -0.09 6.63
N ILE A 12 -5.05 0.21 5.73
CA ILE A 12 -4.14 1.34 5.92
C ILE A 12 -4.56 2.54 5.07
N ASP A 13 -4.75 3.68 5.72
CA ASP A 13 -5.15 4.90 5.02
C ASP A 13 -3.93 5.70 4.57
N VAL A 14 -3.50 5.47 3.33
CA VAL A 14 -2.35 6.17 2.78
C VAL A 14 -2.77 7.36 1.94
N PRO A 15 -2.11 8.50 2.16
CA PRO A 15 -2.41 9.74 1.42
C PRO A 15 -1.98 9.66 -0.04
N PRO A 16 -2.77 10.29 -0.92
CA PRO A 16 -2.49 10.31 -2.37
C PRO A 16 -1.27 11.15 -2.71
N GLN A 17 -0.67 10.87 -3.86
CA GLN A 17 0.51 11.60 -4.31
C GLN A 17 0.46 11.85 -5.81
N GLU A 18 0.45 13.13 -6.18
CA GLU A 18 0.40 13.51 -7.59
C GLU A 18 1.72 13.21 -8.28
N VAL A 19 1.70 12.21 -9.16
CA VAL A 19 2.91 11.83 -9.89
C VAL A 19 2.68 11.89 -11.40
N ILE A 20 3.61 12.50 -12.11
CA ILE A 20 3.50 12.61 -13.57
C ILE A 20 3.67 11.25 -14.24
N CYS A 21 2.56 10.74 -14.78
CA CYS A 21 2.58 9.45 -15.45
C CYS A 21 3.65 9.41 -16.54
N LYS A 22 3.70 8.31 -17.29
CA LYS A 22 4.67 8.15 -18.36
C LYS A 22 4.36 9.08 -19.52
N ASP A 23 3.07 9.24 -19.82
CA ASP A 23 2.63 10.11 -20.91
C ASP A 23 2.53 11.55 -20.44
N ASN A 24 3.30 11.90 -19.43
CA ASN A 24 3.30 13.26 -18.88
C ASN A 24 1.88 13.69 -18.53
N VAL A 25 1.17 12.82 -17.80
CA VAL A 25 -0.20 13.11 -17.40
C VAL A 25 -0.30 13.27 -15.88
N VAL A 26 -0.69 14.45 -15.43
CA VAL A 26 -0.83 14.73 -14.01
C VAL A 26 -2.12 14.13 -13.45
N VAL A 27 -1.97 13.14 -12.58
CA VAL A 27 -3.13 12.48 -11.98
C VAL A 27 -2.85 12.10 -10.53
N THR A 28 -3.92 11.94 -9.75
CA THR A 28 -3.80 11.59 -8.34
C THR A 28 -4.12 10.12 -8.11
N VAL A 29 -3.18 9.40 -7.53
CA VAL A 29 -3.37 7.97 -7.25
C VAL A 29 -3.66 7.73 -5.77
N ASP A 30 -4.55 6.78 -5.50
CA ASP A 30 -4.93 6.45 -4.13
C ASP A 30 -5.27 4.97 -4.00
N ALA A 31 -4.71 4.32 -2.99
CA ALA A 31 -4.95 2.91 -2.75
C ALA A 31 -4.80 2.56 -1.27
N VAL A 32 -5.30 1.39 -0.89
CA VAL A 32 -5.22 0.95 0.49
C VAL A 32 -4.35 -0.30 0.61
N VAL A 33 -3.86 -0.56 1.82
CA VAL A 33 -3.02 -1.72 2.08
C VAL A 33 -3.46 -2.45 3.34
N TYR A 34 -3.85 -3.71 3.19
CA TYR A 34 -4.31 -4.52 4.31
C TYR A 34 -3.12 -5.06 5.10
N TYR A 35 -3.37 -5.44 6.35
CA TYR A 35 -2.32 -5.98 7.21
C TYR A 35 -2.92 -6.65 8.45
N GLN A 36 -2.23 -7.68 8.93
CA GLN A 36 -2.70 -8.42 10.10
C GLN A 36 -1.54 -8.79 11.00
N VAL A 37 -1.69 -8.53 12.30
CA VAL A 37 -0.64 -8.83 13.28
C VAL A 37 -0.53 -10.34 13.50
N ILE A 38 0.34 -10.98 12.72
CA ILE A 38 0.54 -12.42 12.84
C ILE A 38 1.52 -12.74 13.96
N ASP A 39 2.35 -11.76 14.32
CA ASP A 39 3.33 -11.94 15.38
C ASP A 39 3.34 -10.74 16.32
N PRO A 40 2.56 -10.85 17.41
CA PRO A 40 2.45 -9.78 18.41
C PRO A 40 3.72 -9.62 19.23
N VAL A 41 4.68 -10.53 19.00
CA VAL A 41 5.95 -10.48 19.72
C VAL A 41 6.80 -9.31 19.25
N LYS A 42 6.96 -9.19 17.94
CA LYS A 42 7.75 -8.10 17.37
C LYS A 42 6.90 -6.85 17.16
N ALA A 43 5.59 -7.04 17.15
CA ALA A 43 4.67 -5.93 16.96
C ALA A 43 4.10 -5.45 18.30
N VAL A 44 4.98 -5.32 19.30
CA VAL A 44 4.57 -4.87 20.62
C VAL A 44 4.65 -3.36 20.73
N TYR A 45 4.77 -2.69 19.59
CA TYR A 45 4.86 -1.23 19.56
C TYR A 45 3.50 -0.61 19.26
N ASN A 46 2.43 -1.30 19.68
CA ASN A 46 1.08 -0.82 19.44
C ASN A 46 0.80 -0.62 17.96
N VAL A 47 1.50 -1.39 17.13
CA VAL A 47 1.34 -1.31 15.68
C VAL A 47 1.10 0.13 15.25
N SER A 48 1.79 1.06 15.88
CA SER A 48 1.65 2.47 15.55
C SER A 48 2.68 2.90 14.51
N ASP A 49 3.93 2.54 14.74
CA ASP A 49 5.01 2.87 13.81
C ASP A 49 4.74 2.29 12.43
N PHE A 50 4.28 1.04 12.39
CA PHE A 50 3.97 0.37 11.13
C PHE A 50 2.88 1.11 10.37
N LEU A 51 1.98 1.74 11.10
CA LEU A 51 0.88 2.49 10.49
C LEU A 51 1.38 3.77 9.85
N MET A 52 2.08 4.59 10.64
CA MET A 52 2.63 5.85 10.16
C MET A 52 3.84 5.60 9.25
N ALA A 53 4.32 4.37 9.24
CA ALA A 53 5.48 4.01 8.43
C ALA A 53 5.04 3.47 7.07
N ILE A 54 4.25 2.39 7.10
CA ILE A 54 3.75 1.78 5.87
C ILE A 54 3.38 2.84 4.83
N VAL A 55 2.48 3.74 5.22
CA VAL A 55 2.03 4.79 4.32
C VAL A 55 3.21 5.65 3.85
N LYS A 56 4.11 5.96 4.78
CA LYS A 56 5.29 6.77 4.47
C LYS A 56 6.23 6.01 3.54
N LEU A 57 6.07 4.69 3.49
CA LEU A 57 6.92 3.86 2.63
C LEU A 57 6.32 3.73 1.24
N ALA A 58 5.01 3.55 1.17
CA ALA A 58 4.32 3.43 -0.11
C ALA A 58 4.54 4.66 -0.98
N GLN A 59 4.68 5.82 -0.33
CA GLN A 59 4.90 7.07 -1.05
C GLN A 59 6.15 6.99 -1.92
N THR A 60 7.10 6.16 -1.50
CA THR A 60 8.34 6.00 -2.25
C THR A 60 8.23 4.88 -3.27
N ASN A 61 7.84 3.69 -2.81
CA ASN A 61 7.68 2.54 -3.70
C ASN A 61 6.73 2.86 -4.84
N LEU A 62 5.55 3.35 -4.50
CA LEU A 62 4.54 3.69 -5.50
C LEU A 62 5.10 4.69 -6.52
N ARG A 63 5.87 5.65 -6.02
CA ARG A 63 6.47 6.66 -6.88
C ARG A 63 7.31 6.01 -7.98
N ALA A 64 7.66 4.76 -7.78
CA ALA A 64 8.47 4.02 -8.75
C ALA A 64 7.60 3.49 -9.89
N ILE A 65 6.64 2.64 -9.55
CA ILE A 65 5.74 2.07 -10.54
C ILE A 65 4.71 3.10 -11.01
N ILE A 66 4.04 3.73 -10.04
CA ILE A 66 3.02 4.73 -10.35
C ILE A 66 3.60 5.84 -11.24
N GLY A 67 4.85 6.22 -10.96
CA GLY A 67 5.49 7.26 -11.74
C GLY A 67 5.43 7.00 -13.22
N GLU A 68 5.37 5.73 -13.60
CA GLU A 68 5.31 5.34 -15.01
C GLU A 68 4.08 4.49 -15.29
N MET A 69 3.16 5.03 -16.09
CA MET A 69 1.94 4.31 -16.43
C MET A 69 1.15 5.07 -17.50
N GLU A 70 -0.01 4.54 -17.86
CA GLU A 70 -0.86 5.16 -18.87
C GLU A 70 -2.24 5.46 -18.31
N LEU A 71 -2.68 6.70 -18.48
CA LEU A 71 -3.99 7.12 -17.98
C LEU A 71 -5.00 5.98 -18.09
N ASP A 72 -4.84 5.14 -19.11
CA ASP A 72 -5.73 4.01 -19.32
C ASP A 72 -5.27 2.80 -18.51
N GLU A 73 -4.04 2.36 -18.76
CA GLU A 73 -3.49 1.21 -18.07
C GLU A 73 -3.71 1.32 -16.55
N THR A 74 -3.41 2.50 -16.01
CA THR A 74 -3.57 2.74 -14.58
C THR A 74 -4.77 1.97 -14.03
N LEU A 75 -5.80 1.83 -14.85
CA LEU A 75 -7.01 1.11 -14.44
C LEU A 75 -6.85 -0.39 -14.65
N SER A 76 -6.57 -0.77 -15.89
CA SER A 76 -6.40 -2.19 -16.23
C SER A 76 -5.37 -2.84 -15.32
N GLY A 77 -4.19 -2.24 -15.23
CA GLY A 77 -3.14 -2.78 -14.40
C GLY A 77 -3.36 -2.48 -12.93
N ARG A 78 -4.50 -2.92 -12.40
CA ARG A 78 -4.83 -2.69 -11.00
C ARG A 78 -4.34 -3.86 -10.14
N ASP A 79 -4.43 -5.07 -10.67
CA ASP A 79 -3.99 -6.26 -9.95
C ASP A 79 -2.47 -6.27 -9.80
N ILE A 80 -1.79 -5.51 -10.64
CA ILE A 80 -0.34 -5.44 -10.60
C ILE A 80 0.13 -4.41 -9.57
N ILE A 81 -0.31 -3.16 -9.74
CA ILE A 81 0.07 -2.09 -8.83
C ILE A 81 0.00 -2.56 -7.38
N ASN A 82 -1.05 -3.30 -7.05
CA ASN A 82 -1.24 -3.80 -5.71
C ASN A 82 -0.32 -4.99 -5.44
N ALA A 83 -0.10 -5.82 -6.46
CA ALA A 83 0.76 -6.98 -6.34
C ALA A 83 2.14 -6.59 -5.82
N ARG A 84 2.73 -5.57 -6.44
CA ARG A 84 4.05 -5.11 -6.06
C ARG A 84 4.05 -4.59 -4.62
N LEU A 85 3.48 -3.41 -4.42
CA LEU A 85 3.41 -2.80 -3.10
C LEU A 85 3.13 -3.86 -2.03
N ARG A 86 2.29 -4.83 -2.37
CA ARG A 86 1.94 -5.90 -1.45
C ARG A 86 3.18 -6.71 -1.06
N GLU A 87 4.00 -7.04 -2.06
CA GLU A 87 5.22 -7.81 -1.83
C GLU A 87 6.29 -6.96 -1.17
N GLU A 88 6.48 -5.75 -1.70
CA GLU A 88 7.48 -4.83 -1.16
C GLU A 88 7.23 -4.57 0.32
N LEU A 89 6.02 -4.13 0.64
CA LEU A 89 5.64 -3.83 2.02
C LEU A 89 5.63 -5.10 2.86
N ASP A 90 5.33 -6.23 2.23
CA ASP A 90 5.28 -7.51 2.92
C ASP A 90 6.66 -7.89 3.46
N LYS A 91 7.68 -7.10 3.08
CA LYS A 91 9.05 -7.35 3.52
C LYS A 91 9.40 -6.46 4.71
N ILE A 92 8.99 -5.20 4.65
CA ILE A 92 9.26 -4.26 5.72
C ILE A 92 8.37 -4.52 6.93
N THR A 93 7.59 -5.60 6.86
CA THR A 93 6.70 -5.97 7.94
C THR A 93 7.08 -7.32 8.56
N ASP A 94 7.68 -8.18 7.74
CA ASP A 94 8.09 -9.49 8.19
C ASP A 94 9.08 -9.38 9.37
N ARG A 95 9.82 -8.28 9.40
CA ARG A 95 10.80 -8.05 10.46
C ARG A 95 10.12 -7.44 11.68
N TRP A 96 8.92 -6.92 11.50
CA TRP A 96 8.17 -6.31 12.59
C TRP A 96 7.14 -7.29 13.16
N GLY A 97 7.10 -8.48 12.60
CA GLY A 97 6.16 -9.49 13.06
C GLY A 97 4.79 -9.34 12.42
N VAL A 98 4.71 -8.48 11.40
CA VAL A 98 3.45 -8.26 10.70
C VAL A 98 3.53 -8.75 9.26
N LYS A 99 2.45 -9.33 8.77
CA LYS A 99 2.40 -9.83 7.41
C LYS A 99 1.24 -9.19 6.63
N ILE A 100 1.55 -8.68 5.45
CA ILE A 100 0.54 -8.04 4.62
C ILE A 100 -0.43 -9.07 4.04
N THR A 101 -1.66 -9.06 4.53
CA THR A 101 -2.69 -10.00 4.06
C THR A 101 -2.96 -9.81 2.58
N ARG A 102 -3.09 -8.55 2.15
CA ARG A 102 -3.36 -8.24 0.76
C ARG A 102 -3.34 -6.72 0.53
N VAL A 103 -3.57 -6.32 -0.71
CA VAL A 103 -3.57 -4.91 -1.07
C VAL A 103 -4.69 -4.58 -2.04
N GLU A 104 -5.44 -3.52 -1.76
CA GLU A 104 -6.54 -3.11 -2.61
C GLU A 104 -6.28 -1.73 -3.21
N ILE A 105 -6.71 -1.53 -4.45
CA ILE A 105 -6.54 -0.26 -5.13
C ILE A 105 -7.86 0.48 -5.28
N GLN A 106 -7.81 1.80 -5.14
CA GLN A 106 -9.01 2.62 -5.27
C GLN A 106 -9.06 3.32 -6.63
N ARG A 107 -10.25 3.74 -7.03
CA ARG A 107 -10.43 4.41 -8.30
C ARG A 107 -9.38 5.51 -8.50
N ILE A 108 -8.96 5.71 -9.74
CA ILE A 108 -7.96 6.72 -10.06
C ILE A 108 -8.62 8.02 -10.51
N ASP A 109 -7.90 9.12 -10.37
CA ASP A 109 -8.42 10.43 -10.76
C ASP A 109 -7.70 10.94 -12.01
N PRO A 110 -8.47 11.15 -13.09
CA PRO A 110 -7.93 11.64 -14.36
C PRO A 110 -7.47 13.09 -14.28
N PRO A 111 -6.74 13.55 -15.31
CA PRO A 111 -6.23 14.92 -15.37
C PRO A 111 -7.34 15.94 -15.57
N LYS A 112 -7.03 17.20 -15.27
CA LYS A 112 -8.01 18.28 -15.41
C LYS A 112 -7.73 19.09 -16.67
N ASP A 113 -6.47 19.50 -16.85
CA ASP A 113 -6.07 20.28 -18.01
C ASP A 113 -5.20 19.45 -18.95
N GLY A 1 -1.30 -6.69 30.01
CA GLY A 1 -1.93 -5.62 29.26
C GLY A 1 -1.49 -5.61 27.81
N SER A 2 -2.31 -6.20 26.94
CA SER A 2 -1.99 -6.26 25.51
C SER A 2 -3.26 -6.47 24.69
N ASP A 3 -3.38 -5.73 23.60
CA ASP A 3 -4.55 -5.84 22.72
C ASP A 3 -4.70 -7.27 22.21
N HIS A 4 -5.88 -7.56 21.66
CA HIS A 4 -6.16 -8.89 21.13
C HIS A 4 -5.60 -9.04 19.72
N VAL A 5 -5.11 -10.24 19.41
CA VAL A 5 -4.55 -10.51 18.09
C VAL A 5 -5.30 -11.64 17.39
N ASP A 6 -5.87 -11.35 16.23
CA ASP A 6 -6.61 -12.35 15.47
C ASP A 6 -6.56 -12.03 13.97
N LEU A 7 -7.00 -12.98 13.16
CA LEU A 7 -7.01 -12.81 11.71
C LEU A 7 -7.54 -11.43 11.33
N ARG A 8 -8.37 -10.86 12.19
CA ARG A 8 -8.95 -9.55 11.95
C ARG A 8 -7.92 -8.61 11.33
N GLU A 9 -7.93 -8.52 10.01
CA GLU A 9 -6.99 -7.65 9.30
C GLU A 9 -7.43 -6.19 9.38
N HIS A 10 -6.46 -5.29 9.45
CA HIS A 10 -6.75 -3.86 9.53
C HIS A 10 -6.34 -3.15 8.24
N VAL A 11 -7.14 -2.17 7.84
CA VAL A 11 -6.87 -1.41 6.62
C VAL A 11 -6.11 -0.13 6.93
N ILE A 12 -5.14 0.20 6.08
CA ILE A 12 -4.34 1.41 6.27
C ILE A 12 -4.72 2.48 5.26
N ASP A 13 -5.17 3.62 5.76
CA ASP A 13 -5.57 4.73 4.89
C ASP A 13 -4.35 5.54 4.46
N VAL A 14 -4.19 5.67 3.14
CA VAL A 14 -3.06 6.43 2.59
C VAL A 14 -3.54 7.59 1.73
N PRO A 15 -2.90 8.75 1.89
CA PRO A 15 -3.25 9.96 1.13
C PRO A 15 -2.88 9.84 -0.34
N PRO A 16 -3.67 10.50 -1.21
CA PRO A 16 -3.44 10.48 -2.66
C PRO A 16 -2.20 11.27 -3.05
N GLN A 17 -1.49 10.78 -4.06
CA GLN A 17 -0.28 11.44 -4.55
C GLN A 17 -0.35 11.68 -6.05
N GLU A 18 -0.14 12.93 -6.44
CA GLU A 18 -0.17 13.30 -7.85
C GLU A 18 1.21 13.23 -8.47
N VAL A 19 1.52 12.12 -9.12
CA VAL A 19 2.82 11.92 -9.76
C VAL A 19 2.70 11.97 -11.28
N ILE A 20 3.73 12.51 -11.93
CA ILE A 20 3.73 12.61 -13.38
C ILE A 20 3.89 11.24 -14.03
N CYS A 21 2.81 10.72 -14.59
CA CYS A 21 2.81 9.42 -15.24
C CYS A 21 3.95 9.33 -16.25
N LYS A 22 4.01 8.22 -16.98
CA LYS A 22 5.04 8.01 -17.98
C LYS A 22 4.86 8.94 -19.17
N ASP A 23 3.60 9.14 -19.56
CA ASP A 23 3.28 10.02 -20.68
C ASP A 23 3.13 11.46 -20.22
N ASN A 24 3.94 11.85 -19.24
CA ASN A 24 3.89 13.20 -18.71
C ASN A 24 2.46 13.63 -18.41
N VAL A 25 1.71 12.75 -17.76
CA VAL A 25 0.32 13.04 -17.43
C VAL A 25 0.10 13.00 -15.91
N VAL A 26 -0.15 14.18 -15.34
CA VAL A 26 -0.37 14.29 -13.90
C VAL A 26 -1.75 13.78 -13.51
N VAL A 27 -1.79 12.81 -12.61
CA VAL A 27 -3.05 12.24 -12.15
C VAL A 27 -2.99 11.88 -10.66
N THR A 28 -4.14 11.93 -10.01
CA THR A 28 -4.23 11.61 -8.59
C THR A 28 -4.52 10.12 -8.37
N VAL A 29 -3.59 9.43 -7.74
CA VAL A 29 -3.75 8.00 -7.46
C VAL A 29 -4.00 7.75 -5.98
N ASP A 30 -4.56 6.59 -5.67
CA ASP A 30 -4.84 6.23 -4.29
C ASP A 30 -5.17 4.74 -4.18
N ALA A 31 -4.62 4.09 -3.15
CA ALA A 31 -4.86 2.68 -2.92
C ALA A 31 -4.70 2.32 -1.46
N VAL A 32 -5.55 1.42 -0.97
CA VAL A 32 -5.50 0.98 0.42
C VAL A 32 -4.66 -0.27 0.57
N VAL A 33 -4.19 -0.52 1.80
CA VAL A 33 -3.37 -1.69 2.08
C VAL A 33 -3.82 -2.38 3.36
N TYR A 34 -3.87 -3.70 3.33
CA TYR A 34 -4.28 -4.48 4.50
C TYR A 34 -3.07 -4.98 5.28
N TYR A 35 -3.31 -5.40 6.51
CA TYR A 35 -2.24 -5.90 7.36
C TYR A 35 -2.81 -6.63 8.58
N GLN A 36 -2.01 -7.53 9.15
CA GLN A 36 -2.43 -8.30 10.32
C GLN A 36 -1.23 -8.71 11.16
N VAL A 37 -1.35 -8.53 12.47
CA VAL A 37 -0.26 -8.88 13.39
C VAL A 37 -0.17 -10.39 13.57
N ILE A 38 0.77 -11.01 12.85
CA ILE A 38 0.96 -12.45 12.93
C ILE A 38 1.83 -12.83 14.12
N ASP A 39 2.43 -11.81 14.75
CA ASP A 39 3.29 -12.03 15.90
C ASP A 39 3.36 -10.79 16.78
N PRO A 40 2.75 -10.87 17.97
CA PRO A 40 2.72 -9.75 18.92
C PRO A 40 4.09 -9.48 19.53
N VAL A 41 4.87 -10.55 19.72
CA VAL A 41 6.20 -10.43 20.30
C VAL A 41 7.11 -9.58 19.41
N LYS A 42 6.68 -9.36 18.17
CA LYS A 42 7.45 -8.56 17.22
C LYS A 42 6.85 -7.17 17.06
N ALA A 43 5.55 -7.07 17.31
CA ALA A 43 4.85 -5.80 17.20
C ALA A 43 4.57 -5.20 18.58
N VAL A 44 5.57 -5.22 19.44
CA VAL A 44 5.43 -4.69 20.80
C VAL A 44 5.50 -3.16 20.79
N TYR A 45 5.72 -2.59 19.62
CA TYR A 45 5.82 -1.14 19.48
C TYR A 45 4.43 -0.52 19.28
N ASN A 46 3.44 -1.06 19.99
CA ASN A 46 2.07 -0.55 19.90
C ASN A 46 1.65 -0.43 18.44
N VAL A 47 2.24 -1.24 17.58
CA VAL A 47 1.91 -1.22 16.15
C VAL A 47 1.63 0.20 15.68
N SER A 48 2.42 1.15 16.16
CA SER A 48 2.27 2.54 15.79
C SER A 48 3.22 2.92 14.66
N ASP A 49 4.50 2.60 14.85
CA ASP A 49 5.51 2.91 13.86
C ASP A 49 5.15 2.30 12.50
N PHE A 50 4.62 1.08 12.52
CA PHE A 50 4.22 0.39 11.30
C PHE A 50 3.14 1.17 10.57
N LEU A 51 2.19 1.71 11.33
CA LEU A 51 1.08 2.47 10.75
C LEU A 51 1.61 3.69 9.98
N MET A 52 2.17 4.64 10.72
CA MET A 52 2.72 5.85 10.11
C MET A 52 3.75 5.51 9.04
N ALA A 53 4.57 4.49 9.32
CA ALA A 53 5.59 4.06 8.38
C ALA A 53 4.98 3.61 7.06
N ILE A 54 4.10 2.61 7.12
CA ILE A 54 3.43 2.09 5.93
C ILE A 54 2.91 3.23 5.05
N VAL A 55 2.06 4.06 5.62
CA VAL A 55 1.48 5.18 4.90
C VAL A 55 2.56 6.00 4.20
N LYS A 56 3.79 5.91 4.72
CA LYS A 56 4.92 6.63 4.14
C LYS A 56 5.66 5.76 3.14
N LEU A 57 5.70 4.46 3.39
CA LEU A 57 6.38 3.52 2.51
C LEU A 57 5.71 3.48 1.14
N ALA A 58 4.40 3.27 1.14
CA ALA A 58 3.64 3.20 -0.11
C ALA A 58 3.93 4.41 -0.99
N GLN A 59 4.19 5.55 -0.36
CA GLN A 59 4.48 6.77 -1.09
C GLN A 59 5.81 6.67 -1.83
N THR A 60 6.73 5.90 -1.25
CA THR A 60 8.06 5.72 -1.85
C THR A 60 8.04 4.55 -2.82
N ASN A 61 7.19 3.57 -2.57
CA ASN A 61 7.09 2.40 -3.43
C ASN A 61 6.28 2.71 -4.69
N LEU A 62 5.15 3.39 -4.50
CA LEU A 62 4.29 3.76 -5.61
C LEU A 62 5.02 4.67 -6.59
N ARG A 63 5.77 5.62 -6.05
CA ARG A 63 6.52 6.56 -6.87
C ARG A 63 7.37 5.83 -7.91
N ALA A 64 7.70 4.57 -7.61
CA ALA A 64 8.50 3.77 -8.52
C ALA A 64 7.65 3.17 -9.63
N ILE A 65 6.62 2.42 -9.24
CA ILE A 65 5.73 1.79 -10.20
C ILE A 65 4.70 2.79 -10.73
N ILE A 66 3.86 3.31 -9.83
CA ILE A 66 2.83 4.27 -10.22
C ILE A 66 3.44 5.43 -11.00
N GLY A 67 4.57 5.95 -10.52
CA GLY A 67 5.24 7.04 -11.19
C GLY A 67 5.32 6.84 -12.68
N GLU A 68 5.31 5.59 -13.12
CA GLU A 68 5.39 5.27 -14.54
C GLU A 68 4.21 4.41 -14.97
N MET A 69 3.36 4.97 -15.82
CA MET A 69 2.18 4.25 -16.31
C MET A 69 1.49 5.05 -17.42
N GLU A 70 0.38 4.51 -17.92
CA GLU A 70 -0.38 5.17 -18.98
C GLU A 70 -1.81 5.46 -18.54
N LEU A 71 -2.25 6.69 -18.73
CA LEU A 71 -3.59 7.10 -18.35
C LEU A 71 -4.58 5.95 -18.54
N ASP A 72 -4.36 5.14 -19.58
CA ASP A 72 -5.23 4.01 -19.87
C ASP A 72 -4.87 2.81 -18.99
N GLU A 73 -3.58 2.47 -18.97
CA GLU A 73 -3.11 1.34 -18.17
C GLU A 73 -3.52 1.50 -16.70
N THR A 74 -3.25 2.68 -16.15
CA THR A 74 -3.59 2.95 -14.77
C THR A 74 -5.01 2.48 -14.43
N LEU A 75 -5.88 2.52 -15.43
CA LEU A 75 -7.26 2.09 -15.25
C LEU A 75 -7.36 0.57 -15.16
N SER A 76 -6.73 -0.12 -16.10
CA SER A 76 -6.74 -1.57 -16.12
C SER A 76 -5.39 -2.14 -15.70
N GLY A 77 -4.76 -1.48 -14.72
CA GLY A 77 -3.46 -1.93 -14.25
C GLY A 77 -3.43 -2.05 -12.73
N ARG A 78 -4.59 -2.18 -12.12
CA ARG A 78 -4.68 -2.31 -10.67
C ARG A 78 -4.24 -3.69 -10.22
N ASP A 79 -3.88 -4.54 -11.18
CA ASP A 79 -3.44 -5.89 -10.88
C ASP A 79 -1.91 -5.96 -10.78
N ILE A 80 -1.24 -5.05 -11.48
CA ILE A 80 0.22 -5.01 -11.47
C ILE A 80 0.73 -4.20 -10.29
N ILE A 81 0.07 -3.07 -10.01
CA ILE A 81 0.47 -2.21 -8.91
C ILE A 81 0.38 -2.95 -7.58
N ASN A 82 -0.80 -3.46 -7.26
CA ASN A 82 -1.01 -4.19 -6.02
C ASN A 82 -0.09 -5.41 -5.95
N ALA A 83 0.17 -6.01 -7.10
CA ALA A 83 1.03 -7.19 -7.17
C ALA A 83 2.40 -6.90 -6.56
N ARG A 84 2.91 -5.70 -6.83
CA ARG A 84 4.22 -5.31 -6.31
C ARG A 84 4.11 -4.76 -4.89
N LEU A 85 3.31 -3.71 -4.73
CA LEU A 85 3.11 -3.09 -3.42
C LEU A 85 2.95 -4.16 -2.34
N ARG A 86 2.02 -5.08 -2.55
CA ARG A 86 1.77 -6.15 -1.59
C ARG A 86 3.08 -6.74 -1.09
N GLU A 87 4.04 -6.91 -2.00
CA GLU A 87 5.34 -7.47 -1.65
C GLU A 87 6.20 -6.44 -0.93
N GLU A 88 6.42 -5.30 -1.58
CA GLU A 88 7.24 -4.24 -1.01
C GLU A 88 6.79 -3.93 0.42
N LEU A 89 5.54 -4.26 0.73
CA LEU A 89 5.00 -4.01 2.06
C LEU A 89 4.95 -5.31 2.88
N ASP A 90 4.91 -6.44 2.18
CA ASP A 90 4.88 -7.74 2.84
C ASP A 90 6.27 -8.16 3.28
N LYS A 91 7.28 -7.39 2.88
CA LYS A 91 8.66 -7.68 3.23
C LYS A 91 9.18 -6.72 4.29
N ILE A 92 8.70 -5.49 4.24
CA ILE A 92 9.11 -4.46 5.20
C ILE A 92 8.38 -4.64 6.53
N THR A 93 7.28 -5.38 6.50
CA THR A 93 6.49 -5.62 7.70
C THR A 93 6.85 -6.96 8.34
N ASP A 94 7.10 -7.96 7.50
CA ASP A 94 7.45 -9.29 7.98
C ASP A 94 8.45 -9.20 9.13
N ARG A 95 9.45 -8.35 8.98
CA ARG A 95 10.47 -8.17 10.00
C ARG A 95 9.85 -7.68 11.31
N TRP A 96 8.81 -6.87 11.20
CA TRP A 96 8.12 -6.33 12.38
C TRP A 96 7.06 -7.31 12.87
N GLY A 97 7.11 -8.54 12.36
CA GLY A 97 6.14 -9.55 12.76
C GLY A 97 4.78 -9.33 12.14
N VAL A 98 4.72 -8.43 11.16
CA VAL A 98 3.46 -8.13 10.47
C VAL A 98 3.57 -8.43 8.99
N LYS A 99 2.50 -8.97 8.42
CA LYS A 99 2.47 -9.30 7.00
C LYS A 99 1.22 -8.74 6.34
N ILE A 100 1.35 -8.32 5.08
CA ILE A 100 0.22 -7.76 4.34
C ILE A 100 -0.73 -8.86 3.87
N THR A 101 -1.88 -8.96 4.53
CA THR A 101 -2.88 -9.96 4.18
C THR A 101 -3.26 -9.87 2.71
N ARG A 102 -3.42 -8.65 2.22
CA ARG A 102 -3.80 -8.42 0.82
C ARG A 102 -3.70 -6.94 0.47
N VAL A 103 -3.98 -6.62 -0.79
CA VAL A 103 -3.93 -5.24 -1.26
C VAL A 103 -5.21 -4.86 -2.00
N GLU A 104 -5.58 -3.58 -1.91
CA GLU A 104 -6.78 -3.09 -2.57
C GLU A 104 -6.53 -1.75 -3.22
N ILE A 105 -6.62 -1.70 -4.54
CA ILE A 105 -6.41 -0.46 -5.28
C ILE A 105 -7.73 0.28 -5.52
N GLN A 106 -7.68 1.60 -5.43
CA GLN A 106 -8.87 2.41 -5.63
C GLN A 106 -8.89 3.02 -7.03
N ARG A 107 -10.06 3.44 -7.49
CA ARG A 107 -10.21 4.02 -8.80
C ARG A 107 -9.20 5.15 -9.01
N ILE A 108 -8.93 5.48 -10.27
CA ILE A 108 -7.99 6.54 -10.61
C ILE A 108 -8.72 7.78 -11.13
N ASP A 109 -8.06 8.93 -11.01
CA ASP A 109 -8.64 10.18 -11.49
C ASP A 109 -7.81 10.77 -12.63
N PRO A 110 -8.49 11.13 -13.73
CA PRO A 110 -7.84 11.71 -14.91
C PRO A 110 -7.32 13.12 -14.65
N PRO A 111 -6.40 13.57 -15.51
CA PRO A 111 -5.81 14.91 -15.40
C PRO A 111 -6.81 16.01 -15.72
N LYS A 112 -7.00 16.93 -14.77
CA LYS A 112 -7.93 18.03 -14.95
C LYS A 112 -7.23 19.22 -15.63
N ASP A 113 -8.04 20.15 -16.14
CA ASP A 113 -7.50 21.33 -16.81
C ASP A 113 -6.99 22.35 -15.79
N GLY A 1 1.40 -15.95 18.63
CA GLY A 1 1.22 -16.05 20.07
C GLY A 1 0.17 -17.09 20.45
N SER A 2 -1.02 -16.62 20.81
CA SER A 2 -2.11 -17.51 21.21
C SER A 2 -2.51 -18.42 20.04
N ASP A 3 -2.74 -19.70 20.35
CA ASP A 3 -3.13 -20.66 19.34
C ASP A 3 -4.37 -20.20 18.59
N HIS A 4 -5.45 -19.95 19.33
CA HIS A 4 -6.70 -19.50 18.74
C HIS A 4 -6.64 -18.00 18.44
N VAL A 5 -6.61 -17.66 17.16
CA VAL A 5 -6.56 -16.26 16.73
C VAL A 5 -7.35 -16.04 15.45
N ASP A 6 -8.00 -14.89 15.35
CA ASP A 6 -8.80 -14.56 14.18
C ASP A 6 -7.92 -13.97 13.07
N LEU A 7 -8.28 -14.25 11.83
CA LEU A 7 -7.53 -13.76 10.68
C LEU A 7 -8.05 -12.40 10.23
N ARG A 8 -8.29 -11.51 11.19
CA ARG A 8 -8.79 -10.18 10.89
C ARG A 8 -7.67 -9.28 10.35
N GLU A 9 -7.97 -8.56 9.27
CA GLU A 9 -6.99 -7.68 8.66
C GLU A 9 -7.43 -6.22 8.77
N HIS A 10 -6.49 -5.32 9.01
CA HIS A 10 -6.78 -3.90 9.14
C HIS A 10 -6.42 -3.15 7.85
N VAL A 11 -7.01 -1.99 7.66
CA VAL A 11 -6.75 -1.17 6.47
C VAL A 11 -5.99 0.09 6.84
N ILE A 12 -5.09 0.51 5.95
CA ILE A 12 -4.30 1.71 6.17
C ILE A 12 -4.78 2.86 5.29
N ASP A 13 -4.91 4.04 5.88
CA ASP A 13 -5.36 5.23 5.15
C ASP A 13 -4.17 6.08 4.72
N VAL A 14 -3.88 6.06 3.42
CA VAL A 14 -2.77 6.84 2.88
C VAL A 14 -3.27 7.92 1.94
N PRO A 15 -2.70 9.14 2.08
CA PRO A 15 -3.06 10.28 1.25
C PRO A 15 -2.61 10.13 -0.19
N PRO A 16 -3.41 10.67 -1.12
CA PRO A 16 -3.11 10.60 -2.56
C PRO A 16 -1.92 11.47 -2.94
N GLN A 17 -1.32 11.17 -4.09
CA GLN A 17 -0.17 11.92 -4.57
C GLN A 17 -0.19 12.04 -6.08
N GLU A 18 -0.04 13.27 -6.58
CA GLU A 18 -0.04 13.52 -8.01
C GLU A 18 1.33 13.25 -8.62
N VAL A 19 1.51 12.05 -9.14
CA VAL A 19 2.78 11.66 -9.76
C VAL A 19 2.72 11.79 -11.27
N ILE A 20 3.82 12.27 -11.86
CA ILE A 20 3.88 12.43 -13.31
C ILE A 20 3.86 11.09 -14.03
N CYS A 21 2.70 10.74 -14.57
CA CYS A 21 2.56 9.47 -15.29
C CYS A 21 3.65 9.30 -16.33
N LYS A 22 3.66 8.14 -16.99
CA LYS A 22 4.65 7.86 -18.02
C LYS A 22 4.57 8.87 -19.16
N ASP A 23 3.35 9.19 -19.57
CA ASP A 23 3.12 10.14 -20.64
C ASP A 23 3.13 11.57 -20.11
N ASN A 24 3.88 11.80 -19.04
CA ASN A 24 3.97 13.12 -18.43
C ASN A 24 2.57 13.68 -18.14
N VAL A 25 1.75 12.88 -17.49
CA VAL A 25 0.39 13.29 -17.14
C VAL A 25 0.18 13.31 -15.63
N VAL A 26 -0.16 14.47 -15.10
CA VAL A 26 -0.39 14.62 -13.67
C VAL A 26 -1.76 14.08 -13.27
N VAL A 27 -1.76 13.04 -12.45
CA VAL A 27 -3.00 12.43 -11.99
C VAL A 27 -2.93 12.05 -10.52
N THR A 28 -4.07 12.07 -9.84
CA THR A 28 -4.13 11.74 -8.42
C THR A 28 -4.42 10.26 -8.22
N VAL A 29 -3.48 9.55 -7.61
CA VAL A 29 -3.65 8.12 -7.36
C VAL A 29 -3.68 7.82 -5.86
N ASP A 30 -4.54 6.90 -5.46
CA ASP A 30 -4.66 6.52 -4.06
C ASP A 30 -4.93 5.03 -3.92
N ALA A 31 -4.33 4.41 -2.90
CA ALA A 31 -4.49 2.99 -2.65
C ALA A 31 -4.28 2.66 -1.18
N VAL A 32 -5.03 1.68 -0.69
CA VAL A 32 -4.92 1.27 0.71
C VAL A 32 -4.06 0.01 0.84
N VAL A 33 -3.66 -0.29 2.08
CA VAL A 33 -2.83 -1.47 2.34
C VAL A 33 -3.36 -2.25 3.53
N TYR A 34 -3.49 -3.57 3.35
CA TYR A 34 -3.98 -4.44 4.41
C TYR A 34 -2.83 -5.00 5.23
N TYR A 35 -3.14 -5.40 6.47
CA TYR A 35 -2.14 -5.96 7.36
C TYR A 35 -2.79 -6.66 8.55
N GLN A 36 -2.07 -7.59 9.16
CA GLN A 36 -2.58 -8.33 10.31
C GLN A 36 -1.44 -8.81 11.20
N VAL A 37 -1.45 -8.38 12.46
CA VAL A 37 -0.42 -8.77 13.41
C VAL A 37 -0.39 -10.29 13.60
N ILE A 38 0.55 -10.95 12.92
CA ILE A 38 0.69 -12.40 13.03
C ILE A 38 1.55 -12.79 14.21
N ASP A 39 2.42 -11.87 14.64
CA ASP A 39 3.30 -12.12 15.78
C ASP A 39 3.39 -10.89 16.67
N PRO A 40 2.71 -10.97 17.84
CA PRO A 40 2.71 -9.87 18.81
C PRO A 40 4.06 -9.67 19.49
N VAL A 41 4.68 -10.77 19.89
CA VAL A 41 5.98 -10.73 20.54
C VAL A 41 6.97 -9.87 19.75
N LYS A 42 6.67 -9.66 18.47
CA LYS A 42 7.52 -8.87 17.60
C LYS A 42 6.87 -7.52 17.29
N ALA A 43 5.55 -7.51 17.19
CA ALA A 43 4.81 -6.29 16.90
C ALA A 43 4.18 -5.71 18.16
N VAL A 44 4.94 -5.71 19.25
CA VAL A 44 4.46 -5.19 20.52
C VAL A 44 4.70 -3.69 20.63
N TYR A 45 4.60 -3.00 19.50
CA TYR A 45 4.82 -1.56 19.47
C TYR A 45 3.52 -0.83 19.15
N ASN A 46 2.39 -1.45 19.51
CA ASN A 46 1.09 -0.86 19.26
C ASN A 46 0.88 -0.58 17.77
N VAL A 47 1.43 -1.45 16.93
CA VAL A 47 1.31 -1.30 15.49
C VAL A 47 1.30 0.17 15.09
N SER A 48 2.06 0.99 15.81
CA SER A 48 2.12 2.41 15.53
C SER A 48 3.16 2.71 14.47
N ASP A 49 4.42 2.37 14.75
CA ASP A 49 5.51 2.59 13.81
C ASP A 49 5.15 2.07 12.43
N PHE A 50 4.62 0.85 12.38
CA PHE A 50 4.25 0.24 11.11
C PHE A 50 3.21 1.11 10.38
N LEU A 51 2.28 1.67 11.13
CA LEU A 51 1.24 2.52 10.55
C LEU A 51 1.87 3.74 9.86
N MET A 52 2.49 4.61 10.64
CA MET A 52 3.12 5.81 10.10
C MET A 52 4.17 5.45 9.06
N ALA A 53 4.81 4.29 9.24
CA ALA A 53 5.83 3.83 8.31
C ALA A 53 5.23 3.46 6.97
N ILE A 54 4.41 2.42 6.96
CA ILE A 54 3.77 1.95 5.73
C ILE A 54 3.33 3.14 4.87
N VAL A 55 2.41 3.94 5.39
CA VAL A 55 1.90 5.10 4.68
C VAL A 55 3.03 5.84 3.97
N LYS A 56 4.09 6.14 4.71
CA LYS A 56 5.24 6.84 4.16
C LYS A 56 5.89 6.03 3.05
N LEU A 57 6.18 4.76 3.34
CA LEU A 57 6.80 3.88 2.36
C LEU A 57 6.05 3.91 1.05
N ALA A 58 4.78 3.53 1.09
CA ALA A 58 3.95 3.51 -0.11
C ALA A 58 4.22 4.73 -0.99
N GLN A 59 3.96 5.91 -0.44
CA GLN A 59 4.17 7.16 -1.16
C GLN A 59 5.45 7.09 -2.00
N THR A 60 6.45 6.37 -1.49
CA THR A 60 7.72 6.23 -2.19
C THR A 60 7.69 5.05 -3.14
N ASN A 61 7.34 3.87 -2.61
CA ASN A 61 7.27 2.66 -3.43
C ASN A 61 6.34 2.85 -4.61
N LEU A 62 5.09 3.22 -4.33
CA LEU A 62 4.09 3.43 -5.38
C LEU A 62 4.64 4.39 -6.44
N ARG A 63 5.32 5.44 -6.00
CA ARG A 63 5.89 6.42 -6.92
C ARG A 63 6.80 5.75 -7.94
N ALA A 64 7.29 4.57 -7.60
CA ALA A 64 8.17 3.83 -8.49
C ALA A 64 7.38 3.17 -9.63
N ILE A 65 6.44 2.31 -9.27
CA ILE A 65 5.62 1.62 -10.26
C ILE A 65 4.52 2.55 -10.79
N ILE A 66 3.66 3.02 -9.90
CA ILE A 66 2.56 3.90 -10.28
C ILE A 66 3.09 5.13 -11.02
N GLY A 67 4.13 5.75 -10.47
CA GLY A 67 4.71 6.93 -11.09
C GLY A 67 4.85 6.78 -12.58
N GLU A 68 4.98 5.54 -13.05
CA GLU A 68 5.14 5.27 -14.48
C GLU A 68 4.02 4.36 -14.98
N MET A 69 3.16 4.90 -15.83
CA MET A 69 2.05 4.13 -16.38
C MET A 69 1.32 4.94 -17.46
N GLU A 70 0.22 4.38 -17.96
CA GLU A 70 -0.56 5.04 -19.00
C GLU A 70 -1.96 5.37 -18.51
N LEU A 71 -2.36 6.63 -18.66
CA LEU A 71 -3.68 7.07 -18.22
C LEU A 71 -4.71 5.95 -18.38
N ASP A 72 -4.55 5.16 -19.43
CA ASP A 72 -5.46 4.05 -19.70
C ASP A 72 -5.07 2.81 -18.91
N GLU A 73 -3.90 2.27 -19.23
CA GLU A 73 -3.40 1.08 -18.56
C GLU A 73 -3.66 1.16 -17.06
N THR A 74 -3.31 2.30 -16.47
CA THR A 74 -3.50 2.51 -15.04
C THR A 74 -4.74 1.79 -14.53
N LEU A 75 -5.80 1.82 -15.33
CA LEU A 75 -7.05 1.16 -14.96
C LEU A 75 -6.93 -0.36 -15.09
N SER A 76 -6.46 -0.81 -16.26
CA SER A 76 -6.30 -2.23 -16.53
C SER A 76 -5.30 -2.85 -15.56
N GLY A 77 -4.08 -2.33 -15.55
CA GLY A 77 -3.05 -2.84 -14.68
C GLY A 77 -3.26 -2.43 -13.23
N ARG A 78 -4.35 -2.92 -12.63
CA ARG A 78 -4.68 -2.60 -11.25
C ARG A 78 -4.19 -3.70 -10.31
N ASP A 79 -4.46 -4.95 -10.69
CA ASP A 79 -4.05 -6.09 -9.87
C ASP A 79 -2.55 -6.11 -9.68
N ILE A 80 -1.81 -5.56 -10.65
CA ILE A 80 -0.36 -5.51 -10.58
C ILE A 80 0.11 -4.47 -9.56
N ILE A 81 -0.26 -3.22 -9.81
CA ILE A 81 0.11 -2.12 -8.92
C ILE A 81 0.04 -2.55 -7.45
N ASN A 82 -1.10 -3.13 -7.08
CA ASN A 82 -1.30 -3.59 -5.70
C ASN A 82 -0.43 -4.79 -5.40
N ALA A 83 -0.21 -5.62 -6.42
CA ALA A 83 0.62 -6.82 -6.26
C ALA A 83 2.03 -6.46 -5.80
N ARG A 84 2.75 -5.75 -6.66
CA ARG A 84 4.12 -5.34 -6.36
C ARG A 84 4.21 -4.77 -4.95
N LEU A 85 3.51 -3.66 -4.71
CA LEU A 85 3.53 -3.02 -3.40
C LEU A 85 3.27 -4.04 -2.29
N ARG A 86 2.20 -4.82 -2.45
CA ARG A 86 1.86 -5.84 -1.46
C ARG A 86 3.09 -6.61 -1.02
N GLU A 87 3.97 -6.92 -1.97
CA GLU A 87 5.18 -7.66 -1.67
C GLU A 87 6.26 -6.73 -1.12
N GLU A 88 6.60 -5.70 -1.87
CA GLU A 88 7.60 -4.74 -1.45
C GLU A 88 7.44 -4.39 0.03
N LEU A 89 6.25 -3.94 0.40
CA LEU A 89 5.96 -3.56 1.78
C LEU A 89 5.97 -4.79 2.68
N ASP A 90 5.49 -5.92 2.15
CA ASP A 90 5.43 -7.16 2.91
C ASP A 90 6.82 -7.56 3.39
N LYS A 91 7.85 -7.03 2.74
CA LYS A 91 9.23 -7.32 3.10
C LYS A 91 9.69 -6.45 4.27
N ILE A 92 9.12 -5.25 4.36
CA ILE A 92 9.48 -4.32 5.43
C ILE A 92 8.67 -4.61 6.69
N THR A 93 7.58 -5.36 6.53
CA THR A 93 6.73 -5.71 7.67
C THR A 93 7.13 -7.07 8.25
N ASP A 94 7.46 -8.01 7.38
CA ASP A 94 7.86 -9.35 7.81
C ASP A 94 8.78 -9.27 9.02
N ARG A 95 9.54 -8.19 9.12
CA ARG A 95 10.47 -8.00 10.23
C ARG A 95 9.73 -7.51 11.47
N TRP A 96 8.73 -6.66 11.26
CA TRP A 96 7.95 -6.11 12.35
C TRP A 96 6.83 -7.07 12.77
N GLY A 97 7.09 -8.36 12.60
CA GLY A 97 6.09 -9.36 12.95
C GLY A 97 4.74 -9.08 12.33
N VAL A 98 4.75 -8.52 11.12
CA VAL A 98 3.51 -8.20 10.42
C VAL A 98 3.64 -8.48 8.93
N LYS A 99 2.55 -8.94 8.32
CA LYS A 99 2.53 -9.25 6.90
C LYS A 99 1.37 -8.56 6.20
N ILE A 100 1.55 -8.24 4.92
CA ILE A 100 0.51 -7.58 4.14
C ILE A 100 -0.42 -8.60 3.49
N THR A 101 -1.50 -8.95 4.20
CA THR A 101 -2.46 -9.91 3.68
C THR A 101 -2.76 -9.67 2.20
N ARG A 102 -2.99 -8.40 1.86
CA ARG A 102 -3.29 -8.04 0.48
C ARG A 102 -3.26 -6.52 0.30
N VAL A 103 -3.62 -6.06 -0.90
CA VAL A 103 -3.65 -4.63 -1.19
C VAL A 103 -4.86 -4.27 -2.03
N GLU A 104 -5.37 -3.05 -1.82
CA GLU A 104 -6.54 -2.58 -2.56
C GLU A 104 -6.27 -1.22 -3.20
N ILE A 105 -6.69 -1.06 -4.44
CA ILE A 105 -6.50 0.19 -5.17
C ILE A 105 -7.78 1.02 -5.20
N GLN A 106 -7.64 2.33 -5.08
CA GLN A 106 -8.79 3.23 -5.12
C GLN A 106 -8.97 3.83 -6.50
N ARG A 107 -10.17 4.36 -6.76
CA ARG A 107 -10.47 4.98 -8.04
C ARG A 107 -9.36 5.94 -8.46
N ILE A 108 -9.25 6.19 -9.76
CA ILE A 108 -8.25 7.09 -10.29
C ILE A 108 -8.86 8.38 -10.81
N ASP A 109 -8.06 9.43 -10.88
CA ASP A 109 -8.54 10.72 -11.36
C ASP A 109 -7.66 11.24 -12.49
N PRO A 110 -8.30 11.70 -13.58
CA PRO A 110 -7.60 12.23 -14.75
C PRO A 110 -6.90 13.56 -14.46
N PRO A 111 -6.07 14.01 -15.42
CA PRO A 111 -5.33 15.27 -15.28
C PRO A 111 -6.24 16.49 -15.37
N LYS A 112 -5.97 17.48 -14.54
CA LYS A 112 -6.75 18.71 -14.52
C LYS A 112 -6.79 19.35 -15.90
N ASP A 113 -7.73 20.27 -16.09
CA ASP A 113 -7.86 20.97 -17.37
C ASP A 113 -8.32 22.42 -17.15
N GLY A 1 -9.93 -17.26 30.33
CA GLY A 1 -8.82 -17.15 29.40
C GLY A 1 -9.05 -16.07 28.37
N SER A 2 -9.12 -16.47 27.10
CA SER A 2 -9.33 -15.52 26.01
C SER A 2 -10.21 -16.13 24.93
N ASP A 3 -10.96 -15.28 24.22
CA ASP A 3 -11.84 -15.73 23.16
C ASP A 3 -11.03 -16.21 21.95
N HIS A 4 -11.71 -16.85 21.01
CA HIS A 4 -11.06 -17.36 19.81
C HIS A 4 -10.75 -16.22 18.84
N VAL A 5 -9.47 -16.09 18.48
CA VAL A 5 -9.04 -15.05 17.56
C VAL A 5 -8.97 -15.57 16.13
N ASP A 6 -9.42 -14.75 15.18
CA ASP A 6 -9.41 -15.13 13.77
C ASP A 6 -8.37 -14.32 13.01
N LEU A 7 -8.32 -14.53 11.69
CA LEU A 7 -7.37 -13.82 10.84
C LEU A 7 -7.93 -12.47 10.41
N ARG A 8 -8.48 -11.73 11.36
CA ARG A 8 -9.04 -10.41 11.08
C ARG A 8 -7.98 -9.47 10.54
N GLU A 9 -8.23 -8.93 9.35
CA GLU A 9 -7.30 -8.00 8.71
C GLU A 9 -7.79 -6.56 8.82
N HIS A 10 -6.86 -5.63 9.00
CA HIS A 10 -7.20 -4.22 9.11
C HIS A 10 -6.70 -3.44 7.90
N VAL A 11 -7.46 -2.42 7.50
CA VAL A 11 -7.10 -1.59 6.35
C VAL A 11 -6.33 -0.35 6.79
N ILE A 12 -5.31 0.01 6.02
CA ILE A 12 -4.51 1.18 6.32
C ILE A 12 -4.80 2.33 5.36
N ASP A 13 -5.26 3.44 5.90
CA ASP A 13 -5.58 4.61 5.08
C ASP A 13 -4.31 5.35 4.68
N VAL A 14 -4.06 5.44 3.37
CA VAL A 14 -2.89 6.13 2.86
C VAL A 14 -3.28 7.32 2.01
N PRO A 15 -2.63 8.47 2.26
CA PRO A 15 -2.89 9.71 1.52
C PRO A 15 -2.40 9.64 0.09
N PRO A 16 -3.15 10.27 -0.83
CA PRO A 16 -2.81 10.29 -2.26
C PRO A 16 -1.58 11.14 -2.54
N GLN A 17 -1.01 10.96 -3.73
CA GLN A 17 0.18 11.71 -4.13
C GLN A 17 0.18 11.99 -5.63
N GLU A 18 0.58 13.20 -6.01
CA GLU A 18 0.62 13.60 -7.40
C GLU A 18 1.98 13.27 -8.02
N VAL A 19 1.95 12.59 -9.17
CA VAL A 19 3.18 12.21 -9.86
C VAL A 19 2.97 12.24 -11.37
N ILE A 20 4.03 12.62 -12.10
CA ILE A 20 3.96 12.69 -13.55
C ILE A 20 4.03 11.29 -14.16
N CYS A 21 2.93 10.90 -14.81
CA CYS A 21 2.86 9.58 -15.45
C CYS A 21 3.93 9.43 -16.51
N LYS A 22 3.91 8.30 -17.22
CA LYS A 22 4.88 8.04 -18.28
C LYS A 22 4.68 8.97 -19.46
N ASP A 23 3.42 9.25 -19.78
CA ASP A 23 3.10 10.13 -20.90
C ASP A 23 3.03 11.58 -20.43
N ASN A 24 3.71 11.88 -19.34
CA ASN A 24 3.73 13.23 -18.79
C ASN A 24 2.32 13.69 -18.42
N VAL A 25 1.61 12.86 -17.66
CA VAL A 25 0.25 13.18 -17.24
C VAL A 25 0.17 13.25 -15.72
N VAL A 26 -0.06 14.45 -15.20
CA VAL A 26 -0.17 14.66 -13.76
C VAL A 26 -1.52 14.18 -13.25
N VAL A 27 -1.49 13.15 -12.40
CA VAL A 27 -2.71 12.59 -11.82
C VAL A 27 -2.52 12.23 -10.36
N THR A 28 -3.62 12.06 -9.64
CA THR A 28 -3.58 11.72 -8.23
C THR A 28 -3.88 10.25 -8.01
N VAL A 29 -2.97 9.55 -7.34
CA VAL A 29 -3.15 8.13 -7.06
C VAL A 29 -3.51 7.89 -5.60
N ASP A 30 -4.05 6.71 -5.31
CA ASP A 30 -4.44 6.35 -3.95
C ASP A 30 -4.82 4.88 -3.86
N ALA A 31 -4.31 4.21 -2.82
CA ALA A 31 -4.60 2.79 -2.63
C ALA A 31 -4.50 2.43 -1.14
N VAL A 32 -5.20 1.36 -0.76
CA VAL A 32 -5.19 0.90 0.62
C VAL A 32 -4.31 -0.33 0.79
N VAL A 33 -3.96 -0.64 2.03
CA VAL A 33 -3.11 -1.79 2.32
C VAL A 33 -3.67 -2.60 3.48
N TYR A 34 -3.71 -3.92 3.31
CA TYR A 34 -4.23 -4.81 4.34
C TYR A 34 -3.10 -5.39 5.19
N TYR A 35 -3.41 -5.75 6.43
CA TYR A 35 -2.42 -6.32 7.33
C TYR A 35 -3.09 -6.98 8.54
N GLN A 36 -2.35 -7.84 9.21
CA GLN A 36 -2.87 -8.54 10.38
C GLN A 36 -1.75 -8.92 11.34
N VAL A 37 -1.76 -8.32 12.52
CA VAL A 37 -0.73 -8.59 13.53
C VAL A 37 -0.62 -10.09 13.79
N ILE A 38 0.27 -10.75 13.05
CA ILE A 38 0.48 -12.19 13.20
C ILE A 38 1.56 -12.48 14.24
N ASP A 39 2.45 -11.50 14.45
CA ASP A 39 3.52 -11.65 15.41
C ASP A 39 3.65 -10.40 16.30
N PRO A 40 2.92 -10.41 17.42
CA PRO A 40 2.93 -9.29 18.36
C PRO A 40 4.26 -9.16 19.11
N VAL A 41 4.83 -10.30 19.49
CA VAL A 41 6.10 -10.31 20.21
C VAL A 41 7.04 -9.25 19.66
N LYS A 42 7.07 -9.11 18.34
CA LYS A 42 7.94 -8.14 17.68
C LYS A 42 7.21 -6.82 17.48
N ALA A 43 5.91 -6.90 17.19
CA ALA A 43 5.10 -5.71 16.98
C ALA A 43 4.59 -5.15 18.30
N VAL A 44 5.47 -5.13 19.30
CA VAL A 44 5.12 -4.61 20.62
C VAL A 44 5.35 -3.10 20.69
N TYR A 45 4.87 -2.38 19.68
CA TYR A 45 5.04 -0.93 19.65
C TYR A 45 3.71 -0.24 19.35
N ASN A 46 2.62 -0.84 19.82
CA ASN A 46 1.29 -0.29 19.61
C ASN A 46 0.97 -0.20 18.12
N VAL A 47 1.58 -1.08 17.34
CA VAL A 47 1.35 -1.10 15.89
C VAL A 47 1.18 0.31 15.34
N SER A 48 1.92 1.25 15.92
CA SER A 48 1.85 2.64 15.50
C SER A 48 2.88 2.92 14.40
N ASP A 49 4.14 2.69 14.70
CA ASP A 49 5.22 2.92 13.74
C ASP A 49 4.87 2.30 12.38
N PHE A 50 4.56 1.00 12.40
CA PHE A 50 4.21 0.29 11.17
C PHE A 50 3.15 1.06 10.38
N LEU A 51 2.09 1.47 11.07
CA LEU A 51 1.01 2.22 10.44
C LEU A 51 1.55 3.39 9.64
N MET A 52 2.08 4.39 10.35
CA MET A 52 2.63 5.58 9.71
C MET A 52 3.79 5.22 8.80
N ALA A 53 4.30 4.00 8.96
CA ALA A 53 5.42 3.52 8.15
C ALA A 53 4.93 2.96 6.82
N ILE A 54 3.76 2.33 6.84
CA ILE A 54 3.18 1.75 5.63
C ILE A 54 2.68 2.84 4.68
N VAL A 55 1.82 3.71 5.19
CA VAL A 55 1.27 4.81 4.39
C VAL A 55 2.37 5.67 3.80
N LYS A 56 3.54 5.63 4.44
CA LYS A 56 4.69 6.40 3.97
C LYS A 56 5.56 5.59 3.03
N LEU A 57 5.83 4.34 3.41
CA LEU A 57 6.64 3.45 2.59
C LEU A 57 6.10 3.35 1.17
N ALA A 58 4.78 3.20 1.07
CA ALA A 58 4.12 3.10 -0.24
C ALA A 58 4.35 4.36 -1.07
N GLN A 59 4.26 5.51 -0.42
CA GLN A 59 4.45 6.78 -1.11
C GLN A 59 5.72 6.76 -1.95
N THR A 60 6.73 6.02 -1.48
CA THR A 60 7.99 5.92 -2.20
C THR A 60 7.94 4.79 -3.23
N ASN A 61 7.52 3.61 -2.79
CA ASN A 61 7.43 2.45 -3.67
C ASN A 61 6.51 2.74 -4.85
N LEU A 62 5.26 3.07 -4.55
CA LEU A 62 4.27 3.37 -5.58
C LEU A 62 4.81 4.41 -6.56
N ARG A 63 5.52 5.40 -6.04
CA ARG A 63 6.09 6.45 -6.87
C ARG A 63 6.93 5.86 -8.00
N ALA A 64 7.55 4.72 -7.73
CA ALA A 64 8.37 4.04 -8.72
C ALA A 64 7.52 3.47 -9.85
N ILE A 65 6.50 2.70 -9.48
CA ILE A 65 5.62 2.09 -10.46
C ILE A 65 4.56 3.09 -10.95
N ILE A 66 3.76 3.59 -10.02
CA ILE A 66 2.72 4.55 -10.35
C ILE A 66 3.28 5.71 -11.17
N GLY A 67 4.49 6.13 -10.85
CA GLY A 67 5.13 7.22 -11.57
C GLY A 67 5.13 7.00 -13.06
N GLU A 68 5.26 5.74 -13.48
CA GLU A 68 5.29 5.40 -14.89
C GLU A 68 4.09 4.52 -15.26
N MET A 69 3.19 5.05 -16.08
CA MET A 69 2.01 4.31 -16.51
C MET A 69 1.26 5.07 -17.59
N GLU A 70 0.13 4.52 -18.02
CA GLU A 70 -0.68 5.14 -19.06
C GLU A 70 -2.06 5.52 -18.52
N LEU A 71 -2.39 6.80 -18.61
CA LEU A 71 -3.68 7.29 -18.13
C LEU A 71 -4.77 6.24 -18.34
N ASP A 72 -4.66 5.48 -19.42
CA ASP A 72 -5.64 4.45 -19.73
C ASP A 72 -5.30 3.15 -18.99
N GLU A 73 -4.06 2.70 -19.13
CA GLU A 73 -3.62 1.47 -18.47
C GLU A 73 -3.91 1.52 -16.97
N THR A 74 -3.56 2.63 -16.34
CA THR A 74 -3.78 2.81 -14.91
C THR A 74 -5.09 2.14 -14.48
N LEU A 75 -6.17 2.45 -15.19
CA LEU A 75 -7.47 1.88 -14.88
C LEU A 75 -7.42 0.35 -14.89
N SER A 76 -6.81 -0.21 -15.93
CA SER A 76 -6.70 -1.66 -16.07
C SER A 76 -5.29 -2.12 -15.70
N GLY A 77 -5.08 -2.35 -14.40
CA GLY A 77 -3.77 -2.80 -13.93
C GLY A 77 -3.66 -2.78 -12.42
N ARG A 78 -4.75 -3.13 -11.75
CA ARG A 78 -4.78 -3.16 -10.29
C ARG A 78 -4.05 -4.39 -9.76
N ASP A 79 -4.11 -5.47 -10.52
CA ASP A 79 -3.46 -6.72 -10.13
C ASP A 79 -1.96 -6.52 -9.97
N ILE A 80 -1.38 -5.72 -10.85
CA ILE A 80 0.06 -5.45 -10.80
C ILE A 80 0.39 -4.42 -9.73
N ILE A 81 -0.19 -3.22 -9.87
CA ILE A 81 0.05 -2.15 -8.91
C ILE A 81 0.01 -2.67 -7.48
N ASN A 82 -1.06 -3.39 -7.15
CA ASN A 82 -1.22 -3.95 -5.81
C ASN A 82 -0.25 -5.10 -5.58
N ALA A 83 0.02 -5.86 -6.64
CA ALA A 83 0.93 -6.98 -6.54
C ALA A 83 2.31 -6.54 -6.06
N ARG A 84 2.94 -5.66 -6.83
CA ARG A 84 4.26 -5.15 -6.48
C ARG A 84 4.31 -4.68 -5.03
N LEU A 85 3.59 -3.60 -4.75
CA LEU A 85 3.54 -3.04 -3.40
C LEU A 85 3.39 -4.15 -2.36
N ARG A 86 2.31 -4.91 -2.47
CA ARG A 86 2.05 -6.01 -1.54
C ARG A 86 3.35 -6.68 -1.13
N GLU A 87 4.23 -6.92 -2.10
CA GLU A 87 5.51 -7.57 -1.83
C GLU A 87 6.52 -6.56 -1.28
N GLU A 88 6.49 -5.34 -1.81
CA GLU A 88 7.40 -4.29 -1.37
C GLU A 88 7.18 -3.96 0.10
N LEU A 89 5.96 -4.18 0.57
CA LEU A 89 5.61 -3.90 1.96
C LEU A 89 5.63 -5.18 2.79
N ASP A 90 5.33 -6.30 2.15
CA ASP A 90 5.32 -7.59 2.82
C ASP A 90 6.71 -7.96 3.31
N LYS A 91 7.72 -7.26 2.80
CA LYS A 91 9.10 -7.52 3.18
C LYS A 91 9.55 -6.56 4.28
N ILE A 92 8.84 -5.44 4.39
CA ILE A 92 9.18 -4.44 5.41
C ILE A 92 8.40 -4.69 6.70
N THR A 93 7.41 -5.57 6.62
CA THR A 93 6.58 -5.90 7.78
C THR A 93 7.01 -7.23 8.39
N ASP A 94 7.44 -8.15 7.56
CA ASP A 94 7.89 -9.47 8.02
C ASP A 94 8.89 -9.33 9.15
N ARG A 95 9.56 -8.18 9.21
CA ARG A 95 10.56 -7.93 10.25
C ARG A 95 9.90 -7.34 11.49
N TRP A 96 8.82 -6.59 11.30
CA TRP A 96 8.10 -5.97 12.39
C TRP A 96 7.05 -6.91 12.97
N GLY A 97 7.19 -8.20 12.66
CA GLY A 97 6.24 -9.18 13.15
C GLY A 97 4.86 -8.99 12.56
N VAL A 98 4.80 -8.42 11.36
CA VAL A 98 3.53 -8.19 10.69
C VAL A 98 3.58 -8.66 9.24
N LYS A 99 2.52 -9.35 8.81
CA LYS A 99 2.44 -9.86 7.45
C LYS A 99 1.33 -9.17 6.67
N ILE A 100 1.59 -8.86 5.40
CA ILE A 100 0.61 -8.20 4.56
C ILE A 100 -0.33 -9.21 3.92
N THR A 101 -1.59 -9.21 4.37
CA THR A 101 -2.59 -10.13 3.84
C THR A 101 -2.80 -9.91 2.35
N ARG A 102 -3.11 -8.68 1.97
CA ARG A 102 -3.34 -8.34 0.58
C ARG A 102 -3.27 -6.83 0.35
N VAL A 103 -3.54 -6.41 -0.87
CA VAL A 103 -3.51 -4.98 -1.21
C VAL A 103 -4.65 -4.61 -2.15
N GLU A 104 -5.25 -3.45 -1.93
CA GLU A 104 -6.34 -2.98 -2.77
C GLU A 104 -6.06 -1.59 -3.32
N ILE A 105 -6.34 -1.39 -4.60
CA ILE A 105 -6.11 -0.10 -5.24
C ILE A 105 -7.42 0.66 -5.43
N GLN A 106 -7.37 1.96 -5.24
CA GLN A 106 -8.55 2.81 -5.39
C GLN A 106 -8.56 3.49 -6.76
N ARG A 107 -9.74 3.96 -7.16
CA ARG A 107 -9.89 4.63 -8.45
C ARG A 107 -8.85 5.74 -8.61
N ILE A 108 -8.53 6.06 -9.85
CA ILE A 108 -7.55 7.11 -10.14
C ILE A 108 -8.24 8.38 -10.63
N ASP A 109 -7.56 9.51 -10.45
CA ASP A 109 -8.09 10.80 -10.86
C ASP A 109 -7.34 11.34 -12.07
N PRO A 110 -8.07 11.56 -13.17
CA PRO A 110 -7.49 12.08 -14.42
C PRO A 110 -7.06 13.53 -14.30
N PRO A 111 -6.27 14.01 -15.27
CA PRO A 111 -5.76 15.38 -15.30
C PRO A 111 -6.86 16.39 -15.57
N LYS A 112 -6.67 17.62 -15.10
CA LYS A 112 -7.65 18.68 -15.30
C LYS A 112 -7.91 18.92 -16.78
N ASP A 113 -9.06 19.50 -17.09
CA ASP A 113 -9.43 19.79 -18.48
C ASP A 113 -8.75 21.07 -18.97
N GLY A 1 -1.88 -23.68 8.02
CA GLY A 1 -2.05 -22.25 8.12
C GLY A 1 -3.04 -21.85 9.20
N SER A 2 -3.85 -20.83 8.93
CA SER A 2 -4.84 -20.37 9.90
C SER A 2 -6.24 -20.76 9.46
N ASP A 3 -6.84 -21.69 10.19
CA ASP A 3 -8.20 -22.15 9.88
C ASP A 3 -9.24 -21.29 10.58
N HIS A 4 -9.32 -21.42 11.90
CA HIS A 4 -10.27 -20.65 12.69
C HIS A 4 -9.56 -19.76 13.70
N VAL A 5 -9.55 -18.46 13.41
CA VAL A 5 -8.89 -17.49 14.29
C VAL A 5 -9.13 -16.07 13.81
N ASP A 6 -9.18 -15.13 14.76
CA ASP A 6 -9.41 -13.73 14.44
C ASP A 6 -8.50 -13.29 13.29
N LEU A 7 -7.22 -13.09 13.59
CA LEU A 7 -6.26 -12.67 12.57
C LEU A 7 -6.89 -11.71 11.58
N ARG A 8 -7.82 -10.89 12.07
CA ARG A 8 -8.51 -9.91 11.22
C ARG A 8 -7.51 -9.13 10.37
N GLU A 9 -8.02 -8.30 9.48
CA GLU A 9 -7.18 -7.48 8.61
C GLU A 9 -7.35 -6.00 8.92
N HIS A 10 -6.25 -5.26 8.80
CA HIS A 10 -6.27 -3.82 9.06
C HIS A 10 -5.93 -3.03 7.79
N VAL A 11 -6.77 -2.07 7.47
CA VAL A 11 -6.56 -1.23 6.28
C VAL A 11 -5.81 0.04 6.64
N ILE A 12 -4.82 0.39 5.82
CA ILE A 12 -4.03 1.60 6.05
C ILE A 12 -4.48 2.73 5.15
N ASP A 13 -4.81 3.87 5.75
CA ASP A 13 -5.25 5.03 5.01
C ASP A 13 -4.07 5.88 4.56
N VAL A 14 -3.72 5.79 3.27
CA VAL A 14 -2.62 6.55 2.71
C VAL A 14 -3.11 7.70 1.85
N PRO A 15 -2.50 8.88 2.04
CA PRO A 15 -2.87 10.08 1.28
C PRO A 15 -2.46 9.99 -0.19
N PRO A 16 -3.21 10.68 -1.06
CA PRO A 16 -2.95 10.70 -2.50
C PRO A 16 -1.68 11.46 -2.84
N GLN A 17 -1.11 11.15 -4.00
CA GLN A 17 0.11 11.81 -4.45
C GLN A 17 0.09 12.02 -5.97
N GLU A 18 0.19 13.28 -6.38
CA GLU A 18 0.18 13.61 -7.80
C GLU A 18 1.55 13.36 -8.43
N VAL A 19 1.65 12.29 -9.21
CA VAL A 19 2.90 11.94 -9.87
C VAL A 19 2.76 12.01 -11.38
N ILE A 20 3.85 12.35 -12.06
CA ILE A 20 3.86 12.45 -13.51
C ILE A 20 3.90 11.07 -14.16
N CYS A 21 2.78 10.64 -14.71
CA CYS A 21 2.68 9.34 -15.36
C CYS A 21 3.74 9.21 -16.46
N LYS A 22 3.69 8.11 -17.19
CA LYS A 22 4.64 7.85 -18.26
C LYS A 22 4.49 8.88 -19.38
N ASP A 23 3.25 9.10 -19.80
CA ASP A 23 2.97 10.06 -20.85
C ASP A 23 2.90 11.49 -20.30
N ASN A 24 3.76 11.78 -19.33
CA ASN A 24 3.79 13.10 -18.72
C ASN A 24 2.40 13.55 -18.33
N VAL A 25 1.69 12.74 -17.56
CA VAL A 25 0.34 13.06 -17.12
C VAL A 25 0.23 13.01 -15.60
N VAL A 26 0.06 14.19 -15.00
CA VAL A 26 -0.06 14.29 -13.54
C VAL A 26 -1.46 13.89 -13.09
N VAL A 27 -1.57 12.73 -12.45
CA VAL A 27 -2.85 12.24 -11.95
C VAL A 27 -2.76 11.85 -10.49
N THR A 28 -3.85 12.05 -9.76
CA THR A 28 -3.89 11.71 -8.35
C THR A 28 -4.14 10.21 -8.14
N VAL A 29 -3.14 9.52 -7.60
CA VAL A 29 -3.25 8.09 -7.35
C VAL A 29 -3.40 7.80 -5.87
N ASP A 30 -4.19 6.79 -5.54
CA ASP A 30 -4.41 6.40 -4.15
C ASP A 30 -4.74 4.92 -4.04
N ALA A 31 -4.21 4.27 -3.01
CA ALA A 31 -4.45 2.85 -2.79
C ALA A 31 -4.30 2.49 -1.32
N VAL A 32 -5.09 1.52 -0.87
CA VAL A 32 -5.05 1.08 0.52
C VAL A 32 -4.18 -0.16 0.68
N VAL A 33 -3.72 -0.41 1.91
CA VAL A 33 -2.87 -1.56 2.19
C VAL A 33 -3.37 -2.31 3.42
N TYR A 34 -3.54 -3.61 3.28
CA TYR A 34 -4.01 -4.45 4.38
C TYR A 34 -2.83 -5.04 5.16
N TYR A 35 -3.11 -5.46 6.39
CA TYR A 35 -2.08 -6.04 7.23
C TYR A 35 -2.69 -6.76 8.43
N GLN A 36 -1.93 -7.65 9.04
CA GLN A 36 -2.40 -8.41 10.20
C GLN A 36 -1.23 -8.82 11.09
N VAL A 37 -1.34 -8.52 12.38
CA VAL A 37 -0.30 -8.86 13.34
C VAL A 37 -0.18 -10.37 13.51
N ILE A 38 0.70 -10.99 12.75
CA ILE A 38 0.91 -12.43 12.82
C ILE A 38 1.64 -12.82 14.11
N ASP A 39 2.57 -11.97 14.53
CA ASP A 39 3.33 -12.22 15.75
C ASP A 39 3.23 -11.04 16.70
N PRO A 40 2.36 -11.17 17.71
CA PRO A 40 2.14 -10.13 18.72
C PRO A 40 3.33 -9.97 19.65
N VAL A 41 4.29 -10.88 19.53
CA VAL A 41 5.49 -10.85 20.38
C VAL A 41 6.46 -9.78 19.90
N LYS A 42 6.72 -9.75 18.59
CA LYS A 42 7.63 -8.78 18.01
C LYS A 42 6.92 -7.45 17.75
N ALA A 43 5.64 -7.53 17.41
CA ALA A 43 4.84 -6.35 17.14
C ALA A 43 4.21 -5.80 18.41
N VAL A 44 5.01 -5.71 19.48
CA VAL A 44 4.53 -5.20 20.76
C VAL A 44 4.69 -3.69 20.84
N TYR A 45 4.61 -3.02 19.69
CA TYR A 45 4.74 -1.57 19.64
C TYR A 45 3.42 -0.92 19.24
N ASN A 46 2.32 -1.50 19.69
CA ASN A 46 0.99 -0.98 19.38
C ASN A 46 0.87 -0.67 17.89
N VAL A 47 1.48 -1.51 17.06
CA VAL A 47 1.44 -1.32 15.62
C VAL A 47 1.34 0.16 15.25
N SER A 48 2.10 0.99 15.97
CA SER A 48 2.09 2.42 15.72
C SER A 48 3.14 2.79 14.67
N ASP A 49 4.39 2.49 14.97
CA ASP A 49 5.49 2.79 14.06
C ASP A 49 5.20 2.24 12.66
N PHE A 50 4.54 1.10 12.61
CA PHE A 50 4.20 0.47 11.35
C PHE A 50 3.13 1.26 10.60
N LEU A 51 2.16 1.77 11.34
CA LEU A 51 1.07 2.56 10.75
C LEU A 51 1.62 3.82 10.10
N MET A 52 2.36 4.62 10.88
CA MET A 52 2.94 5.85 10.37
C MET A 52 4.04 5.57 9.35
N ALA A 53 4.75 4.47 9.56
CA ALA A 53 5.83 4.08 8.66
C ALA A 53 5.29 3.68 7.29
N ILE A 54 4.41 2.68 7.27
CA ILE A 54 3.83 2.21 6.02
C ILE A 54 3.34 3.38 5.17
N VAL A 55 2.36 4.12 5.69
CA VAL A 55 1.80 5.27 4.98
C VAL A 55 2.90 6.06 4.28
N LYS A 56 4.04 6.22 4.94
CA LYS A 56 5.17 6.94 4.38
C LYS A 56 5.86 6.13 3.30
N LEU A 57 6.17 4.87 3.62
CA LEU A 57 6.83 3.98 2.68
C LEU A 57 6.05 3.87 1.38
N ALA A 58 4.79 3.46 1.49
CA ALA A 58 3.93 3.32 0.32
C ALA A 58 4.13 4.47 -0.65
N GLN A 59 4.04 5.70 -0.14
CA GLN A 59 4.22 6.88 -0.96
C GLN A 59 5.38 6.71 -1.93
N THR A 60 6.47 6.13 -1.44
CA THR A 60 7.66 5.91 -2.26
C THR A 60 7.45 4.73 -3.22
N ASN A 61 7.18 3.56 -2.66
CA ASN A 61 6.97 2.36 -3.45
C ASN A 61 6.03 2.65 -4.62
N LEU A 62 4.83 3.12 -4.31
CA LEU A 62 3.84 3.44 -5.34
C LEU A 62 4.43 4.40 -6.37
N ARG A 63 5.14 5.41 -5.90
CA ARG A 63 5.75 6.40 -6.78
C ARG A 63 6.60 5.71 -7.85
N ALA A 64 7.20 4.58 -7.50
CA ALA A 64 8.04 3.84 -8.43
C ALA A 64 7.21 3.27 -9.58
N ILE A 65 6.19 2.49 -9.24
CA ILE A 65 5.32 1.90 -10.25
C ILE A 65 4.34 2.92 -10.81
N ILE A 66 3.47 3.43 -9.96
CA ILE A 66 2.49 4.43 -10.38
C ILE A 66 3.15 5.56 -11.16
N GLY A 67 4.27 6.06 -10.63
CA GLY A 67 4.97 7.14 -11.29
C GLY A 67 5.11 6.91 -12.78
N GLU A 68 5.10 5.65 -13.19
CA GLU A 68 5.23 5.30 -14.60
C GLU A 68 4.07 4.42 -15.06
N MET A 69 3.24 4.97 -15.95
CA MET A 69 2.09 4.23 -16.46
C MET A 69 1.41 5.01 -17.59
N GLU A 70 0.30 4.46 -18.08
CA GLU A 70 -0.45 5.11 -19.16
C GLU A 70 -1.89 5.39 -18.73
N LEU A 71 -2.29 6.65 -18.81
CA LEU A 71 -3.65 7.04 -18.44
C LEU A 71 -4.65 5.95 -18.78
N ASP A 72 -4.38 5.23 -19.86
CA ASP A 72 -5.26 4.16 -20.31
C ASP A 72 -4.95 2.86 -19.56
N GLU A 73 -3.66 2.53 -19.47
CA GLU A 73 -3.23 1.32 -18.78
C GLU A 73 -3.75 1.30 -17.34
N THR A 74 -3.51 2.39 -16.62
CA THR A 74 -3.94 2.50 -15.24
C THR A 74 -5.35 1.94 -15.05
N LEU A 75 -6.30 2.47 -15.81
CA LEU A 75 -7.68 2.03 -15.74
C LEU A 75 -7.76 0.54 -15.46
N SER A 76 -7.05 -0.24 -16.26
CA SER A 76 -7.04 -1.70 -16.10
C SER A 76 -5.64 -2.20 -15.78
N GLY A 77 -5.30 -2.21 -14.49
CA GLY A 77 -3.99 -2.67 -14.06
C GLY A 77 -3.81 -2.60 -12.56
N ARG A 78 -4.86 -2.94 -11.82
CA ARG A 78 -4.81 -2.93 -10.38
C ARG A 78 -4.18 -4.21 -9.83
N ASP A 79 -4.53 -5.33 -10.44
CA ASP A 79 -3.99 -6.62 -10.02
C ASP A 79 -2.47 -6.58 -9.93
N ILE A 80 -1.84 -5.98 -10.94
CA ILE A 80 -0.39 -5.87 -10.97
C ILE A 80 0.12 -4.92 -9.90
N ILE A 81 -0.40 -3.70 -9.89
CA ILE A 81 0.00 -2.70 -8.91
C ILE A 81 -0.16 -3.22 -7.50
N ASN A 82 -1.22 -4.00 -7.28
CA ASN A 82 -1.48 -4.58 -5.96
C ASN A 82 -0.44 -5.63 -5.60
N ALA A 83 0.26 -6.13 -6.61
CA ALA A 83 1.29 -7.14 -6.39
C ALA A 83 2.62 -6.49 -6.02
N ARG A 84 2.94 -5.39 -6.69
CA ARG A 84 4.19 -4.68 -6.42
C ARG A 84 4.18 -4.07 -5.03
N LEU A 85 3.17 -3.25 -4.74
CA LEU A 85 3.05 -2.60 -3.44
C LEU A 85 3.01 -3.64 -2.32
N ARG A 86 2.43 -4.80 -2.62
CA ARG A 86 2.33 -5.88 -1.64
C ARG A 86 3.65 -6.63 -1.51
N GLU A 87 4.30 -6.87 -2.66
CA GLU A 87 5.58 -7.58 -2.68
C GLU A 87 6.65 -6.80 -1.93
N GLU A 88 6.47 -5.48 -1.86
CA GLU A 88 7.43 -4.62 -1.16
C GLU A 88 7.04 -4.45 0.30
N LEU A 89 5.87 -3.85 0.54
CA LEU A 89 5.39 -3.62 1.89
C LEU A 89 5.38 -4.92 2.69
N ASP A 90 5.37 -6.04 1.98
CA ASP A 90 5.35 -7.36 2.63
C ASP A 90 6.76 -7.79 3.00
N LYS A 91 7.70 -6.84 2.97
CA LYS A 91 9.09 -7.12 3.31
C LYS A 91 9.56 -6.25 4.47
N ILE A 92 9.16 -4.99 4.45
CA ILE A 92 9.53 -4.04 5.49
C ILE A 92 8.70 -4.26 6.75
N THR A 93 7.69 -5.13 6.64
CA THR A 93 6.82 -5.42 7.78
C THR A 93 7.20 -6.76 8.42
N ASP A 94 7.57 -7.71 7.60
CA ASP A 94 7.97 -9.03 8.08
C ASP A 94 8.91 -8.91 9.27
N ARG A 95 9.80 -7.93 9.21
CA ARG A 95 10.77 -7.71 10.28
C ARG A 95 10.07 -7.26 11.56
N TRP A 96 8.98 -6.51 11.41
CA TRP A 96 8.23 -6.02 12.55
C TRP A 96 7.20 -7.05 13.00
N GLY A 97 7.31 -8.26 12.46
CA GLY A 97 6.38 -9.32 12.83
C GLY A 97 5.02 -9.14 12.19
N VAL A 98 4.96 -8.30 11.15
CA VAL A 98 3.70 -8.06 10.44
C VAL A 98 3.82 -8.39 8.96
N LYS A 99 2.77 -8.97 8.40
CA LYS A 99 2.76 -9.34 6.99
C LYS A 99 1.57 -8.71 6.28
N ILE A 100 1.73 -8.44 4.98
CA ILE A 100 0.67 -7.86 4.19
C ILE A 100 -0.27 -8.92 3.64
N THR A 101 -1.52 -8.91 4.10
CA THR A 101 -2.52 -9.87 3.66
C THR A 101 -2.88 -9.65 2.19
N ARG A 102 -3.31 -8.43 1.88
CA ARG A 102 -3.69 -8.10 0.51
C ARG A 102 -3.57 -6.60 0.27
N VAL A 103 -3.86 -6.17 -0.96
CA VAL A 103 -3.78 -4.76 -1.32
C VAL A 103 -4.92 -4.37 -2.26
N GLU A 104 -5.39 -3.14 -2.12
CA GLU A 104 -6.48 -2.64 -2.95
C GLU A 104 -6.15 -1.26 -3.52
N ILE A 105 -6.60 -1.00 -4.74
CA ILE A 105 -6.35 0.28 -5.39
C ILE A 105 -7.62 1.12 -5.44
N GLN A 106 -7.47 2.43 -5.25
CA GLN A 106 -8.60 3.35 -5.29
C GLN A 106 -8.78 3.94 -6.67
N ARG A 107 -9.97 4.49 -6.93
CA ARG A 107 -10.27 5.08 -8.22
C ARG A 107 -9.24 6.15 -8.58
N ILE A 108 -8.88 6.22 -9.85
CA ILE A 108 -7.91 7.19 -10.32
C ILE A 108 -8.59 8.48 -10.77
N ASP A 109 -7.83 9.58 -10.79
CA ASP A 109 -8.37 10.87 -11.20
C ASP A 109 -7.47 11.51 -12.26
N PRO A 110 -8.09 12.02 -13.33
CA PRO A 110 -7.38 12.67 -14.42
C PRO A 110 -6.76 14.01 -14.01
N PRO A 111 -5.87 14.54 -14.86
CA PRO A 111 -5.21 15.81 -14.61
C PRO A 111 -6.16 17.00 -14.71
N LYS A 112 -5.83 18.09 -14.02
CA LYS A 112 -6.66 19.29 -14.04
C LYS A 112 -6.39 20.12 -15.29
N ASP A 113 -5.14 20.52 -15.48
CA ASP A 113 -4.75 21.31 -16.64
C ASP A 113 -5.30 20.70 -17.92
N GLY A 1 -1.16 -5.35 29.84
CA GLY A 1 -1.23 -6.47 28.93
C GLY A 1 -1.86 -6.11 27.60
N SER A 2 -1.57 -6.89 26.58
CA SER A 2 -2.12 -6.65 25.24
C SER A 2 -3.13 -7.72 24.88
N ASP A 3 -2.69 -8.97 24.83
CA ASP A 3 -3.56 -10.08 24.50
C ASP A 3 -4.56 -9.69 23.42
N HIS A 4 -4.10 -8.90 22.45
CA HIS A 4 -4.96 -8.44 21.37
C HIS A 4 -4.47 -8.97 20.03
N VAL A 5 -5.21 -9.92 19.46
CA VAL A 5 -4.85 -10.51 18.17
C VAL A 5 -6.08 -11.05 17.46
N ASP A 6 -6.25 -10.64 16.20
CA ASP A 6 -7.38 -11.08 15.40
C ASP A 6 -7.00 -11.14 13.92
N LEU A 7 -7.39 -12.22 13.26
CA LEU A 7 -7.10 -12.40 11.84
C LEU A 7 -7.61 -11.22 11.03
N ARG A 8 -8.72 -10.63 11.49
CA ARG A 8 -9.31 -9.49 10.81
C ARG A 8 -8.23 -8.62 10.15
N GLU A 9 -8.38 -8.38 8.86
CA GLU A 9 -7.42 -7.57 8.11
C GLU A 9 -7.59 -6.08 8.44
N HIS A 10 -6.48 -5.37 8.55
CA HIS A 10 -6.52 -3.94 8.85
C HIS A 10 -6.12 -3.12 7.62
N VAL A 11 -6.89 -2.07 7.35
CA VAL A 11 -6.62 -1.19 6.21
C VAL A 11 -5.76 -0.01 6.62
N ILE A 12 -4.98 0.51 5.68
CA ILE A 12 -4.12 1.65 5.94
C ILE A 12 -4.50 2.84 5.07
N ASP A 13 -4.91 3.94 5.71
CA ASP A 13 -5.31 5.14 5.00
C ASP A 13 -4.08 5.97 4.62
N VAL A 14 -3.79 6.02 3.32
CA VAL A 14 -2.64 6.79 2.84
C VAL A 14 -3.10 7.94 1.94
N PRO A 15 -2.48 9.12 2.13
CA PRO A 15 -2.79 10.31 1.34
C PRO A 15 -2.33 10.18 -0.11
N PRO A 16 -3.07 10.85 -1.02
CA PRO A 16 -2.76 10.84 -2.45
C PRO A 16 -1.49 11.61 -2.78
N GLN A 17 -0.90 11.31 -3.92
CA GLN A 17 0.33 11.97 -4.35
C GLN A 17 0.36 12.14 -5.86
N GLU A 18 0.35 13.39 -6.31
CA GLU A 18 0.36 13.70 -7.74
C GLU A 18 1.72 13.35 -8.35
N VAL A 19 1.72 12.40 -9.28
CA VAL A 19 2.95 11.99 -9.95
C VAL A 19 2.79 12.01 -11.46
N ILE A 20 3.83 12.47 -12.14
CA ILE A 20 3.81 12.56 -13.60
C ILE A 20 3.86 11.16 -14.22
N CYS A 21 2.73 10.70 -14.74
CA CYS A 21 2.65 9.40 -15.37
C CYS A 21 3.75 9.21 -16.40
N LYS A 22 3.78 8.05 -17.05
CA LYS A 22 4.79 7.75 -18.05
C LYS A 22 4.65 8.67 -19.25
N ASP A 23 3.40 8.89 -19.69
CA ASP A 23 3.13 9.75 -20.82
C ASP A 23 3.07 11.22 -20.39
N ASN A 24 3.83 11.56 -19.35
CA ASN A 24 3.86 12.92 -18.85
C ASN A 24 2.46 13.41 -18.54
N VAL A 25 1.66 12.57 -17.89
CA VAL A 25 0.29 12.91 -17.53
C VAL A 25 0.14 13.06 -16.02
N VAL A 26 -0.14 14.28 -15.57
CA VAL A 26 -0.32 14.56 -14.15
C VAL A 26 -1.69 14.08 -13.66
N VAL A 27 -1.68 13.08 -12.79
CA VAL A 27 -2.91 12.54 -12.24
C VAL A 27 -2.75 12.16 -10.77
N THR A 28 -3.81 12.35 -10.00
CA THR A 28 -3.78 12.03 -8.57
C THR A 28 -4.15 10.57 -8.33
N VAL A 29 -3.27 9.85 -7.64
CA VAL A 29 -3.50 8.44 -7.35
C VAL A 29 -3.66 8.21 -5.84
N ASP A 30 -4.20 7.06 -5.48
CA ASP A 30 -4.41 6.73 -4.08
C ASP A 30 -4.91 5.30 -3.92
N ALA A 31 -4.37 4.57 -2.96
CA ALA A 31 -4.77 3.19 -2.72
C ALA A 31 -4.51 2.80 -1.27
N VAL A 32 -5.30 1.86 -0.76
CA VAL A 32 -5.16 1.39 0.61
C VAL A 32 -4.31 0.12 0.67
N VAL A 33 -3.86 -0.22 1.88
CA VAL A 33 -3.03 -1.42 2.07
C VAL A 33 -3.51 -2.21 3.28
N TYR A 34 -3.65 -3.52 3.10
CA TYR A 34 -4.10 -4.40 4.16
C TYR A 34 -2.91 -4.94 4.96
N TYR A 35 -3.17 -5.36 6.18
CA TYR A 35 -2.12 -5.90 7.04
C TYR A 35 -2.73 -6.61 8.25
N GLN A 36 -2.06 -7.68 8.70
CA GLN A 36 -2.53 -8.45 9.84
C GLN A 36 -1.36 -8.91 10.71
N VAL A 37 -1.40 -8.53 11.98
CA VAL A 37 -0.34 -8.91 12.92
C VAL A 37 -0.32 -10.42 13.16
N ILE A 38 0.83 -11.03 12.91
CA ILE A 38 0.99 -12.47 13.10
C ILE A 38 1.91 -12.77 14.28
N ASP A 39 2.86 -11.87 14.52
CA ASP A 39 3.80 -12.05 15.62
C ASP A 39 3.78 -10.84 16.55
N PRO A 40 3.09 -11.00 17.70
CA PRO A 40 2.98 -9.93 18.69
C PRO A 40 4.29 -9.65 19.40
N VAL A 41 4.96 -10.71 19.87
CA VAL A 41 6.23 -10.59 20.56
C VAL A 41 7.12 -9.55 19.88
N LYS A 42 7.10 -9.53 18.56
CA LYS A 42 7.90 -8.60 17.79
C LYS A 42 7.12 -7.31 17.50
N ALA A 43 5.83 -7.47 17.23
CA ALA A 43 4.96 -6.33 16.94
C ALA A 43 4.32 -5.79 18.21
N VAL A 44 5.12 -5.64 19.26
CA VAL A 44 4.61 -5.14 20.53
C VAL A 44 4.74 -3.62 20.61
N TYR A 45 4.44 -2.96 19.50
CA TYR A 45 4.51 -1.50 19.43
C TYR A 45 3.15 -0.90 19.10
N ASN A 46 2.09 -1.55 19.56
CA ASN A 46 0.73 -1.08 19.31
C ASN A 46 0.52 -0.79 17.83
N VAL A 47 1.12 -1.61 16.98
CA VAL A 47 0.99 -1.43 15.54
C VAL A 47 0.93 0.04 15.16
N SER A 48 1.63 0.86 15.93
CA SER A 48 1.66 2.31 15.68
C SER A 48 2.76 2.67 14.69
N ASP A 49 3.98 2.20 14.97
CA ASP A 49 5.12 2.47 14.11
C ASP A 49 4.83 2.03 12.68
N PHE A 50 4.32 0.82 12.52
CA PHE A 50 4.00 0.29 11.21
C PHE A 50 2.97 1.15 10.49
N LEU A 51 2.03 1.69 11.26
CA LEU A 51 0.98 2.55 10.71
C LEU A 51 1.59 3.79 10.05
N MET A 52 2.29 4.59 10.84
CA MET A 52 2.93 5.80 10.33
C MET A 52 4.00 5.46 9.30
N ALA A 53 4.82 4.47 9.60
CA ALA A 53 5.89 4.06 8.70
C ALA A 53 5.33 3.66 7.33
N ILE A 54 4.38 2.73 7.34
CA ILE A 54 3.75 2.28 6.10
C ILE A 54 3.32 3.44 5.23
N VAL A 55 2.38 4.24 5.75
CA VAL A 55 1.88 5.40 5.02
C VAL A 55 3.01 6.15 4.35
N LYS A 56 4.18 6.16 4.98
CA LYS A 56 5.34 6.84 4.42
C LYS A 56 6.00 6.00 3.33
N LEU A 57 6.34 4.76 3.67
CA LEU A 57 6.97 3.85 2.71
C LEU A 57 6.17 3.78 1.41
N ALA A 58 4.91 3.38 1.52
CA ALA A 58 4.03 3.27 0.36
C ALA A 58 4.27 4.42 -0.60
N GLN A 59 4.23 5.64 -0.09
CA GLN A 59 4.43 6.83 -0.91
C GLN A 59 5.60 6.64 -1.86
N THR A 60 6.68 6.02 -1.36
CA THR A 60 7.86 5.78 -2.16
C THR A 60 7.66 4.58 -3.08
N ASN A 61 7.14 3.49 -2.53
CA ASN A 61 6.91 2.28 -3.30
C ASN A 61 6.00 2.56 -4.49
N LEU A 62 4.79 3.01 -4.21
CA LEU A 62 3.81 3.33 -5.25
C LEU A 62 4.39 4.32 -6.25
N ARG A 63 5.10 5.33 -5.73
CA ARG A 63 5.70 6.34 -6.59
C ARG A 63 6.60 5.71 -7.64
N ALA A 64 7.10 4.52 -7.33
CA ALA A 64 7.98 3.81 -8.26
C ALA A 64 7.18 3.20 -9.41
N ILE A 65 6.17 2.41 -9.08
CA ILE A 65 5.33 1.77 -10.08
C ILE A 65 4.30 2.75 -10.64
N ILE A 66 3.40 3.20 -9.78
CA ILE A 66 2.36 4.14 -10.19
C ILE A 66 2.96 5.31 -10.96
N GLY A 67 4.08 5.82 -10.48
CA GLY A 67 4.73 6.93 -11.15
C GLY A 67 4.84 6.73 -12.65
N GLU A 68 4.95 5.48 -13.07
CA GLU A 68 5.07 5.15 -14.48
C GLU A 68 3.90 4.26 -14.93
N MET A 69 3.06 4.81 -15.81
CA MET A 69 1.91 4.06 -16.32
C MET A 69 1.21 4.84 -17.43
N GLU A 70 0.09 4.31 -17.91
CA GLU A 70 -0.67 4.95 -18.97
C GLU A 70 -2.08 5.31 -18.50
N LEU A 71 -2.43 6.59 -18.61
CA LEU A 71 -3.75 7.05 -18.19
C LEU A 71 -4.81 5.98 -18.44
N ASP A 72 -4.63 5.22 -19.51
CA ASP A 72 -5.57 4.14 -19.85
C ASP A 72 -5.22 2.86 -19.11
N GLU A 73 -3.98 2.42 -19.26
CA GLU A 73 -3.52 1.19 -18.61
C GLU A 73 -3.85 1.21 -17.12
N THR A 74 -3.50 2.31 -16.45
CA THR A 74 -3.76 2.45 -15.02
C THR A 74 -5.05 1.73 -14.63
N LEU A 75 -6.13 2.01 -15.35
CA LEU A 75 -7.41 1.38 -15.08
C LEU A 75 -7.31 -0.14 -15.13
N SER A 76 -6.72 -0.65 -16.20
CA SER A 76 -6.56 -2.09 -16.37
C SER A 76 -5.19 -2.55 -15.86
N GLY A 77 -4.78 -2.00 -14.73
CA GLY A 77 -3.50 -2.36 -14.15
C GLY A 77 -3.51 -2.33 -12.64
N ARG A 78 -4.52 -2.98 -12.05
CA ARG A 78 -4.64 -3.03 -10.60
C ARG A 78 -4.01 -4.31 -10.04
N ASP A 79 -4.27 -5.43 -10.71
CA ASP A 79 -3.73 -6.71 -10.27
C ASP A 79 -2.22 -6.63 -10.09
N ILE A 80 -1.61 -5.63 -10.70
CA ILE A 80 -0.17 -5.44 -10.60
C ILE A 80 0.19 -4.45 -9.49
N ILE A 81 -0.37 -3.25 -9.59
CA ILE A 81 -0.12 -2.21 -8.59
C ILE A 81 -0.26 -2.76 -7.17
N ASN A 82 -1.28 -3.59 -6.96
CA ASN A 82 -1.51 -4.19 -5.65
C ASN A 82 -0.56 -5.35 -5.41
N ALA A 83 0.00 -5.89 -6.48
CA ALA A 83 0.93 -7.01 -6.37
C ALA A 83 2.32 -6.52 -5.97
N ARG A 84 2.71 -5.36 -6.48
CA ARG A 84 4.01 -4.79 -6.16
C ARG A 84 4.04 -4.23 -4.74
N LEU A 85 3.25 -3.19 -4.51
CA LEU A 85 3.19 -2.55 -3.19
C LEU A 85 3.13 -3.61 -2.09
N ARG A 86 2.45 -4.71 -2.36
CA ARG A 86 2.32 -5.79 -1.40
C ARG A 86 3.61 -6.60 -1.30
N GLU A 87 4.23 -6.85 -2.45
CA GLU A 87 5.47 -7.61 -2.50
C GLU A 87 6.63 -6.80 -1.91
N GLU A 88 6.43 -5.49 -1.82
CA GLU A 88 7.45 -4.60 -1.27
C GLU A 88 7.25 -4.38 0.22
N LEU A 89 6.01 -4.07 0.60
CA LEU A 89 5.69 -3.83 2.00
C LEU A 89 5.78 -5.12 2.81
N ASP A 90 5.41 -6.23 2.19
CA ASP A 90 5.46 -7.53 2.85
C ASP A 90 6.88 -7.84 3.32
N LYS A 91 7.84 -7.05 2.87
CA LYS A 91 9.24 -7.24 3.24
C LYS A 91 9.62 -6.34 4.41
N ILE A 92 9.21 -5.08 4.33
CA ILE A 92 9.50 -4.11 5.38
C ILE A 92 8.61 -4.33 6.59
N THR A 93 7.72 -5.32 6.49
CA THR A 93 6.80 -5.64 7.59
C THR A 93 7.17 -6.97 8.25
N ASP A 94 7.55 -7.94 7.43
CA ASP A 94 7.92 -9.26 7.93
C ASP A 94 8.87 -9.14 9.12
N ARG A 95 9.72 -8.12 9.10
CA ARG A 95 10.67 -7.89 10.18
C ARG A 95 9.95 -7.43 11.44
N TRP A 96 8.86 -6.69 11.26
CA TRP A 96 8.08 -6.18 12.39
C TRP A 96 7.04 -7.20 12.82
N GLY A 97 7.14 -8.41 12.31
CA GLY A 97 6.19 -9.45 12.66
C GLY A 97 4.81 -9.21 12.07
N VAL A 98 4.78 -8.63 10.87
CA VAL A 98 3.52 -8.34 10.19
C VAL A 98 3.60 -8.67 8.71
N LYS A 99 2.55 -9.29 8.19
CA LYS A 99 2.49 -9.66 6.78
C LYS A 99 1.37 -8.92 6.06
N ILE A 100 1.63 -8.50 4.83
CA ILE A 100 0.64 -7.79 4.04
C ILE A 100 -0.31 -8.76 3.36
N THR A 101 -1.48 -8.98 3.98
CA THR A 101 -2.47 -9.89 3.42
C THR A 101 -2.71 -9.61 1.94
N ARG A 102 -3.06 -8.36 1.63
CA ARG A 102 -3.31 -7.96 0.26
C ARG A 102 -3.30 -6.44 0.11
N VAL A 103 -3.60 -5.95 -1.09
CA VAL A 103 -3.61 -4.51 -1.35
C VAL A 103 -4.77 -4.15 -2.27
N GLU A 104 -5.45 -3.05 -1.94
CA GLU A 104 -6.58 -2.58 -2.73
C GLU A 104 -6.31 -1.18 -3.29
N ILE A 105 -6.78 -0.94 -4.51
CA ILE A 105 -6.59 0.35 -5.16
C ILE A 105 -7.91 1.12 -5.26
N GLN A 106 -7.83 2.43 -5.07
CA GLN A 106 -9.02 3.27 -5.13
C GLN A 106 -9.13 3.95 -6.51
N ARG A 107 -10.33 4.42 -6.82
CA ARG A 107 -10.57 5.08 -8.10
C ARG A 107 -9.43 6.03 -8.45
N ILE A 108 -9.29 6.35 -9.72
CA ILE A 108 -8.25 7.26 -10.19
C ILE A 108 -8.84 8.55 -10.73
N ASP A 109 -8.05 9.61 -10.68
CA ASP A 109 -8.49 10.92 -11.18
C ASP A 109 -7.61 11.39 -12.33
N PRO A 110 -8.25 11.74 -13.45
CA PRO A 110 -7.55 12.22 -14.64
C PRO A 110 -6.94 13.59 -14.45
N PRO A 111 -6.11 14.02 -15.42
CA PRO A 111 -5.45 15.33 -15.37
C PRO A 111 -6.42 16.48 -15.58
N LYS A 112 -6.35 17.48 -14.70
CA LYS A 112 -7.23 18.65 -14.79
C LYS A 112 -6.46 19.87 -15.27
N ASP A 113 -7.19 20.90 -15.67
CA ASP A 113 -6.58 22.13 -16.16
C ASP A 113 -5.75 21.88 -17.40
N GLY A 1 -5.25 -11.47 23.78
CA GLY A 1 -3.86 -11.16 24.02
C GLY A 1 -2.92 -12.04 23.22
N SER A 2 -1.62 -11.94 23.49
CA SER A 2 -0.62 -12.73 22.79
C SER A 2 -1.08 -14.17 22.63
N ASP A 3 -1.53 -14.77 23.72
CA ASP A 3 -2.00 -16.15 23.71
C ASP A 3 -3.10 -16.33 22.66
N HIS A 4 -4.18 -15.57 22.81
CA HIS A 4 -5.30 -15.66 21.87
C HIS A 4 -5.54 -14.32 21.19
N VAL A 5 -5.31 -14.28 19.88
CA VAL A 5 -5.50 -13.07 19.10
C VAL A 5 -6.55 -13.27 18.01
N ASP A 6 -6.92 -12.17 17.36
CA ASP A 6 -7.92 -12.22 16.29
C ASP A 6 -7.27 -11.98 14.93
N LEU A 7 -7.65 -12.79 13.95
CA LEU A 7 -7.11 -12.66 12.60
C LEU A 7 -7.83 -11.57 11.83
N ARG A 8 -8.13 -10.47 12.50
CA ARG A 8 -8.82 -9.35 11.87
C ARG A 8 -7.82 -8.36 11.29
N GLU A 9 -7.68 -8.38 9.97
CA GLU A 9 -6.76 -7.47 9.29
C GLU A 9 -7.25 -6.04 9.37
N HIS A 10 -6.32 -5.09 9.21
CA HIS A 10 -6.65 -3.68 9.27
C HIS A 10 -6.20 -2.96 8.00
N VAL A 11 -6.83 -1.83 7.71
CA VAL A 11 -6.51 -1.04 6.52
C VAL A 11 -5.60 0.13 6.87
N ILE A 12 -4.80 0.56 5.90
CA ILE A 12 -3.89 1.67 6.11
C ILE A 12 -4.33 2.90 5.31
N ASP A 13 -4.36 4.05 5.98
CA ASP A 13 -4.77 5.30 5.35
C ASP A 13 -3.57 6.01 4.75
N VAL A 14 -3.46 5.97 3.42
CA VAL A 14 -2.37 6.62 2.72
C VAL A 14 -2.87 7.70 1.78
N PRO A 15 -2.31 8.91 1.91
CA PRO A 15 -2.69 10.06 1.09
C PRO A 15 -2.23 9.90 -0.36
N PRO A 16 -2.99 10.51 -1.29
CA PRO A 16 -2.69 10.45 -2.72
C PRO A 16 -1.44 11.26 -3.08
N GLN A 17 -0.91 11.01 -4.27
CA GLN A 17 0.28 11.72 -4.73
C GLN A 17 0.22 11.97 -6.24
N GLU A 18 0.15 13.23 -6.62
CA GLU A 18 0.09 13.60 -8.04
C GLU A 18 1.43 13.38 -8.72
N VAL A 19 1.56 12.27 -9.43
CA VAL A 19 2.80 11.95 -10.13
C VAL A 19 2.60 11.95 -11.65
N ILE A 20 3.55 12.53 -12.37
CA ILE A 20 3.47 12.59 -13.82
C ILE A 20 3.66 11.21 -14.45
N CYS A 21 2.57 10.63 -14.93
CA CYS A 21 2.62 9.32 -15.55
C CYS A 21 3.70 9.26 -16.62
N LYS A 22 3.81 8.12 -17.29
CA LYS A 22 4.80 7.93 -18.34
C LYS A 22 4.50 8.81 -19.55
N ASP A 23 3.21 8.98 -19.83
CA ASP A 23 2.78 9.81 -20.97
C ASP A 23 2.65 11.27 -20.55
N ASN A 24 3.45 11.67 -19.56
CA ASN A 24 3.42 13.04 -19.07
C ASN A 24 2.00 13.45 -18.67
N VAL A 25 1.32 12.57 -17.94
CA VAL A 25 -0.04 12.84 -17.49
C VAL A 25 -0.10 12.94 -15.98
N VAL A 26 -0.45 14.13 -15.48
CA VAL A 26 -0.55 14.36 -14.05
C VAL A 26 -1.92 13.93 -13.51
N VAL A 27 -1.93 12.83 -12.76
CA VAL A 27 -3.17 12.32 -12.19
C VAL A 27 -2.97 11.92 -10.73
N THR A 28 -4.06 11.98 -9.96
CA THR A 28 -4.01 11.62 -8.54
C THR A 28 -4.26 10.14 -8.35
N VAL A 29 -3.40 9.49 -7.57
CA VAL A 29 -3.53 8.07 -7.29
C VAL A 29 -3.69 7.81 -5.79
N ASP A 30 -4.68 6.99 -5.44
CA ASP A 30 -4.93 6.65 -4.04
C ASP A 30 -5.32 5.19 -3.89
N ALA A 31 -4.78 4.54 -2.86
CA ALA A 31 -5.07 3.15 -2.61
C ALA A 31 -4.91 2.81 -1.12
N VAL A 32 -5.31 1.60 -0.75
CA VAL A 32 -5.22 1.16 0.63
C VAL A 32 -4.38 -0.11 0.75
N VAL A 33 -3.86 -0.36 1.95
CA VAL A 33 -3.04 -1.53 2.20
C VAL A 33 -3.50 -2.29 3.44
N TYR A 34 -3.69 -3.59 3.29
CA TYR A 34 -4.13 -4.43 4.40
C TYR A 34 -2.94 -4.99 5.18
N TYR A 35 -3.20 -5.43 6.40
CA TYR A 35 -2.15 -5.98 7.25
C TYR A 35 -2.76 -6.71 8.45
N GLN A 36 -1.99 -7.64 9.02
CA GLN A 36 -2.44 -8.41 10.16
C GLN A 36 -1.27 -8.85 11.02
N VAL A 37 -1.37 -8.64 12.33
CA VAL A 37 -0.31 -9.03 13.26
C VAL A 37 -0.28 -10.54 13.45
N ILE A 38 0.65 -11.19 12.73
CA ILE A 38 0.79 -12.63 12.82
C ILE A 38 1.52 -13.04 14.09
N ASP A 39 2.24 -12.09 14.69
CA ASP A 39 2.98 -12.34 15.92
C ASP A 39 2.95 -11.12 16.83
N PRO A 40 2.16 -11.20 17.92
CA PRO A 40 2.03 -10.11 18.88
C PRO A 40 3.30 -9.91 19.70
N VAL A 41 4.24 -10.85 19.58
CA VAL A 41 5.49 -10.76 20.31
C VAL A 41 6.45 -9.77 19.66
N LYS A 42 6.32 -9.61 18.34
CA LYS A 42 7.16 -8.68 17.60
C LYS A 42 6.48 -7.33 17.44
N ALA A 43 5.15 -7.35 17.29
CA ALA A 43 4.38 -6.13 17.13
C ALA A 43 3.91 -5.59 18.49
N VAL A 44 4.84 -5.54 19.45
CA VAL A 44 4.51 -5.04 20.78
C VAL A 44 4.45 -3.52 20.81
N TYR A 45 4.81 -2.90 19.69
CA TYR A 45 4.80 -1.44 19.58
C TYR A 45 3.40 -0.93 19.26
N ASN A 46 2.40 -1.78 19.47
CA ASN A 46 1.02 -1.42 19.20
C ASN A 46 0.81 -1.10 17.72
N VAL A 47 1.47 -1.87 16.87
CA VAL A 47 1.36 -1.67 15.42
C VAL A 47 1.20 -0.19 15.08
N SER A 48 1.88 0.66 15.84
CA SER A 48 1.80 2.10 15.62
C SER A 48 2.87 2.55 14.61
N ASP A 49 4.11 2.18 14.87
CA ASP A 49 5.22 2.54 14.01
C ASP A 49 4.97 2.06 12.58
N PHE A 50 4.41 0.85 12.46
CA PHE A 50 4.12 0.27 11.16
C PHE A 50 3.11 1.12 10.39
N LEU A 51 2.18 1.73 11.13
CA LEU A 51 1.16 2.57 10.53
C LEU A 51 1.78 3.80 9.87
N MET A 52 2.48 4.60 10.66
CA MET A 52 3.13 5.81 10.15
C MET A 52 4.21 5.45 9.14
N ALA A 53 4.96 4.37 9.41
CA ALA A 53 6.03 3.94 8.52
C ALA A 53 5.47 3.55 7.15
N ILE A 54 4.50 2.65 7.14
CA ILE A 54 3.89 2.20 5.90
C ILE A 54 3.46 3.39 5.04
N VAL A 55 2.57 4.22 5.58
CA VAL A 55 2.08 5.38 4.87
C VAL A 55 3.22 6.13 4.18
N LYS A 56 4.33 6.28 4.88
CA LYS A 56 5.50 6.96 4.34
C LYS A 56 6.14 6.14 3.22
N LEU A 57 6.37 4.86 3.49
CA LEU A 57 6.97 3.97 2.50
C LEU A 57 6.15 3.94 1.21
N ALA A 58 4.88 3.53 1.34
CA ALA A 58 3.99 3.45 0.19
C ALA A 58 4.17 4.66 -0.72
N GLN A 59 4.23 5.84 -0.11
CA GLN A 59 4.39 7.08 -0.88
C GLN A 59 5.59 6.99 -1.81
N THR A 60 6.68 6.41 -1.33
CA THR A 60 7.89 6.26 -2.12
C THR A 60 7.78 5.07 -3.07
N ASN A 61 7.40 3.92 -2.52
CA ASN A 61 7.26 2.71 -3.32
C ASN A 61 6.38 2.96 -4.54
N LEU A 62 5.19 3.50 -4.31
CA LEU A 62 4.25 3.80 -5.39
C LEU A 62 4.87 4.78 -6.38
N ARG A 63 5.55 5.79 -5.86
CA ARG A 63 6.19 6.80 -6.70
C ARG A 63 7.11 6.15 -7.74
N ALA A 64 7.54 4.93 -7.45
CA ALA A 64 8.42 4.19 -8.34
C ALA A 64 7.64 3.60 -9.51
N ILE A 65 6.67 2.75 -9.20
CA ILE A 65 5.86 2.11 -10.22
C ILE A 65 4.81 3.08 -10.78
N ILE A 66 4.01 3.64 -9.89
CA ILE A 66 2.97 4.59 -10.28
C ILE A 66 3.55 5.69 -11.17
N GLY A 67 4.75 6.13 -10.84
CA GLY A 67 5.39 7.18 -11.61
C GLY A 67 5.39 6.89 -13.10
N GLU A 68 5.35 5.61 -13.45
CA GLU A 68 5.34 5.19 -14.86
C GLU A 68 4.13 4.32 -15.16
N MET A 69 3.24 4.83 -15.99
CA MET A 69 2.04 4.10 -16.37
C MET A 69 1.27 4.84 -17.46
N GLU A 70 0.13 4.27 -17.86
CA GLU A 70 -0.70 4.87 -18.91
C GLU A 70 -2.10 5.14 -18.39
N LEU A 71 -2.51 6.40 -18.44
CA LEU A 71 -3.85 6.80 -17.99
C LEU A 71 -4.86 5.70 -18.25
N ASP A 72 -4.68 4.99 -19.36
CA ASP A 72 -5.59 3.91 -19.74
C ASP A 72 -5.27 2.65 -18.94
N GLU A 73 -4.00 2.25 -18.92
CA GLU A 73 -3.57 1.06 -18.19
C GLU A 73 -3.91 1.18 -16.71
N THR A 74 -3.58 2.33 -16.12
CA THR A 74 -3.85 2.58 -14.71
C THR A 74 -5.21 2.02 -14.30
N LEU A 75 -6.18 2.13 -15.21
CA LEU A 75 -7.52 1.64 -14.95
C LEU A 75 -7.53 0.12 -14.76
N SER A 76 -7.01 -0.60 -15.74
CA SER A 76 -6.95 -2.05 -15.68
C SER A 76 -5.55 -2.53 -15.31
N GLY A 77 -4.97 -1.90 -14.30
CA GLY A 77 -3.64 -2.26 -13.85
C GLY A 77 -3.55 -2.43 -12.35
N ARG A 78 -4.55 -3.08 -11.77
CA ARG A 78 -4.58 -3.31 -10.33
C ARG A 78 -3.85 -4.60 -9.95
N ASP A 79 -4.07 -5.64 -10.74
CA ASP A 79 -3.44 -6.93 -10.49
C ASP A 79 -1.91 -6.80 -10.54
N ILE A 80 -1.44 -5.66 -11.02
CA ILE A 80 0.00 -5.41 -11.13
C ILE A 80 0.48 -4.55 -9.97
N ILE A 81 -0.12 -3.38 -9.81
CA ILE A 81 0.26 -2.46 -8.74
C ILE A 81 0.11 -3.13 -7.38
N ASN A 82 -1.00 -3.83 -7.18
CA ASN A 82 -1.26 -4.51 -5.91
C ASN A 82 -0.14 -5.49 -5.58
N ALA A 83 0.55 -5.97 -6.62
CA ALA A 83 1.65 -6.90 -6.43
C ALA A 83 2.91 -6.18 -6.00
N ARG A 84 3.25 -5.11 -6.69
CA ARG A 84 4.45 -4.33 -6.38
C ARG A 84 4.40 -3.84 -4.93
N LEU A 85 3.42 -2.99 -4.63
CA LEU A 85 3.27 -2.44 -3.29
C LEU A 85 3.23 -3.56 -2.25
N ARG A 86 2.28 -4.47 -2.41
CA ARG A 86 2.13 -5.59 -1.48
C ARG A 86 3.49 -6.22 -1.18
N GLU A 87 4.34 -6.31 -2.19
CA GLU A 87 5.66 -6.89 -2.04
C GLU A 87 6.65 -5.87 -1.47
N GLU A 88 6.34 -4.59 -1.66
CA GLU A 88 7.19 -3.52 -1.17
C GLU A 88 6.91 -3.22 0.30
N LEU A 89 5.82 -3.77 0.81
CA LEU A 89 5.43 -3.57 2.20
C LEU A 89 5.32 -4.89 2.94
N ASP A 90 5.48 -5.99 2.20
CA ASP A 90 5.40 -7.32 2.78
C ASP A 90 6.77 -7.77 3.29
N LYS A 91 7.82 -7.19 2.72
CA LYS A 91 9.19 -7.53 3.11
C LYS A 91 9.63 -6.68 4.29
N ILE A 92 9.17 -5.43 4.34
CA ILE A 92 9.53 -4.52 5.41
C ILE A 92 8.66 -4.76 6.64
N THR A 93 7.60 -5.56 6.47
CA THR A 93 6.69 -5.87 7.57
C THR A 93 6.99 -7.25 8.15
N ASP A 94 7.28 -8.20 7.27
CA ASP A 94 7.58 -9.57 7.70
C ASP A 94 8.57 -9.57 8.86
N ARG A 95 9.31 -8.46 9.01
CA ARG A 95 10.29 -8.33 10.08
C ARG A 95 9.63 -7.89 11.38
N TRP A 96 8.63 -7.03 11.26
CA TRP A 96 7.92 -6.52 12.43
C TRP A 96 6.81 -7.49 12.84
N GLY A 97 6.97 -8.76 12.47
CA GLY A 97 5.98 -9.76 12.81
C GLY A 97 4.64 -9.51 12.13
N VAL A 98 4.64 -8.63 11.14
CA VAL A 98 3.43 -8.31 10.41
C VAL A 98 3.60 -8.57 8.92
N LYS A 99 2.54 -9.09 8.28
CA LYS A 99 2.57 -9.38 6.86
C LYS A 99 1.40 -8.73 6.14
N ILE A 100 1.65 -8.20 4.95
CA ILE A 100 0.61 -7.55 4.17
C ILE A 100 -0.39 -8.57 3.64
N THR A 101 -1.48 -8.78 4.37
CA THR A 101 -2.51 -9.73 3.97
C THR A 101 -2.87 -9.55 2.50
N ARG A 102 -3.25 -8.32 2.13
CA ARG A 102 -3.63 -8.03 0.76
C ARG A 102 -3.50 -6.53 0.47
N VAL A 103 -3.84 -6.13 -0.75
CA VAL A 103 -3.77 -4.73 -1.15
C VAL A 103 -4.96 -4.35 -2.03
N GLU A 104 -5.64 -3.27 -1.66
CA GLU A 104 -6.80 -2.81 -2.42
C GLU A 104 -6.52 -1.43 -3.02
N ILE A 105 -6.86 -1.26 -4.29
CA ILE A 105 -6.66 0.01 -4.98
C ILE A 105 -7.96 0.78 -5.10
N GLN A 106 -7.89 2.10 -4.96
CA GLN A 106 -9.07 2.95 -5.07
C GLN A 106 -9.13 3.63 -6.43
N ARG A 107 -10.33 4.07 -6.80
CA ARG A 107 -10.53 4.74 -8.09
C ARG A 107 -9.43 5.76 -8.34
N ILE A 108 -9.22 6.08 -9.61
CA ILE A 108 -8.19 7.06 -9.99
C ILE A 108 -8.82 8.34 -10.54
N ASP A 109 -8.08 9.43 -10.45
CA ASP A 109 -8.57 10.71 -10.94
C ASP A 109 -7.78 11.17 -12.16
N PRO A 110 -8.48 11.35 -13.29
CA PRO A 110 -7.86 11.78 -14.55
C PRO A 110 -7.39 13.23 -14.49
N PRO A 111 -6.61 13.64 -15.51
CA PRO A 111 -6.07 15.00 -15.60
C PRO A 111 -7.16 16.03 -15.88
N LYS A 112 -6.94 17.26 -15.42
CA LYS A 112 -7.90 18.34 -15.63
C LYS A 112 -8.15 18.58 -17.12
N ASP A 113 -7.09 18.41 -17.92
CA ASP A 113 -7.19 18.60 -19.37
C ASP A 113 -7.56 17.30 -20.07
N GLY A 1 -0.67 -10.70 25.36
CA GLY A 1 -0.96 -11.16 24.02
C GLY A 1 -2.45 -11.20 23.73
N SER A 2 -2.81 -11.59 22.51
CA SER A 2 -4.20 -11.67 22.11
C SER A 2 -4.65 -13.11 21.95
N ASP A 3 -5.65 -13.50 22.73
CA ASP A 3 -6.17 -14.86 22.68
C ASP A 3 -6.79 -15.15 21.31
N HIS A 4 -7.63 -14.23 20.84
CA HIS A 4 -8.28 -14.39 19.55
C HIS A 4 -7.30 -14.19 18.41
N VAL A 5 -7.15 -15.22 17.57
CA VAL A 5 -6.24 -15.16 16.45
C VAL A 5 -6.97 -15.41 15.13
N ASP A 6 -8.13 -14.76 14.98
CA ASP A 6 -8.92 -14.92 13.76
C ASP A 6 -8.30 -14.15 12.61
N LEU A 7 -8.75 -14.44 11.40
CA LEU A 7 -8.23 -13.78 10.20
C LEU A 7 -8.84 -12.38 10.04
N ARG A 8 -8.46 -11.47 10.94
CA ARG A 8 -8.96 -10.11 10.90
C ARG A 8 -7.93 -9.17 10.31
N GLU A 9 -8.23 -8.61 9.13
CA GLU A 9 -7.32 -7.68 8.46
C GLU A 9 -7.80 -6.24 8.62
N HIS A 10 -6.84 -5.33 8.77
CA HIS A 10 -7.16 -3.91 8.93
C HIS A 10 -6.70 -3.12 7.71
N VAL A 11 -7.47 -2.08 7.36
CA VAL A 11 -7.14 -1.24 6.22
C VAL A 11 -6.35 -0.01 6.66
N ILE A 12 -5.31 0.32 5.88
CA ILE A 12 -4.48 1.48 6.20
C ILE A 12 -4.81 2.65 5.28
N ASP A 13 -5.10 3.80 5.88
CA ASP A 13 -5.42 5.01 5.12
C ASP A 13 -4.16 5.74 4.70
N VAL A 14 -3.85 5.71 3.41
CA VAL A 14 -2.67 6.38 2.89
C VAL A 14 -3.05 7.55 1.99
N PRO A 15 -2.42 8.71 2.21
CA PRO A 15 -2.68 9.92 1.43
C PRO A 15 -2.16 9.81 0.00
N PRO A 16 -2.89 10.43 -0.94
CA PRO A 16 -2.53 10.42 -2.36
C PRO A 16 -1.27 11.24 -2.64
N GLN A 17 -0.65 11.00 -3.80
CA GLN A 17 0.55 11.72 -4.18
C GLN A 17 0.55 12.01 -5.68
N GLU A 18 0.55 13.29 -6.03
CA GLU A 18 0.54 13.70 -7.43
C GLU A 18 1.88 13.38 -8.09
N VAL A 19 1.88 12.35 -8.94
CA VAL A 19 3.09 11.93 -9.65
C VAL A 19 2.89 11.97 -11.15
N ILE A 20 3.94 12.38 -11.87
CA ILE A 20 3.88 12.45 -13.33
C ILE A 20 3.88 11.06 -13.95
N CYS A 21 2.73 10.68 -14.51
CA CYS A 21 2.59 9.37 -15.15
C CYS A 21 3.64 9.18 -16.25
N LYS A 22 3.58 8.05 -16.93
CA LYS A 22 4.52 7.76 -18.00
C LYS A 22 4.34 8.72 -19.17
N ASP A 23 3.09 9.03 -19.49
CA ASP A 23 2.78 9.94 -20.58
C ASP A 23 2.81 11.39 -20.11
N ASN A 24 3.71 11.68 -19.16
CA ASN A 24 3.83 13.03 -18.62
C ASN A 24 2.47 13.61 -18.29
N VAL A 25 1.64 12.83 -17.59
CA VAL A 25 0.31 13.27 -17.21
C VAL A 25 0.18 13.36 -15.69
N VAL A 26 -0.17 14.56 -15.22
CA VAL A 26 -0.33 14.78 -13.78
C VAL A 26 -1.64 14.22 -13.28
N VAL A 27 -1.56 13.16 -12.48
CA VAL A 27 -2.75 12.53 -11.92
C VAL A 27 -2.55 12.16 -10.46
N THR A 28 -3.64 12.06 -9.72
CA THR A 28 -3.59 11.71 -8.30
C THR A 28 -3.97 10.24 -8.08
N VAL A 29 -3.03 9.48 -7.52
CA VAL A 29 -3.27 8.07 -7.25
C VAL A 29 -3.61 7.84 -5.79
N ASP A 30 -4.55 6.92 -5.54
CA ASP A 30 -4.97 6.61 -4.18
C ASP A 30 -5.34 5.13 -4.05
N ALA A 31 -4.82 4.49 -3.00
CA ALA A 31 -5.10 3.08 -2.76
C ALA A 31 -4.99 2.74 -1.28
N VAL A 32 -5.46 1.55 -0.92
CA VAL A 32 -5.42 1.11 0.47
C VAL A 32 -4.44 -0.05 0.65
N VAL A 33 -4.21 -0.44 1.89
CA VAL A 33 -3.30 -1.55 2.19
C VAL A 33 -3.81 -2.38 3.36
N TYR A 34 -3.98 -3.67 3.13
CA TYR A 34 -4.46 -4.58 4.16
C TYR A 34 -3.29 -5.17 4.96
N TYR A 35 -3.56 -5.51 6.21
CA TYR A 35 -2.54 -6.09 7.08
C TYR A 35 -3.18 -6.70 8.33
N GLN A 36 -2.47 -7.67 8.91
CA GLN A 36 -2.97 -8.35 10.11
C GLN A 36 -1.81 -8.79 10.99
N VAL A 37 -1.69 -8.17 12.17
CA VAL A 37 -0.62 -8.51 13.10
C VAL A 37 -0.53 -10.01 13.32
N ILE A 38 0.29 -10.67 12.50
CA ILE A 38 0.48 -12.12 12.60
C ILE A 38 1.45 -12.47 13.72
N ASP A 39 2.35 -11.54 14.04
CA ASP A 39 3.33 -11.76 15.10
C ASP A 39 3.43 -10.53 15.99
N PRO A 40 2.73 -10.57 17.14
CA PRO A 40 2.73 -9.46 18.10
C PRO A 40 4.08 -9.32 18.81
N VAL A 41 4.63 -10.45 19.25
CA VAL A 41 5.91 -10.45 19.95
C VAL A 41 6.85 -9.39 19.38
N LYS A 42 6.72 -9.14 18.07
CA LYS A 42 7.56 -8.16 17.40
C LYS A 42 6.87 -6.79 17.36
N ALA A 43 5.55 -6.80 17.21
CA ALA A 43 4.78 -5.57 17.17
C ALA A 43 4.49 -5.05 18.57
N VAL A 44 5.49 -5.12 19.44
CA VAL A 44 5.35 -4.66 20.81
C VAL A 44 5.33 -3.13 20.87
N TYR A 45 5.34 -2.49 19.71
CA TYR A 45 5.34 -1.04 19.64
C TYR A 45 3.92 -0.52 19.40
N ASN A 46 2.94 -1.28 19.85
CA ASN A 46 1.53 -0.89 19.69
C ASN A 46 1.20 -0.67 18.22
N VAL A 47 1.84 -1.43 17.35
CA VAL A 47 1.61 -1.32 15.91
C VAL A 47 1.29 0.12 15.53
N SER A 48 1.98 1.07 16.14
CA SER A 48 1.77 2.48 15.86
C SER A 48 2.77 3.00 14.83
N ASP A 49 4.00 2.49 14.92
CA ASP A 49 5.05 2.89 14.00
C ASP A 49 4.80 2.34 12.60
N PHE A 50 4.31 1.10 12.54
CA PHE A 50 4.02 0.46 11.26
C PHE A 50 2.86 1.14 10.56
N LEU A 51 1.81 1.43 11.31
CA LEU A 51 0.63 2.10 10.75
C LEU A 51 1.03 3.31 9.91
N MET A 52 1.79 4.21 10.53
CA MET A 52 2.24 5.43 9.85
C MET A 52 3.40 5.11 8.91
N ALA A 53 4.36 4.32 9.39
CA ALA A 53 5.52 3.95 8.59
C ALA A 53 5.09 3.26 7.30
N ILE A 54 3.83 2.84 7.25
CA ILE A 54 3.30 2.15 6.07
C ILE A 54 2.91 3.15 4.99
N VAL A 55 2.11 4.14 5.37
CA VAL A 55 1.66 5.17 4.43
C VAL A 55 2.86 5.92 3.84
N LYS A 56 3.95 5.94 4.56
CA LYS A 56 5.16 6.63 4.10
C LYS A 56 5.95 5.75 3.14
N LEU A 57 5.90 4.43 3.36
CA LEU A 57 6.61 3.48 2.52
C LEU A 57 5.96 3.39 1.14
N ALA A 58 4.64 3.48 1.11
CA ALA A 58 3.89 3.41 -0.15
C ALA A 58 4.21 4.62 -1.03
N GLN A 59 4.24 5.80 -0.42
CA GLN A 59 4.53 7.02 -1.17
C GLN A 59 5.80 6.89 -1.98
N THR A 60 6.79 6.20 -1.42
CA THR A 60 8.07 6.00 -2.09
C THR A 60 8.00 4.82 -3.06
N ASN A 61 7.64 3.65 -2.53
CA ASN A 61 7.53 2.45 -3.34
C ASN A 61 6.61 2.67 -4.53
N LEU A 62 5.38 3.08 -4.25
CA LEU A 62 4.39 3.33 -5.28
C LEU A 62 4.94 4.31 -6.33
N ARG A 63 5.63 5.34 -5.86
CA ARG A 63 6.21 6.34 -6.74
C ARG A 63 7.08 5.69 -7.81
N ALA A 64 7.51 4.46 -7.53
CA ALA A 64 8.35 3.72 -8.47
C ALA A 64 7.53 3.13 -9.61
N ILE A 65 6.54 2.32 -9.25
CA ILE A 65 5.68 1.69 -10.25
C ILE A 65 4.61 2.66 -10.74
N ILE A 66 3.75 3.10 -9.82
CA ILE A 66 2.69 4.03 -10.16
C ILE A 66 3.23 5.23 -10.92
N GLY A 67 4.38 5.73 -10.49
CA GLY A 67 4.99 6.87 -11.15
C GLY A 67 5.04 6.71 -12.66
N GLU A 68 5.08 5.46 -13.11
CA GLU A 68 5.14 5.17 -14.54
C GLU A 68 3.98 4.27 -14.96
N MET A 69 3.08 4.81 -15.78
CA MET A 69 1.93 4.04 -16.26
C MET A 69 1.18 4.83 -17.34
N GLU A 70 0.06 4.27 -17.78
CA GLU A 70 -0.75 4.92 -18.81
C GLU A 70 -2.14 5.26 -18.27
N LEU A 71 -2.51 6.53 -18.41
CA LEU A 71 -3.81 7.00 -17.93
C LEU A 71 -4.89 5.95 -18.16
N ASP A 72 -4.69 5.12 -19.18
CA ASP A 72 -5.65 4.06 -19.50
C ASP A 72 -5.26 2.75 -18.83
N GLU A 73 -3.97 2.44 -18.87
CA GLU A 73 -3.47 1.21 -18.26
C GLU A 73 -3.68 1.22 -16.75
N THR A 74 -3.85 2.42 -16.19
CA THR A 74 -4.05 2.57 -14.76
C THR A 74 -5.46 2.13 -14.35
N LEU A 75 -6.33 1.97 -15.35
CA LEU A 75 -7.70 1.54 -15.09
C LEU A 75 -7.78 0.03 -14.93
N SER A 76 -7.05 -0.68 -15.77
CA SER A 76 -7.03 -2.14 -15.71
C SER A 76 -5.62 -2.67 -15.46
N GLY A 77 -4.92 -2.02 -14.53
CA GLY A 77 -3.56 -2.44 -14.21
C GLY A 77 -3.32 -2.51 -12.71
N ARG A 78 -4.41 -2.62 -11.95
CA ARG A 78 -4.30 -2.69 -10.50
C ARG A 78 -3.69 -4.02 -10.06
N ASP A 79 -3.95 -5.07 -10.83
CA ASP A 79 -3.42 -6.39 -10.54
C ASP A 79 -1.92 -6.33 -10.31
N ILE A 80 -1.21 -5.67 -11.21
CA ILE A 80 0.24 -5.54 -11.12
C ILE A 80 0.63 -4.54 -10.04
N ILE A 81 -0.07 -3.41 -10.01
CA ILE A 81 0.21 -2.37 -9.02
C ILE A 81 0.25 -2.94 -7.61
N ASN A 82 -0.78 -3.71 -7.26
CA ASN A 82 -0.86 -4.33 -5.94
C ASN A 82 0.26 -5.35 -5.75
N ALA A 83 0.37 -6.28 -6.69
CA ALA A 83 1.40 -7.31 -6.63
C ALA A 83 2.74 -6.73 -6.19
N ARG A 84 3.14 -5.63 -6.83
CA ARG A 84 4.40 -4.97 -6.51
C ARG A 84 4.41 -4.50 -5.06
N LEU A 85 3.61 -3.48 -4.76
CA LEU A 85 3.53 -2.94 -3.41
C LEU A 85 3.33 -4.05 -2.39
N ARG A 86 2.20 -4.75 -2.50
CA ARG A 86 1.89 -5.84 -1.58
C ARG A 86 3.13 -6.66 -1.27
N GLU A 87 3.98 -6.83 -2.27
CA GLU A 87 5.21 -7.60 -2.11
C GLU A 87 6.28 -6.78 -1.39
N GLU A 88 6.61 -5.63 -1.95
CA GLU A 88 7.61 -4.75 -1.36
C GLU A 88 7.33 -4.52 0.12
N LEU A 89 6.15 -3.99 0.41
CA LEU A 89 5.76 -3.71 1.80
C LEU A 89 5.84 -4.98 2.65
N ASP A 90 5.47 -6.11 2.05
CA ASP A 90 5.51 -7.39 2.75
C ASP A 90 6.91 -7.70 3.25
N LYS A 91 7.89 -6.92 2.79
CA LYS A 91 9.28 -7.10 3.19
C LYS A 91 9.62 -6.24 4.39
N ILE A 92 9.06 -5.02 4.42
CA ILE A 92 9.31 -4.11 5.52
C ILE A 92 8.52 -4.50 6.77
N THR A 93 7.48 -5.32 6.57
CA THR A 93 6.65 -5.77 7.67
C THR A 93 7.13 -7.12 8.21
N ASP A 94 7.57 -7.98 7.31
CA ASP A 94 8.06 -9.30 7.69
C ASP A 94 9.13 -9.19 8.77
N ARG A 95 9.68 -7.99 8.93
CA ARG A 95 10.71 -7.75 9.93
C ARG A 95 10.09 -7.33 11.26
N TRP A 96 8.97 -6.64 11.19
CA TRP A 96 8.28 -6.17 12.39
C TRP A 96 7.29 -7.22 12.89
N GLY A 97 7.39 -8.43 12.34
CA GLY A 97 6.50 -9.50 12.74
C GLY A 97 5.10 -9.36 12.15
N VAL A 98 4.96 -8.44 11.19
CA VAL A 98 3.68 -8.22 10.54
C VAL A 98 3.73 -8.62 9.08
N LYS A 99 2.61 -9.13 8.58
CA LYS A 99 2.52 -9.55 7.18
C LYS A 99 1.46 -8.75 6.44
N ILE A 100 1.75 -8.41 5.19
CA ILE A 100 0.82 -7.65 4.37
C ILE A 100 -0.27 -8.54 3.79
N THR A 101 -1.38 -8.65 4.50
CA THR A 101 -2.50 -9.47 4.07
C THR A 101 -2.71 -9.35 2.56
N ARG A 102 -3.02 -8.13 2.11
CA ARG A 102 -3.26 -7.89 0.69
C ARG A 102 -3.25 -6.39 0.40
N VAL A 103 -3.50 -6.05 -0.86
CA VAL A 103 -3.53 -4.64 -1.28
C VAL A 103 -4.72 -4.37 -2.17
N GLU A 104 -5.27 -3.15 -2.08
CA GLU A 104 -6.42 -2.76 -2.88
C GLU A 104 -6.22 -1.36 -3.46
N ILE A 105 -6.69 -1.16 -4.69
CA ILE A 105 -6.57 0.13 -5.35
C ILE A 105 -7.91 0.86 -5.39
N GLN A 106 -7.86 2.17 -5.21
CA GLN A 106 -9.07 2.99 -5.22
C GLN A 106 -9.18 3.79 -6.52
N ARG A 107 -10.38 4.26 -6.82
CA ARG A 107 -10.62 5.04 -8.03
C ARG A 107 -9.49 6.05 -8.26
N ILE A 108 -9.05 6.16 -9.50
CA ILE A 108 -7.98 7.09 -9.85
C ILE A 108 -8.54 8.42 -10.36
N ASP A 109 -7.74 9.47 -10.26
CA ASP A 109 -8.16 10.78 -10.72
C ASP A 109 -7.43 11.17 -12.00
N PRO A 110 -8.19 11.44 -13.07
CA PRO A 110 -7.63 11.82 -14.37
C PRO A 110 -7.02 13.21 -14.35
N PRO A 111 -6.29 13.55 -15.42
CA PRO A 111 -5.64 14.86 -15.55
C PRO A 111 -6.65 16.00 -15.75
N LYS A 112 -6.53 17.04 -14.93
CA LYS A 112 -7.43 18.18 -15.03
C LYS A 112 -6.66 19.46 -15.36
N ASP A 113 -7.39 20.50 -15.74
CA ASP A 113 -6.77 21.77 -16.09
C ASP A 113 -5.76 22.19 -15.04
N GLY A 1 -1.18 -21.61 21.74
CA GLY A 1 -1.06 -20.57 22.74
C GLY A 1 -2.36 -19.85 22.99
N SER A 2 -2.54 -18.70 22.33
CA SER A 2 -3.75 -17.90 22.49
C SER A 2 -4.99 -18.74 22.17
N ASP A 3 -5.94 -18.74 23.11
CA ASP A 3 -7.18 -19.49 22.93
C ASP A 3 -7.96 -18.98 21.73
N HIS A 4 -8.26 -17.68 21.74
CA HIS A 4 -9.01 -17.07 20.64
C HIS A 4 -8.09 -16.72 19.48
N VAL A 5 -8.39 -17.28 18.31
CA VAL A 5 -7.59 -17.03 17.11
C VAL A 5 -8.46 -16.65 15.93
N ASP A 6 -8.08 -15.59 15.23
CA ASP A 6 -8.84 -15.13 14.07
C ASP A 6 -7.93 -14.37 13.10
N LEU A 7 -8.35 -14.31 11.84
CA LEU A 7 -7.57 -13.61 10.81
C LEU A 7 -7.93 -12.13 10.79
N ARG A 8 -8.11 -11.55 11.96
CA ARG A 8 -8.45 -10.13 12.07
C ARG A 8 -7.43 -9.27 11.35
N GLU A 9 -7.89 -8.54 10.34
CA GLU A 9 -7.01 -7.68 9.55
C GLU A 9 -7.46 -6.22 9.65
N HIS A 10 -6.51 -5.30 9.50
CA HIS A 10 -6.81 -3.88 9.57
C HIS A 10 -6.40 -3.17 8.28
N VAL A 11 -7.18 -2.18 7.87
CA VAL A 11 -6.91 -1.43 6.65
C VAL A 11 -6.16 -0.14 6.96
N ILE A 12 -5.18 0.20 6.13
CA ILE A 12 -4.40 1.41 6.32
C ILE A 12 -4.74 2.45 5.27
N ASP A 13 -5.12 3.64 5.73
CA ASP A 13 -5.48 4.73 4.82
C ASP A 13 -4.24 5.51 4.39
N VAL A 14 -4.08 5.66 3.08
CA VAL A 14 -2.93 6.39 2.54
C VAL A 14 -3.38 7.58 1.71
N PRO A 15 -2.71 8.73 1.91
CA PRO A 15 -3.03 9.96 1.19
C PRO A 15 -2.64 9.89 -0.29
N PRO A 16 -3.39 10.62 -1.13
CA PRO A 16 -3.13 10.65 -2.58
C PRO A 16 -1.84 11.38 -2.93
N GLN A 17 -1.21 10.97 -4.03
CA GLN A 17 0.03 11.58 -4.46
C GLN A 17 0.04 11.79 -5.98
N GLU A 18 0.04 13.04 -6.40
CA GLU A 18 0.03 13.38 -7.82
C GLU A 18 1.40 13.13 -8.44
N VAL A 19 1.54 12.02 -9.15
CA VAL A 19 2.81 11.68 -9.79
C VAL A 19 2.70 11.77 -11.30
N ILE A 20 3.72 12.33 -11.93
CA ILE A 20 3.74 12.48 -13.38
C ILE A 20 3.84 11.12 -14.07
N CYS A 21 2.73 10.65 -14.63
CA CYS A 21 2.70 9.37 -15.32
C CYS A 21 3.84 9.26 -16.32
N LYS A 22 3.91 8.13 -17.01
CA LYS A 22 4.96 7.90 -18.01
C LYS A 22 4.82 8.87 -19.18
N ASP A 23 3.58 9.10 -19.61
CA ASP A 23 3.31 10.01 -20.71
C ASP A 23 3.22 11.45 -20.22
N ASN A 24 4.00 11.78 -19.20
CA ASN A 24 4.00 13.12 -18.64
C ASN A 24 2.59 13.59 -18.32
N VAL A 25 1.83 12.72 -17.65
CA VAL A 25 0.45 13.05 -17.28
C VAL A 25 0.28 13.03 -15.77
N VAL A 26 -0.02 14.20 -15.20
CA VAL A 26 -0.21 14.32 -13.76
C VAL A 26 -1.62 13.88 -13.35
N VAL A 27 -1.68 12.87 -12.50
CA VAL A 27 -2.96 12.33 -12.03
C VAL A 27 -2.86 11.86 -10.58
N THR A 28 -3.97 11.97 -9.86
CA THR A 28 -4.02 11.56 -8.46
C THR A 28 -4.21 10.05 -8.34
N VAL A 29 -3.31 9.40 -7.60
CA VAL A 29 -3.38 7.95 -7.41
C VAL A 29 -3.47 7.60 -5.93
N ASP A 30 -4.43 6.75 -5.59
CA ASP A 30 -4.63 6.33 -4.21
C ASP A 30 -4.99 4.85 -4.13
N ALA A 31 -4.51 4.18 -3.08
CA ALA A 31 -4.79 2.76 -2.89
C ALA A 31 -4.74 2.39 -1.41
N VAL A 32 -5.51 1.37 -1.04
CA VAL A 32 -5.56 0.92 0.34
C VAL A 32 -4.71 -0.33 0.54
N VAL A 33 -4.26 -0.54 1.77
CA VAL A 33 -3.43 -1.69 2.09
C VAL A 33 -3.92 -2.40 3.35
N TYR A 34 -3.86 -3.72 3.35
CA TYR A 34 -4.31 -4.51 4.49
C TYR A 34 -3.13 -5.08 5.25
N TYR A 35 -3.37 -5.51 6.48
CA TYR A 35 -2.32 -6.08 7.32
C TYR A 35 -2.92 -6.80 8.54
N GLN A 36 -2.15 -7.72 9.10
CA GLN A 36 -2.60 -8.48 10.27
C GLN A 36 -1.42 -8.95 11.10
N VAL A 37 -1.34 -8.46 12.33
CA VAL A 37 -0.25 -8.83 13.24
C VAL A 37 -0.16 -10.35 13.37
N ILE A 38 0.72 -10.95 12.57
CA ILE A 38 0.92 -12.40 12.60
C ILE A 38 1.88 -12.80 13.71
N ASP A 39 2.32 -11.80 14.49
CA ASP A 39 3.25 -12.06 15.59
C ASP A 39 3.30 -10.86 16.54
N PRO A 40 2.80 -11.06 17.76
CA PRO A 40 2.78 -10.00 18.78
C PRO A 40 4.18 -9.66 19.30
N VAL A 41 4.92 -10.69 19.69
CA VAL A 41 6.27 -10.50 20.21
C VAL A 41 7.07 -9.54 19.33
N LYS A 42 6.84 -9.61 18.02
CA LYS A 42 7.53 -8.75 17.07
C LYS A 42 6.86 -7.38 17.01
N ALA A 43 5.53 -7.37 17.10
CA ALA A 43 4.77 -6.12 17.06
C ALA A 43 4.44 -5.63 18.46
N VAL A 44 5.47 -5.44 19.27
CA VAL A 44 5.29 -4.97 20.64
C VAL A 44 5.40 -3.46 20.72
N TYR A 45 5.58 -2.82 19.57
CA TYR A 45 5.70 -1.37 19.51
C TYR A 45 4.33 -0.71 19.39
N ASN A 46 3.30 -1.42 19.85
CA ASN A 46 1.94 -0.90 19.80
C ASN A 46 1.50 -0.67 18.36
N VAL A 47 2.08 -1.43 17.44
CA VAL A 47 1.75 -1.31 16.02
C VAL A 47 1.50 0.15 15.64
N SER A 48 2.31 1.05 16.18
CA SER A 48 2.18 2.48 15.89
C SER A 48 3.12 2.90 14.78
N ASP A 49 4.39 2.58 14.93
CA ASP A 49 5.40 2.92 13.93
C ASP A 49 5.02 2.36 12.56
N PHE A 50 4.51 1.14 12.56
CA PHE A 50 4.11 0.48 11.33
C PHE A 50 2.99 1.25 10.63
N LEU A 51 2.11 1.85 11.42
CA LEU A 51 1.00 2.62 10.88
C LEU A 51 1.50 3.86 10.14
N MET A 52 2.13 4.77 10.87
CA MET A 52 2.67 5.99 10.29
C MET A 52 3.73 5.68 9.25
N ALA A 53 4.47 4.60 9.48
CA ALA A 53 5.53 4.19 8.57
C ALA A 53 4.95 3.73 7.23
N ILE A 54 4.07 2.74 7.28
CA ILE A 54 3.44 2.22 6.08
C ILE A 54 2.98 3.34 5.16
N VAL A 55 2.14 4.23 5.69
CA VAL A 55 1.63 5.35 4.92
C VAL A 55 2.77 6.17 4.29
N LYS A 56 3.95 6.08 4.91
CA LYS A 56 5.12 6.80 4.42
C LYS A 56 5.84 5.98 3.36
N LEU A 57 5.90 4.67 3.55
CA LEU A 57 6.56 3.78 2.60
C LEU A 57 5.81 3.74 1.28
N ALA A 58 4.53 3.37 1.34
CA ALA A 58 3.71 3.29 0.14
C ALA A 58 3.98 4.46 -0.79
N GLN A 59 4.23 5.63 -0.21
CA GLN A 59 4.50 6.83 -0.99
C GLN A 59 5.78 6.66 -1.82
N THR A 60 6.80 6.06 -1.20
CA THR A 60 8.07 5.84 -1.87
C THR A 60 8.00 4.65 -2.82
N ASN A 61 7.29 3.60 -2.39
CA ASN A 61 7.15 2.40 -3.19
C ASN A 61 6.28 2.66 -4.42
N LEU A 62 5.07 3.14 -4.18
CA LEU A 62 4.14 3.44 -5.27
C LEU A 62 4.78 4.37 -6.30
N ARG A 63 5.48 5.39 -5.81
CA ARG A 63 6.14 6.34 -6.69
C ARG A 63 7.03 5.62 -7.70
N ALA A 64 7.43 4.39 -7.37
CA ALA A 64 8.28 3.59 -8.24
C ALA A 64 7.50 3.07 -9.44
N ILE A 65 6.47 2.28 -9.16
CA ILE A 65 5.64 1.71 -10.22
C ILE A 65 4.64 2.74 -10.75
N ILE A 66 3.78 3.20 -9.87
CA ILE A 66 2.76 4.20 -10.25
C ILE A 66 3.40 5.36 -10.99
N GLY A 67 4.59 5.76 -10.55
CA GLY A 67 5.28 6.87 -11.19
C GLY A 67 5.38 6.70 -12.70
N GLU A 68 5.31 5.45 -13.15
CA GLU A 68 5.40 5.15 -14.58
C GLU A 68 4.22 4.30 -15.04
N MET A 69 3.38 4.87 -15.89
CA MET A 69 2.21 4.17 -16.40
C MET A 69 1.51 4.98 -17.48
N GLU A 70 0.37 4.49 -17.96
CA GLU A 70 -0.38 5.17 -19.00
C GLU A 70 -1.79 5.51 -18.51
N LEU A 71 -2.25 6.72 -18.82
CA LEU A 71 -3.57 7.16 -18.41
C LEU A 71 -4.58 6.03 -18.52
N ASP A 72 -4.31 5.07 -19.40
CA ASP A 72 -5.19 3.93 -19.60
C ASP A 72 -4.70 2.72 -18.82
N GLU A 73 -3.47 2.28 -19.13
CA GLU A 73 -2.88 1.13 -18.46
C GLU A 73 -3.16 1.17 -16.96
N THR A 74 -3.38 2.37 -16.44
CA THR A 74 -3.64 2.56 -15.02
C THR A 74 -4.95 1.88 -14.62
N LEU A 75 -6.02 2.17 -15.37
CA LEU A 75 -7.32 1.58 -15.08
C LEU A 75 -7.41 0.16 -15.62
N SER A 76 -6.45 -0.22 -16.46
CA SER A 76 -6.43 -1.55 -17.04
C SER A 76 -5.56 -2.48 -16.20
N GLY A 77 -4.56 -1.92 -15.54
CA GLY A 77 -3.68 -2.72 -14.70
C GLY A 77 -3.79 -2.37 -13.23
N ARG A 78 -4.76 -2.99 -12.55
CA ARG A 78 -4.98 -2.74 -11.13
C ARG A 78 -4.43 -3.87 -10.29
N ASP A 79 -4.68 -5.10 -10.72
CA ASP A 79 -4.21 -6.29 -10.00
C ASP A 79 -2.68 -6.34 -10.01
N ILE A 80 -2.06 -5.59 -10.90
CA ILE A 80 -0.61 -5.54 -11.00
C ILE A 80 -0.01 -4.55 -10.01
N ILE A 81 -0.56 -3.35 -9.98
CA ILE A 81 -0.09 -2.31 -9.08
C ILE A 81 -0.11 -2.79 -7.63
N ASN A 82 -1.30 -3.10 -7.14
CA ASN A 82 -1.47 -3.57 -5.77
C ASN A 82 -0.50 -4.70 -5.47
N ALA A 83 -0.28 -5.57 -6.45
CA ALA A 83 0.62 -6.69 -6.30
C ALA A 83 2.03 -6.23 -5.94
N ARG A 84 2.62 -5.42 -6.82
CA ARG A 84 3.96 -4.90 -6.60
C ARG A 84 4.10 -4.32 -5.19
N LEU A 85 3.38 -3.24 -4.93
CA LEU A 85 3.43 -2.59 -3.62
C LEU A 85 3.39 -3.62 -2.50
N ARG A 86 2.44 -4.55 -2.60
CA ARG A 86 2.30 -5.60 -1.59
C ARG A 86 3.61 -6.36 -1.41
N GLU A 87 4.26 -6.67 -2.51
CA GLU A 87 5.53 -7.40 -2.49
C GLU A 87 6.63 -6.55 -1.88
N GLU A 88 6.34 -5.27 -1.69
CA GLU A 88 7.31 -4.34 -1.12
C GLU A 88 7.07 -4.15 0.38
N LEU A 89 5.84 -3.79 0.72
CA LEU A 89 5.48 -3.56 2.11
C LEU A 89 5.58 -4.86 2.92
N ASP A 90 5.26 -5.97 2.28
CA ASP A 90 5.32 -7.27 2.93
C ASP A 90 6.74 -7.60 3.35
N LYS A 91 7.69 -6.84 2.84
CA LYS A 91 9.10 -7.05 3.16
C LYS A 91 9.49 -6.26 4.41
N ILE A 92 9.16 -4.97 4.42
CA ILE A 92 9.48 -4.11 5.54
C ILE A 92 8.59 -4.42 6.74
N THR A 93 7.44 -5.04 6.47
CA THR A 93 6.51 -5.39 7.53
C THR A 93 6.78 -6.79 8.06
N ASP A 94 7.19 -7.69 7.17
CA ASP A 94 7.48 -9.06 7.55
C ASP A 94 8.48 -9.11 8.69
N ARG A 95 9.30 -8.06 8.81
CA ARG A 95 10.30 -7.99 9.85
C ARG A 95 9.67 -7.54 11.17
N TRP A 96 8.67 -6.67 11.09
CA TRP A 96 7.99 -6.16 12.27
C TRP A 96 6.92 -7.14 12.74
N GLY A 97 7.00 -8.37 12.25
CA GLY A 97 6.02 -9.39 12.62
C GLY A 97 4.66 -9.13 12.03
N VAL A 98 4.62 -8.31 10.98
CA VAL A 98 3.36 -7.98 10.31
C VAL A 98 3.43 -8.32 8.83
N LYS A 99 2.45 -9.06 8.35
CA LYS A 99 2.39 -9.46 6.94
C LYS A 99 1.20 -8.79 6.24
N ILE A 100 1.38 -8.45 4.97
CA ILE A 100 0.33 -7.82 4.19
C ILE A 100 -0.61 -8.86 3.60
N THR A 101 -1.87 -8.82 4.03
CA THR A 101 -2.88 -9.76 3.55
C THR A 101 -3.24 -9.48 2.09
N ARG A 102 -3.79 -8.30 1.84
CA ARG A 102 -4.18 -7.91 0.49
C ARG A 102 -4.00 -6.41 0.29
N VAL A 103 -4.07 -5.97 -0.96
CA VAL A 103 -3.92 -4.56 -1.30
C VAL A 103 -4.95 -4.12 -2.33
N GLU A 104 -5.84 -3.23 -1.94
CA GLU A 104 -6.88 -2.72 -2.82
C GLU A 104 -6.49 -1.37 -3.41
N ILE A 105 -6.91 -1.12 -4.65
CA ILE A 105 -6.60 0.14 -5.31
C ILE A 105 -7.85 1.03 -5.41
N GLN A 106 -7.67 2.31 -5.14
CA GLN A 106 -8.77 3.27 -5.20
C GLN A 106 -8.92 3.85 -6.62
N ARG A 107 -10.10 4.37 -6.90
CA ARG A 107 -10.37 4.96 -8.22
C ARG A 107 -9.27 5.95 -8.60
N ILE A 108 -9.13 6.19 -9.91
CA ILE A 108 -8.12 7.11 -10.41
C ILE A 108 -8.77 8.35 -10.99
N ASP A 109 -8.00 9.44 -11.06
CA ASP A 109 -8.50 10.69 -11.60
C ASP A 109 -7.59 11.21 -12.71
N PRO A 110 -8.19 11.62 -13.83
CA PRO A 110 -7.44 12.13 -14.98
C PRO A 110 -6.82 13.49 -14.71
N PRO A 111 -5.93 13.93 -15.61
CA PRO A 111 -5.24 15.22 -15.49
C PRO A 111 -6.18 16.41 -15.70
N LYS A 112 -5.69 17.60 -15.42
CA LYS A 112 -6.48 18.82 -15.57
C LYS A 112 -6.22 19.47 -16.92
N ASP A 113 -4.94 19.70 -17.23
CA ASP A 113 -4.54 20.31 -18.49
C ASP A 113 -4.09 19.25 -19.49
N GLY A 1 3.07 -22.70 24.56
CA GLY A 1 4.19 -22.21 23.77
C GLY A 1 3.94 -20.84 23.19
N SER A 2 2.76 -20.65 22.60
CA SER A 2 2.39 -19.38 21.99
C SER A 2 0.89 -19.15 22.08
N ASP A 3 0.49 -17.88 22.01
CA ASP A 3 -0.92 -17.52 22.09
C ASP A 3 -1.59 -17.67 20.72
N HIS A 4 -2.92 -17.63 20.72
CA HIS A 4 -3.69 -17.77 19.48
C HIS A 4 -3.92 -16.40 18.83
N VAL A 5 -3.30 -16.18 17.68
CA VAL A 5 -3.43 -14.92 16.96
C VAL A 5 -4.58 -14.98 15.96
N ASP A 6 -5.52 -14.05 16.09
CA ASP A 6 -6.67 -13.99 15.19
C ASP A 6 -6.23 -13.65 13.76
N LEU A 7 -7.06 -14.04 12.80
CA LEU A 7 -6.75 -13.76 11.40
C LEU A 7 -7.21 -12.37 11.00
N ARG A 8 -8.14 -11.81 11.76
CA ARG A 8 -8.66 -10.48 11.48
C ARG A 8 -7.55 -9.56 10.97
N GLU A 9 -7.86 -8.76 9.95
CA GLU A 9 -6.90 -7.84 9.38
C GLU A 9 -7.41 -6.41 9.42
N HIS A 10 -6.49 -5.45 9.46
CA HIS A 10 -6.86 -4.04 9.50
C HIS A 10 -6.42 -3.33 8.22
N VAL A 11 -7.18 -2.31 7.83
CA VAL A 11 -6.87 -1.54 6.63
C VAL A 11 -6.08 -0.28 6.97
N ILE A 12 -5.18 0.10 6.08
CA ILE A 12 -4.36 1.29 6.28
C ILE A 12 -4.82 2.43 5.38
N ASP A 13 -5.00 3.60 5.98
CA ASP A 13 -5.44 4.78 5.24
C ASP A 13 -4.25 5.65 4.84
N VAL A 14 -3.77 5.44 3.62
CA VAL A 14 -2.62 6.21 3.13
C VAL A 14 -3.08 7.32 2.19
N PRO A 15 -2.46 8.50 2.32
CA PRO A 15 -2.79 9.67 1.50
C PRO A 15 -2.34 9.50 0.05
N PRO A 16 -3.07 10.14 -0.88
CA PRO A 16 -2.77 10.07 -2.30
C PRO A 16 -1.49 10.81 -2.66
N GLN A 17 -1.04 10.64 -3.91
CA GLN A 17 0.18 11.31 -4.37
C GLN A 17 0.04 11.74 -5.82
N GLU A 18 0.66 12.87 -6.16
CA GLU A 18 0.60 13.40 -7.52
C GLU A 18 1.90 13.12 -8.27
N VAL A 19 1.88 12.11 -9.11
CA VAL A 19 3.06 11.74 -9.90
C VAL A 19 2.81 11.91 -11.39
N ILE A 20 3.84 12.29 -12.13
CA ILE A 20 3.74 12.49 -13.56
C ILE A 20 3.74 11.16 -14.30
N CYS A 21 2.59 10.75 -14.80
CA CYS A 21 2.46 9.49 -15.53
C CYS A 21 3.50 9.41 -16.65
N LYS A 22 3.47 8.31 -17.40
CA LYS A 22 4.40 8.11 -18.49
C LYS A 22 4.22 9.17 -19.57
N ASP A 23 2.97 9.39 -19.97
CA ASP A 23 2.67 10.39 -21.00
C ASP A 23 2.59 11.79 -20.39
N ASN A 24 3.49 12.06 -19.44
CA ASN A 24 3.54 13.35 -18.79
C ASN A 24 2.14 13.80 -18.36
N VAL A 25 1.39 12.88 -17.78
CA VAL A 25 0.03 13.18 -17.33
C VAL A 25 -0.06 13.16 -15.80
N VAL A 26 -0.24 14.34 -15.22
CA VAL A 26 -0.34 14.47 -13.77
C VAL A 26 -1.69 13.97 -13.26
N VAL A 27 -1.66 12.98 -12.39
CA VAL A 27 -2.88 12.41 -11.83
C VAL A 27 -2.68 11.99 -10.38
N THR A 28 -3.75 12.04 -9.60
CA THR A 28 -3.70 11.67 -8.19
C THR A 28 -4.08 10.21 -8.00
N VAL A 29 -3.20 9.45 -7.36
CA VAL A 29 -3.44 8.04 -7.10
C VAL A 29 -3.62 7.77 -5.61
N ASP A 30 -4.42 6.77 -5.28
CA ASP A 30 -4.67 6.41 -3.89
C ASP A 30 -5.03 4.93 -3.77
N ALA A 31 -4.49 4.28 -2.75
CA ALA A 31 -4.77 2.86 -2.53
C ALA A 31 -4.59 2.50 -1.05
N VAL A 32 -5.30 1.46 -0.61
CA VAL A 32 -5.23 1.02 0.78
C VAL A 32 -4.33 -0.21 0.91
N VAL A 33 -3.92 -0.50 2.13
CA VAL A 33 -3.05 -1.65 2.40
C VAL A 33 -3.53 -2.42 3.63
N TYR A 34 -3.60 -3.74 3.49
CA TYR A 34 -4.05 -4.59 4.59
C TYR A 34 -2.86 -5.13 5.37
N TYR A 35 -3.13 -5.59 6.60
CA TYR A 35 -2.08 -6.11 7.46
C TYR A 35 -2.67 -6.88 8.63
N GLN A 36 -1.93 -7.86 9.15
CA GLN A 36 -2.38 -8.66 10.27
C GLN A 36 -1.23 -9.00 11.20
N VAL A 37 -1.40 -8.68 12.48
CA VAL A 37 -0.38 -8.94 13.48
C VAL A 37 -0.24 -10.44 13.75
N ILE A 38 0.63 -11.10 13.02
CA ILE A 38 0.86 -12.53 13.17
C ILE A 38 1.59 -12.83 14.48
N ASP A 39 2.46 -11.91 14.89
CA ASP A 39 3.22 -12.07 16.12
C ASP A 39 3.15 -10.80 16.97
N PRO A 40 2.32 -10.84 18.03
CA PRO A 40 2.15 -9.71 18.93
C PRO A 40 3.38 -9.46 19.79
N VAL A 41 4.32 -10.39 19.75
CA VAL A 41 5.55 -10.28 20.53
C VAL A 41 6.47 -9.21 19.94
N LYS A 42 6.72 -9.30 18.64
CA LYS A 42 7.57 -8.34 17.95
C LYS A 42 6.84 -7.02 17.71
N ALA A 43 5.55 -7.13 17.38
CA ALA A 43 4.74 -5.95 17.13
C ALA A 43 4.15 -5.40 18.42
N VAL A 44 4.98 -5.26 19.45
CA VAL A 44 4.54 -4.75 20.74
C VAL A 44 4.56 -3.23 20.76
N TYR A 45 4.86 -2.63 19.61
CA TYR A 45 4.92 -1.18 19.51
C TYR A 45 3.54 -0.59 19.22
N ASN A 46 2.50 -1.27 19.72
CA ASN A 46 1.13 -0.83 19.53
C ASN A 46 0.87 -0.52 18.05
N VAL A 47 1.45 -1.33 17.17
CA VAL A 47 1.28 -1.16 15.73
C VAL A 47 1.11 0.32 15.38
N SER A 48 1.91 1.17 16.02
CA SER A 48 1.84 2.61 15.78
C SER A 48 2.87 3.03 14.73
N ASP A 49 4.07 2.47 14.84
CA ASP A 49 5.15 2.78 13.91
C ASP A 49 4.83 2.26 12.52
N PHE A 50 4.39 1.00 12.45
CA PHE A 50 4.06 0.38 11.17
C PHE A 50 3.00 1.20 10.44
N LEU A 51 2.14 1.87 11.19
CA LEU A 51 1.08 2.69 10.61
C LEU A 51 1.67 3.79 9.74
N MET A 52 2.47 4.66 10.34
CA MET A 52 3.09 5.76 9.63
C MET A 52 4.12 5.25 8.62
N ALA A 53 4.97 4.32 9.09
CA ALA A 53 6.00 3.75 8.24
C ALA A 53 5.40 3.17 6.96
N ILE A 54 4.20 2.60 7.07
CA ILE A 54 3.53 2.01 5.93
C ILE A 54 3.11 3.09 4.93
N VAL A 55 2.21 3.97 5.35
CA VAL A 55 1.73 5.04 4.50
C VAL A 55 2.89 5.84 3.90
N LYS A 56 4.07 5.66 4.48
CA LYS A 56 5.26 6.36 4.00
C LYS A 56 6.04 5.49 3.03
N LEU A 57 6.03 4.18 3.26
CA LEU A 57 6.74 3.24 2.39
C LEU A 57 6.01 3.08 1.07
N ALA A 58 4.74 2.73 1.13
CA ALA A 58 3.93 2.55 -0.07
C ALA A 58 4.12 3.70 -1.04
N GLN A 59 4.10 4.92 -0.53
CA GLN A 59 4.28 6.10 -1.35
C GLN A 59 5.65 6.11 -2.02
N THR A 60 6.65 5.62 -1.30
CA THR A 60 8.01 5.56 -1.82
C THR A 60 8.16 4.46 -2.86
N ASN A 61 7.27 3.47 -2.80
CA ASN A 61 7.29 2.36 -3.74
C ASN A 61 6.43 2.65 -4.97
N LEU A 62 5.14 2.84 -4.73
CA LEU A 62 4.20 3.13 -5.82
C LEU A 62 4.74 4.21 -6.73
N ARG A 63 5.37 5.22 -6.14
CA ARG A 63 5.94 6.33 -6.89
C ARG A 63 6.86 5.82 -7.99
N ALA A 64 7.54 4.71 -7.72
CA ALA A 64 8.45 4.11 -8.68
C ALA A 64 7.69 3.53 -9.88
N ILE A 65 6.72 2.66 -9.60
CA ILE A 65 5.93 2.04 -10.65
C ILE A 65 4.87 3.00 -11.17
N ILE A 66 3.99 3.45 -10.28
CA ILE A 66 2.93 4.38 -10.65
C ILE A 66 3.49 5.57 -11.43
N GLY A 67 4.60 6.12 -10.95
CA GLY A 67 5.21 7.25 -11.61
C GLY A 67 5.29 7.07 -13.12
N GLU A 68 5.27 5.82 -13.57
CA GLU A 68 5.33 5.53 -14.99
C GLU A 68 4.17 4.64 -15.42
N MET A 69 3.27 5.18 -16.22
CA MET A 69 2.12 4.44 -16.71
C MET A 69 1.30 5.26 -17.70
N GLU A 70 0.17 4.72 -18.13
CA GLU A 70 -0.69 5.41 -19.08
C GLU A 70 -2.09 5.61 -18.51
N LEU A 71 -2.59 6.84 -18.58
CA LEU A 71 -3.92 7.16 -18.07
C LEU A 71 -4.91 6.08 -18.44
N ASP A 72 -4.61 5.33 -19.50
CA ASP A 72 -5.48 4.26 -19.96
C ASP A 72 -5.20 2.96 -19.19
N GLU A 73 -4.00 2.42 -19.38
CA GLU A 73 -3.60 1.19 -18.73
C GLU A 73 -3.81 1.29 -17.22
N THR A 74 -3.37 2.41 -16.64
CA THR A 74 -3.50 2.63 -15.20
C THR A 74 -4.77 1.99 -14.66
N LEU A 75 -5.82 1.98 -15.48
CA LEU A 75 -7.09 1.40 -15.08
C LEU A 75 -6.99 -0.12 -15.01
N SER A 76 -6.86 -0.76 -16.17
CA SER A 76 -6.75 -2.22 -16.24
C SER A 76 -5.63 -2.72 -15.34
N GLY A 77 -4.47 -2.07 -15.41
CA GLY A 77 -3.34 -2.48 -14.60
C GLY A 77 -3.49 -2.06 -13.15
N ARG A 78 -4.57 -2.52 -12.52
CA ARG A 78 -4.83 -2.19 -11.12
C ARG A 78 -4.42 -3.34 -10.21
N ASP A 79 -4.42 -4.55 -10.75
CA ASP A 79 -4.05 -5.74 -9.98
C ASP A 79 -2.54 -5.83 -9.86
N ILE A 80 -1.82 -5.27 -10.83
CA ILE A 80 -0.37 -5.29 -10.82
C ILE A 80 0.20 -4.25 -9.85
N ILE A 81 -0.24 -3.02 -10.00
CA ILE A 81 0.23 -1.93 -9.13
C ILE A 81 0.26 -2.37 -7.67
N ASN A 82 -0.84 -2.95 -7.20
CA ASN A 82 -0.93 -3.42 -5.83
C ASN A 82 -0.02 -4.61 -5.60
N ALA A 83 0.02 -5.52 -6.57
CA ALA A 83 0.85 -6.71 -6.48
C ALA A 83 2.29 -6.36 -6.12
N ARG A 84 2.92 -5.54 -6.95
CA ARG A 84 4.29 -5.12 -6.72
C ARG A 84 4.44 -4.48 -5.34
N LEU A 85 3.65 -3.45 -5.10
CA LEU A 85 3.69 -2.74 -3.81
C LEU A 85 3.66 -3.72 -2.64
N ARG A 86 2.57 -4.48 -2.55
CA ARG A 86 2.41 -5.46 -1.49
C ARG A 86 3.70 -6.25 -1.28
N GLU A 87 4.24 -6.78 -2.37
CA GLU A 87 5.47 -7.56 -2.31
C GLU A 87 6.58 -6.78 -1.61
N GLU A 88 6.54 -5.45 -1.74
CA GLU A 88 7.54 -4.59 -1.12
C GLU A 88 7.23 -4.38 0.37
N LEU A 89 6.06 -3.82 0.64
CA LEU A 89 5.64 -3.55 2.01
C LEU A 89 5.68 -4.83 2.85
N ASP A 90 5.43 -5.96 2.20
CA ASP A 90 5.44 -7.25 2.87
C ASP A 90 6.85 -7.61 3.34
N LYS A 91 7.82 -6.75 2.99
CA LYS A 91 9.20 -6.98 3.37
C LYS A 91 9.56 -6.18 4.62
N ILE A 92 9.13 -4.93 4.66
CA ILE A 92 9.41 -4.06 5.79
C ILE A 92 8.53 -4.42 6.98
N THR A 93 7.43 -5.13 6.71
CA THR A 93 6.52 -5.54 7.77
C THR A 93 6.88 -6.92 8.31
N ASP A 94 7.37 -7.78 7.44
CA ASP A 94 7.75 -9.14 7.83
C ASP A 94 8.66 -9.10 9.07
N ARG A 95 9.54 -8.11 9.12
CA ARG A 95 10.46 -7.97 10.24
C ARG A 95 9.71 -7.54 11.50
N TRP A 96 8.65 -6.76 11.32
CA TRP A 96 7.86 -6.28 12.44
C TRP A 96 6.75 -7.28 12.79
N GLY A 97 7.06 -8.56 12.63
CA GLY A 97 6.07 -9.60 12.94
C GLY A 97 4.73 -9.33 12.29
N VAL A 98 4.75 -8.55 11.21
CA VAL A 98 3.51 -8.21 10.49
C VAL A 98 3.64 -8.54 9.01
N LYS A 99 2.55 -9.01 8.42
CA LYS A 99 2.53 -9.36 7.00
C LYS A 99 1.30 -8.76 6.31
N ILE A 100 1.49 -8.30 5.08
CA ILE A 100 0.39 -7.71 4.31
C ILE A 100 -0.51 -8.79 3.74
N THR A 101 -1.61 -9.06 4.43
CA THR A 101 -2.57 -10.07 4.00
C THR A 101 -2.98 -9.85 2.54
N ARG A 102 -3.13 -8.59 2.15
CA ARG A 102 -3.50 -8.26 0.79
C ARG A 102 -3.40 -6.75 0.55
N VAL A 103 -3.72 -6.32 -0.67
CA VAL A 103 -3.66 -4.91 -1.02
C VAL A 103 -4.83 -4.52 -1.92
N GLU A 104 -5.46 -3.39 -1.61
CA GLU A 104 -6.59 -2.91 -2.38
C GLU A 104 -6.31 -1.52 -2.95
N ILE A 105 -6.72 -1.30 -4.19
CA ILE A 105 -6.51 -0.01 -4.86
C ILE A 105 -7.80 0.79 -4.92
N GLN A 106 -7.68 2.10 -4.73
CA GLN A 106 -8.85 2.98 -4.76
C GLN A 106 -8.97 3.67 -6.12
N ARG A 107 -10.15 4.20 -6.41
CA ARG A 107 -10.40 4.88 -7.67
C ARG A 107 -9.31 5.90 -7.96
N ILE A 108 -8.98 6.07 -9.23
CA ILE A 108 -7.95 7.02 -9.64
C ILE A 108 -8.58 8.34 -10.11
N ASP A 109 -7.80 9.41 -10.03
CA ASP A 109 -8.28 10.72 -10.45
C ASP A 109 -7.52 11.20 -11.68
N PRO A 110 -8.26 11.45 -12.78
CA PRO A 110 -7.67 11.92 -14.04
C PRO A 110 -7.15 13.35 -13.95
N PRO A 111 -6.42 13.78 -14.99
CA PRO A 111 -5.86 15.13 -15.04
C PRO A 111 -6.93 16.21 -15.22
N LYS A 112 -6.81 17.29 -14.46
CA LYS A 112 -7.76 18.39 -14.54
C LYS A 112 -7.19 19.56 -15.35
N ASP A 113 -8.03 20.56 -15.59
CA ASP A 113 -7.60 21.73 -16.35
C ASP A 113 -6.75 22.65 -15.48
N GLY A 1 -0.42 -7.42 25.02
CA GLY A 1 -1.03 -8.74 25.02
C GLY A 1 -2.34 -8.79 24.25
N SER A 2 -2.67 -9.96 23.71
CA SER A 2 -3.89 -10.12 22.95
C SER A 2 -4.63 -11.40 23.37
N ASP A 3 -5.85 -11.22 23.89
CA ASP A 3 -6.65 -12.36 24.32
C ASP A 3 -7.40 -12.98 23.16
N HIS A 4 -8.25 -12.19 22.51
CA HIS A 4 -9.03 -12.66 21.37
C HIS A 4 -8.14 -12.86 20.15
N VAL A 5 -8.19 -14.06 19.58
CA VAL A 5 -7.38 -14.38 18.41
C VAL A 5 -8.26 -14.59 17.18
N ASP A 6 -7.93 -13.89 16.10
CA ASP A 6 -8.68 -14.00 14.86
C ASP A 6 -7.82 -13.62 13.65
N LEU A 7 -8.39 -13.75 12.46
CA LEU A 7 -7.67 -13.41 11.24
C LEU A 7 -8.20 -12.12 10.62
N ARG A 8 -8.56 -11.17 11.49
CA ARG A 8 -9.09 -9.90 11.03
C ARG A 8 -8.02 -9.11 10.26
N GLU A 9 -8.43 -8.43 9.20
CA GLU A 9 -7.51 -7.65 8.38
C GLU A 9 -7.63 -6.17 8.71
N HIS A 10 -6.48 -5.49 8.78
CA HIS A 10 -6.45 -4.07 9.09
C HIS A 10 -6.07 -3.26 7.86
N VAL A 11 -6.91 -2.27 7.53
CA VAL A 11 -6.66 -1.41 6.37
C VAL A 11 -5.89 -0.16 6.77
N ILE A 12 -4.88 0.19 5.98
CA ILE A 12 -4.07 1.37 6.25
C ILE A 12 -4.52 2.55 5.39
N ASP A 13 -4.77 3.69 6.04
CA ASP A 13 -5.20 4.88 5.34
C ASP A 13 -4.00 5.66 4.78
N VAL A 14 -3.71 5.45 3.50
CA VAL A 14 -2.58 6.13 2.86
C VAL A 14 -3.06 7.28 1.99
N PRO A 15 -2.50 8.47 2.22
CA PRO A 15 -2.85 9.68 1.46
C PRO A 15 -2.37 9.61 0.02
N PRO A 16 -3.11 10.28 -0.87
CA PRO A 16 -2.78 10.32 -2.30
C PRO A 16 -1.52 11.14 -2.59
N GLN A 17 -0.78 10.74 -3.60
CA GLN A 17 0.45 11.45 -3.97
C GLN A 17 0.44 11.79 -5.46
N GLU A 18 0.47 13.09 -5.75
CA GLU A 18 0.47 13.55 -7.14
C GLU A 18 1.79 13.21 -7.84
N VAL A 19 1.71 12.38 -8.87
CA VAL A 19 2.90 11.97 -9.61
C VAL A 19 2.68 12.10 -11.11
N ILE A 20 3.74 12.43 -11.83
CA ILE A 20 3.67 12.59 -13.28
C ILE A 20 3.78 11.24 -13.99
N CYS A 21 2.67 10.79 -14.55
CA CYS A 21 2.63 9.51 -15.26
C CYS A 21 3.73 9.46 -16.32
N LYS A 22 3.73 8.38 -17.11
CA LYS A 22 4.72 8.21 -18.17
C LYS A 22 4.52 9.25 -19.28
N ASP A 23 3.27 9.45 -19.68
CA ASP A 23 2.95 10.41 -20.73
C ASP A 23 2.85 11.81 -20.15
N ASN A 24 3.70 12.12 -19.18
CA ASN A 24 3.69 13.44 -18.54
C ASN A 24 2.28 13.85 -18.17
N VAL A 25 1.57 12.98 -17.47
CA VAL A 25 0.20 13.26 -17.05
C VAL A 25 0.09 13.25 -15.53
N VAL A 26 -0.12 14.44 -14.95
CA VAL A 26 -0.25 14.57 -13.50
C VAL A 26 -1.63 14.15 -13.04
N VAL A 27 -1.69 13.07 -12.27
CA VAL A 27 -2.97 12.56 -11.76
C VAL A 27 -2.82 12.08 -10.31
N THR A 28 -3.84 12.33 -9.51
CA THR A 28 -3.83 11.93 -8.11
C THR A 28 -4.23 10.47 -7.96
N VAL A 29 -3.39 9.69 -7.28
CA VAL A 29 -3.64 8.27 -7.07
C VAL A 29 -3.73 7.95 -5.57
N ASP A 30 -4.35 6.82 -5.26
CA ASP A 30 -4.49 6.40 -3.88
C ASP A 30 -4.83 4.91 -3.79
N ALA A 31 -4.29 4.24 -2.77
CA ALA A 31 -4.54 2.81 -2.58
C ALA A 31 -4.47 2.44 -1.10
N VAL A 32 -5.17 1.37 -0.74
CA VAL A 32 -5.18 0.91 0.65
C VAL A 32 -4.26 -0.29 0.83
N VAL A 33 -3.95 -0.60 2.08
CA VAL A 33 -3.07 -1.72 2.40
C VAL A 33 -3.61 -2.52 3.59
N TYR A 34 -3.61 -3.83 3.46
CA TYR A 34 -4.09 -4.70 4.53
C TYR A 34 -2.94 -5.22 5.38
N TYR A 35 -3.25 -5.60 6.61
CA TYR A 35 -2.23 -6.11 7.53
C TYR A 35 -2.89 -6.80 8.73
N GLN A 36 -2.18 -7.78 9.29
CA GLN A 36 -2.69 -8.52 10.44
C GLN A 36 -1.55 -8.96 11.35
N VAL A 37 -1.46 -8.35 12.53
CA VAL A 37 -0.42 -8.68 13.49
C VAL A 37 -0.36 -10.18 13.74
N ILE A 38 0.53 -10.86 13.03
CA ILE A 38 0.69 -12.30 13.18
C ILE A 38 1.56 -12.64 14.39
N ASP A 39 2.16 -11.61 14.98
CA ASP A 39 3.01 -11.80 16.15
C ASP A 39 3.19 -10.49 16.90
N PRO A 40 2.59 -10.40 18.10
CA PRO A 40 2.67 -9.20 18.94
C PRO A 40 4.06 -9.00 19.52
N VAL A 41 4.63 -10.06 20.08
CA VAL A 41 5.96 -9.99 20.67
C VAL A 41 6.86 -9.04 19.90
N LYS A 42 6.75 -9.07 18.57
CA LYS A 42 7.54 -8.20 17.71
C LYS A 42 6.82 -6.88 17.45
N ALA A 43 5.51 -6.95 17.29
CA ALA A 43 4.71 -5.76 17.04
C ALA A 43 4.14 -5.19 18.34
N VAL A 44 5.01 -5.02 19.32
CA VAL A 44 4.59 -4.49 20.62
C VAL A 44 4.61 -2.96 20.62
N TYR A 45 4.81 -2.38 19.44
CA TYR A 45 4.85 -0.93 19.29
C TYR A 45 3.46 -0.38 18.98
N ASN A 46 2.44 -1.10 19.42
CA ASN A 46 1.06 -0.68 19.20
C ASN A 46 0.79 -0.49 17.70
N VAL A 47 1.44 -1.31 16.88
CA VAL A 47 1.26 -1.23 15.44
C VAL A 47 1.03 0.22 14.99
N SER A 48 1.79 1.14 15.58
CA SER A 48 1.68 2.55 15.23
C SER A 48 2.74 2.97 14.22
N ASP A 49 3.98 2.62 14.52
CA ASP A 49 5.09 2.94 13.64
C ASP A 49 4.87 2.36 12.24
N PHE A 50 4.45 1.11 12.19
CA PHE A 50 4.20 0.43 10.91
C PHE A 50 3.12 1.15 10.13
N LEU A 51 2.04 1.53 10.81
CA LEU A 51 0.93 2.22 10.17
C LEU A 51 1.41 3.45 9.42
N MET A 52 1.94 4.43 10.16
CA MET A 52 2.45 5.65 9.56
C MET A 52 3.61 5.35 8.61
N ALA A 53 4.54 4.51 9.06
CA ALA A 53 5.68 4.14 8.26
C ALA A 53 5.25 3.55 6.91
N ILE A 54 4.12 2.86 6.92
CA ILE A 54 3.61 2.24 5.70
C ILE A 54 3.09 3.30 4.72
N VAL A 55 2.10 4.08 5.16
CA VAL A 55 1.53 5.13 4.33
C VAL A 55 2.62 5.91 3.61
N LYS A 56 3.83 5.88 4.15
CA LYS A 56 4.96 6.58 3.56
C LYS A 56 5.76 5.65 2.64
N LEU A 57 6.06 4.46 3.14
CA LEU A 57 6.82 3.47 2.37
C LEU A 57 6.13 3.18 1.05
N ALA A 58 4.85 2.82 1.11
CA ALA A 58 4.07 2.50 -0.08
C ALA A 58 4.23 3.60 -1.13
N GLN A 59 4.12 4.85 -0.70
CA GLN A 59 4.24 5.99 -1.61
C GLN A 59 5.59 5.97 -2.32
N THR A 60 6.63 5.57 -1.59
CA THR A 60 7.97 5.51 -2.15
C THR A 60 8.10 4.38 -3.17
N ASN A 61 7.41 3.27 -2.91
CA ASN A 61 7.44 2.13 -3.80
C ASN A 61 6.50 2.32 -4.98
N LEU A 62 5.21 2.45 -4.69
CA LEU A 62 4.21 2.65 -5.74
C LEU A 62 4.66 3.73 -6.72
N ARG A 63 5.18 4.82 -6.19
CA ARG A 63 5.65 5.92 -7.02
C ARG A 63 6.52 5.42 -8.17
N ALA A 64 7.35 4.42 -7.87
CA ALA A 64 8.24 3.84 -8.88
C ALA A 64 7.44 3.23 -10.03
N ILE A 65 6.49 2.38 -9.69
CA ILE A 65 5.65 1.73 -10.69
C ILE A 65 4.53 2.66 -11.16
N ILE A 66 3.66 3.03 -10.24
CA ILE A 66 2.54 3.91 -10.55
C ILE A 66 3.02 5.16 -11.28
N GLY A 67 4.12 5.73 -10.80
CA GLY A 67 4.68 6.92 -11.42
C GLY A 67 4.73 6.83 -12.93
N GLU A 68 4.93 5.61 -13.43
CA GLU A 68 5.01 5.38 -14.87
C GLU A 68 3.86 4.49 -15.34
N MET A 69 2.96 5.06 -16.14
CA MET A 69 1.82 4.31 -16.66
C MET A 69 1.05 5.14 -17.69
N GLU A 70 -0.07 4.59 -18.15
CA GLU A 70 -0.89 5.28 -19.15
C GLU A 70 -2.27 5.62 -18.56
N LEU A 71 -2.61 6.90 -18.55
CA LEU A 71 -3.90 7.34 -18.03
C LEU A 71 -4.98 6.31 -18.31
N ASP A 72 -4.86 5.63 -19.45
CA ASP A 72 -5.84 4.62 -19.84
C ASP A 72 -5.52 3.28 -19.17
N GLU A 73 -4.27 2.85 -19.31
CA GLU A 73 -3.84 1.58 -18.72
C GLU A 73 -4.11 1.55 -17.22
N THR A 74 -3.69 2.62 -16.53
CA THR A 74 -3.89 2.72 -15.09
C THR A 74 -5.25 2.19 -14.67
N LEU A 75 -6.30 2.65 -15.35
CA LEU A 75 -7.66 2.21 -15.07
C LEU A 75 -7.73 0.68 -14.94
N SER A 76 -6.99 0.00 -15.79
CA SER A 76 -6.97 -1.46 -15.78
C SER A 76 -5.53 -1.98 -15.71
N GLY A 77 -4.98 -2.02 -14.50
CA GLY A 77 -3.61 -2.50 -14.32
C GLY A 77 -3.22 -2.57 -12.86
N ARG A 78 -4.20 -2.72 -11.98
CA ARG A 78 -3.95 -2.79 -10.55
C ARG A 78 -3.33 -4.13 -10.19
N ASP A 79 -3.75 -5.19 -10.88
CA ASP A 79 -3.23 -6.53 -10.63
C ASP A 79 -1.71 -6.51 -10.53
N ILE A 80 -1.09 -5.61 -11.28
CA ILE A 80 0.37 -5.49 -11.28
C ILE A 80 0.83 -4.43 -10.29
N ILE A 81 0.06 -3.36 -10.16
CA ILE A 81 0.39 -2.28 -9.25
C ILE A 81 0.45 -2.78 -7.81
N ASN A 82 -0.60 -3.48 -7.38
CA ASN A 82 -0.67 -4.02 -6.03
C ASN A 82 0.46 -5.02 -5.78
N ALA A 83 0.58 -6.00 -6.66
CA ALA A 83 1.63 -7.00 -6.54
C ALA A 83 2.94 -6.39 -6.07
N ARG A 84 3.35 -5.31 -6.72
CA ARG A 84 4.59 -4.62 -6.37
C ARG A 84 4.56 -4.16 -4.92
N LEU A 85 3.60 -3.30 -4.59
CA LEU A 85 3.46 -2.78 -3.24
C LEU A 85 3.36 -3.91 -2.23
N ARG A 86 2.33 -4.73 -2.35
CA ARG A 86 2.13 -5.85 -1.45
C ARG A 86 3.46 -6.48 -1.05
N GLU A 87 4.39 -6.52 -2.00
CA GLU A 87 5.70 -7.10 -1.76
C GLU A 87 6.62 -6.09 -1.06
N GLU A 88 6.78 -4.92 -1.67
CA GLU A 88 7.62 -3.88 -1.11
C GLU A 88 7.28 -3.62 0.36
N LEU A 89 6.09 -4.08 0.77
CA LEU A 89 5.64 -3.90 2.14
C LEU A 89 5.68 -5.21 2.90
N ASP A 90 5.29 -6.29 2.23
CA ASP A 90 5.29 -7.62 2.85
C ASP A 90 6.71 -8.06 3.19
N LYS A 91 7.69 -7.29 2.73
CA LYS A 91 9.09 -7.60 2.98
C LYS A 91 9.64 -6.74 4.12
N ILE A 92 8.94 -5.65 4.43
CA ILE A 92 9.36 -4.75 5.50
C ILE A 92 8.45 -4.88 6.71
N THR A 93 7.71 -5.99 6.77
CA THR A 93 6.80 -6.22 7.88
C THR A 93 7.15 -7.51 8.61
N ASP A 94 7.66 -8.49 7.86
CA ASP A 94 8.04 -9.77 8.43
C ASP A 94 8.98 -9.58 9.63
N ARG A 95 9.70 -8.46 9.64
CA ARG A 95 10.62 -8.16 10.73
C ARG A 95 9.89 -7.51 11.90
N TRP A 96 8.77 -6.86 11.61
CA TRP A 96 7.99 -6.20 12.65
C TRP A 96 6.90 -7.14 13.18
N GLY A 97 7.05 -8.43 12.93
CA GLY A 97 6.09 -9.41 13.38
C GLY A 97 4.73 -9.25 12.69
N VAL A 98 4.72 -8.51 11.59
CA VAL A 98 3.49 -8.28 10.84
C VAL A 98 3.66 -8.68 9.38
N LYS A 99 2.54 -9.00 8.73
CA LYS A 99 2.55 -9.40 7.33
C LYS A 99 1.42 -8.74 6.56
N ILE A 100 1.63 -8.53 5.27
CA ILE A 100 0.62 -7.92 4.42
C ILE A 100 -0.32 -8.96 3.82
N THR A 101 -1.48 -9.13 4.45
CA THR A 101 -2.47 -10.10 3.98
C THR A 101 -2.77 -9.90 2.50
N ARG A 102 -3.05 -8.66 2.11
CA ARG A 102 -3.35 -8.34 0.72
C ARG A 102 -3.30 -6.84 0.49
N VAL A 103 -3.63 -6.42 -0.73
CA VAL A 103 -3.60 -5.01 -1.09
C VAL A 103 -4.79 -4.65 -1.98
N GLU A 104 -5.27 -3.42 -1.84
CA GLU A 104 -6.40 -2.96 -2.65
C GLU A 104 -6.13 -1.57 -3.22
N ILE A 105 -6.57 -1.35 -4.46
CA ILE A 105 -6.37 -0.08 -5.13
C ILE A 105 -7.68 0.69 -5.25
N GLN A 106 -7.62 2.01 -5.08
CA GLN A 106 -8.80 2.85 -5.17
C GLN A 106 -8.86 3.57 -6.53
N ARG A 107 -10.04 4.05 -6.88
CA ARG A 107 -10.23 4.76 -8.15
C ARG A 107 -9.16 5.82 -8.34
N ILE A 108 -8.98 6.25 -9.58
CA ILE A 108 -7.98 7.27 -9.90
C ILE A 108 -8.66 8.55 -10.39
N ASP A 109 -7.95 9.67 -10.26
CA ASP A 109 -8.48 10.96 -10.69
C ASP A 109 -7.71 11.49 -11.91
N PRO A 110 -8.44 11.76 -12.99
CA PRO A 110 -7.86 12.26 -14.24
C PRO A 110 -7.34 13.69 -14.10
N PRO A 111 -6.52 14.12 -15.05
CA PRO A 111 -5.94 15.48 -15.06
C PRO A 111 -6.98 16.55 -15.35
N LYS A 112 -6.89 17.66 -14.64
CA LYS A 112 -7.83 18.77 -14.82
C LYS A 112 -7.41 19.66 -15.99
N ASP A 113 -8.38 20.32 -16.60
CA ASP A 113 -8.11 21.20 -17.73
C ASP A 113 -6.87 22.06 -17.46
#